data_6XGJ
# 
_entry.id   6XGJ 
# 
_audit_conform.dict_name       mmcif_pdbx.dic 
_audit_conform.dict_version    5.380 
_audit_conform.dict_location   http://mmcif.pdb.org/dictionaries/ascii/mmcif_pdbx.dic 
# 
loop_
_database_2.database_id 
_database_2.database_code 
_database_2.pdbx_database_accession 
_database_2.pdbx_DOI 
PDB   6XGJ         pdb_00006xgj 10.2210/pdb6xgj/pdb 
WWPDB D_1000249223 ?            ?                   
# 
_pdbx_database_status.status_code                     REL 
_pdbx_database_status.status_code_sf                  REL 
_pdbx_database_status.status_code_mr                  ? 
_pdbx_database_status.entry_id                        6XGJ 
_pdbx_database_status.recvd_initial_deposition_date   2020-06-17 
_pdbx_database_status.SG_entry                        N 
_pdbx_database_status.deposit_site                    RCSB 
_pdbx_database_status.process_site                    RCSB 
_pdbx_database_status.status_code_cs                  ? 
_pdbx_database_status.status_code_nmr_data            ? 
_pdbx_database_status.methods_development_category    ? 
_pdbx_database_status.pdb_format_compatible           Y 
# 
loop_
_audit_author.name 
_audit_author.pdbx_ordinal 
_audit_author.identifier_ORCID 
'Simmons, C.R.'      1 0000-0002-2290-6132 
'MacCulloch, T.'     2 0000-0001-5875-3361 
'Stephanopoulos, N.' 3 0000-0001-7859-410X 
'Yan, H.'            4 0000-0001-7397-9852 
# 
_citation.abstract                  ? 
_citation.abstract_id_CAS           ? 
_citation.book_id_ISBN              ? 
_citation.book_publisher            ? 
_citation.book_publisher_city       ? 
_citation.book_title                ? 
_citation.coordinate_linkage        ? 
_citation.country                   UK 
_citation.database_id_Medline       ? 
_citation.details                   ? 
_citation.id                        primary 
_citation.journal_abbrev            'Nat Commun' 
_citation.journal_id_ASTM           ? 
_citation.journal_id_CSD            ? 
_citation.journal_id_ISSN           2041-1723 
_citation.journal_full              ? 
_citation.journal_issue             ? 
_citation.journal_volume            13 
_citation.language                  ? 
_citation.page_first                3112 
_citation.page_last                 3112 
_citation.title                     'The influence of Holliday junction sequence and dynamics on DNA crystal self-assembly.' 
_citation.year                      2022 
_citation.database_id_CSD           ? 
_citation.pdbx_database_id_DOI      10.1038/s41467-022-30779-6 
_citation.pdbx_database_id_PubMed   35662248 
_citation.unpublished_flag          ? 
# 
loop_
_citation_author.citation_id 
_citation_author.name 
_citation_author.ordinal 
_citation_author.identifier_ORCID 
primary 'Simmons, C.R.'      1  ?                   
primary 'MacCulloch, T.'     2  ?                   
primary 'Krepl, M.'          3  0000-0002-9833-4281 
primary 'Matthies, M.'       4  ?                   
primary 'Buchberger, A.'     5  ?                   
primary 'Crawford, I.'       6  ?                   
primary 'Sponer, J.'         7  0000-0001-6558-6186 
primary 'Sulc, P.'           8  0000-0003-1565-6769 
primary 'Stephanopoulos, N.' 9  0000-0001-7859-410X 
primary 'Yan, H.'            10 0000-0001-7397-9852 
# 
_cell.angle_alpha                  90.000 
_cell.angle_alpha_esd              ? 
_cell.angle_beta                   90.000 
_cell.angle_beta_esd               ? 
_cell.angle_gamma                  120.000 
_cell.angle_gamma_esd              ? 
_cell.entry_id                     6XGJ 
_cell.details                      ? 
_cell.formula_units_Z              ? 
_cell.length_a                     68.988 
_cell.length_a_esd                 ? 
_cell.length_b                     68.988 
_cell.length_b_esd                 ? 
_cell.length_c                     60.793 
_cell.length_c_esd                 ? 
_cell.volume                       ? 
_cell.volume_esd                   ? 
_cell.Z_PDB                        3 
_cell.reciprocal_angle_alpha       ? 
_cell.reciprocal_angle_beta        ? 
_cell.reciprocal_angle_gamma       ? 
_cell.reciprocal_angle_alpha_esd   ? 
_cell.reciprocal_angle_beta_esd    ? 
_cell.reciprocal_angle_gamma_esd   ? 
_cell.reciprocal_length_a          ? 
_cell.reciprocal_length_b          ? 
_cell.reciprocal_length_c          ? 
_cell.reciprocal_length_a_esd      ? 
_cell.reciprocal_length_b_esd      ? 
_cell.reciprocal_length_c_esd      ? 
_cell.pdbx_unique_axis             ? 
# 
_symmetry.entry_id                         6XGJ 
_symmetry.cell_setting                     ? 
_symmetry.Int_Tables_number                145 
_symmetry.space_group_name_Hall            ? 
_symmetry.space_group_name_H-M             'P 32' 
_symmetry.pdbx_full_space_group_name_H-M   ? 
# 
loop_
_entity.id 
_entity.type 
_entity.src_method 
_entity.pdbx_description 
_entity.formula_weight 
_entity.pdbx_number_of_molecules 
_entity.pdbx_ec 
_entity.pdbx_mutation 
_entity.pdbx_fragment 
_entity.details 
1 polymer     syn 
;DNA (5'-D(*GP*AP*GP*CP*AP*GP*AP*CP*TP*AP*G)-3')
;
3407.249 1 ? ? ? ? 
2 polymer     syn 
;DNA (5'-D(P*AP*CP*AP*CP*CP*AP*CP*TP*CP*A)-3')
;
2957.972 1 ? ? ? ? 
3 polymer     syn 
;DNA (5'-D(P*CP*TP*TP*GP*T)-3')
;
1486.009 1 ? ? ? ? 
4 polymer     syn 
;DNA (5'-D(*TP*CP*TP*GP*AP*GP*TP*GP*GP*AP*GP*TP*CP*TP*GP*C)-3')
;
4945.200 1 ? ? ? ? 
5 non-polymer syn 'CACODYLATE ION'                                                 136.989  3 ? ? ? ? 
# 
loop_
_entity_poly.entity_id 
_entity_poly.type 
_entity_poly.nstd_linkage 
_entity_poly.nstd_monomer 
_entity_poly.pdbx_seq_one_letter_code 
_entity_poly.pdbx_seq_one_letter_code_can 
_entity_poly.pdbx_strand_id 
_entity_poly.pdbx_target_identifier 
1 polydeoxyribonucleotide no no '(DG)(DA)(DG)(DC)(DA)(DG)(DA)(DC)(DT)(DA)(DG)'                     GAGCAGACTAG      A ? 
2 polydeoxyribonucleotide no no '(DA)(DC)(DA)(DC)(DC)(DA)(DC)(DT)(DC)(DA)'                         ACACCACTCA       B ? 
3 polydeoxyribonucleotide no no '(DC)(DT)(DT)(DG)(DT)'                                             CTTGT            C ? 
4 polydeoxyribonucleotide no no '(DT)(DC)(DT)(DG)(DA)(DG)(DT)(DG)(DG)(DA)(DG)(DT)(DC)(DT)(DG)(DC)' TCTGAGTGGAGTCTGC D ? 
# 
loop_
_entity_poly_seq.entity_id 
_entity_poly_seq.num 
_entity_poly_seq.mon_id 
_entity_poly_seq.hetero 
1 1  DG n 
1 2  DA n 
1 3  DG n 
1 4  DC n 
1 5  DA n 
1 6  DG n 
1 7  DA n 
1 8  DC n 
1 9  DT n 
1 10 DA n 
1 11 DG n 
2 1  DA n 
2 2  DC n 
2 3  DA n 
2 4  DC n 
2 5  DC n 
2 6  DA n 
2 7  DC n 
2 8  DT n 
2 9  DC n 
2 10 DA n 
3 1  DC n 
3 2  DT n 
3 3  DT n 
3 4  DG n 
3 5  DT n 
4 1  DT n 
4 2  DC n 
4 3  DT n 
4 4  DG n 
4 5  DA n 
4 6  DG n 
4 7  DT n 
4 8  DG n 
4 9  DG n 
4 10 DA n 
4 11 DG n 
4 12 DT n 
4 13 DC n 
4 14 DT n 
4 15 DG n 
4 16 DC n 
# 
loop_
_pdbx_entity_src_syn.entity_id 
_pdbx_entity_src_syn.pdbx_src_id 
_pdbx_entity_src_syn.pdbx_alt_source_flag 
_pdbx_entity_src_syn.pdbx_beg_seq_num 
_pdbx_entity_src_syn.pdbx_end_seq_num 
_pdbx_entity_src_syn.organism_scientific 
_pdbx_entity_src_syn.organism_common_name 
_pdbx_entity_src_syn.ncbi_taxonomy_id 
_pdbx_entity_src_syn.details 
1 1 sample 1 11 'synthetic construct' ? 32630 ? 
2 1 sample 1 10 'synthetic construct' ? 32630 ? 
3 1 sample 1 5  'synthetic construct' ? 32630 ? 
4 1 sample 1 16 'synthetic construct' ? 32630 ? 
# 
loop_
_struct_ref.id 
_struct_ref.db_name 
_struct_ref.db_code 
_struct_ref.pdbx_db_accession 
_struct_ref.pdbx_db_isoform 
_struct_ref.entity_id 
_struct_ref.pdbx_seq_one_letter_code 
_struct_ref.pdbx_align_begin 
1 PDB 6XGJ 6XGJ ? 1 ? 1 
2 PDB 6XGJ 6XGJ ? 2 ? 1 
3 PDB 6XGJ 6XGJ ? 3 ? 1 
4 PDB 6XGJ 6XGJ ? 4 ? 1 
# 
loop_
_struct_ref_seq.align_id 
_struct_ref_seq.ref_id 
_struct_ref_seq.pdbx_PDB_id_code 
_struct_ref_seq.pdbx_strand_id 
_struct_ref_seq.seq_align_beg 
_struct_ref_seq.pdbx_seq_align_beg_ins_code 
_struct_ref_seq.seq_align_end 
_struct_ref_seq.pdbx_seq_align_end_ins_code 
_struct_ref_seq.pdbx_db_accession 
_struct_ref_seq.db_align_beg 
_struct_ref_seq.pdbx_db_align_beg_ins_code 
_struct_ref_seq.db_align_end 
_struct_ref_seq.pdbx_db_align_end_ins_code 
_struct_ref_seq.pdbx_auth_seq_align_beg 
_struct_ref_seq.pdbx_auth_seq_align_end 
1 1 6XGJ A 1 ? 11 ? 6XGJ 1  ? 11 ? 1  11 
2 2 6XGJ B 1 ? 10 ? 6XGJ 12 ? 21 ? 12 21 
3 3 6XGJ C 1 ? 5  ? 6XGJ 1  ? 5  ? 1  5  
4 4 6XGJ D 1 ? 16 ? 6XGJ 1  ? 16 ? 1  16 
# 
loop_
_chem_comp.id 
_chem_comp.type 
_chem_comp.mon_nstd_flag 
_chem_comp.name 
_chem_comp.pdbx_synonyms 
_chem_comp.formula 
_chem_comp.formula_weight 
CAC non-polymer   . 'CACODYLATE ION'                     dimethylarsinate 'C2 H6 As O2 -1'  136.989 
DA  'DNA linking' y "2'-DEOXYADENOSINE-5'-MONOPHOSPHATE" ?                'C10 H14 N5 O6 P' 331.222 
DC  'DNA linking' y "2'-DEOXYCYTIDINE-5'-MONOPHOSPHATE"  ?                'C9 H14 N3 O7 P'  307.197 
DG  'DNA linking' y "2'-DEOXYGUANOSINE-5'-MONOPHOSPHATE" ?                'C10 H14 N5 O7 P' 347.221 
DT  'DNA linking' y "THYMIDINE-5'-MONOPHOSPHATE"         ?                'C10 H15 N2 O8 P' 322.208 
# 
_exptl.absorpt_coefficient_mu     ? 
_exptl.absorpt_correction_T_max   ? 
_exptl.absorpt_correction_T_min   ? 
_exptl.absorpt_correction_type    ? 
_exptl.absorpt_process_details    ? 
_exptl.entry_id                   6XGJ 
_exptl.crystals_number            1 
_exptl.details                    ? 
_exptl.method                     'X-RAY DIFFRACTION' 
_exptl.method_details             ? 
# 
_exptl_crystal.colour                      ? 
_exptl_crystal.density_diffrn              ? 
_exptl_crystal.density_Matthews            6.53 
_exptl_crystal.density_method              ? 
_exptl_crystal.density_percent_sol         81.16 
_exptl_crystal.description                 ? 
_exptl_crystal.F_000                       ? 
_exptl_crystal.id                          1 
_exptl_crystal.preparation                 ? 
_exptl_crystal.size_max                    ? 
_exptl_crystal.size_mid                    ? 
_exptl_crystal.size_min                    ? 
_exptl_crystal.size_rad                    ? 
_exptl_crystal.colour_lustre               ? 
_exptl_crystal.colour_modifier             ? 
_exptl_crystal.colour_primary              ? 
_exptl_crystal.density_meas                ? 
_exptl_crystal.density_meas_esd            ? 
_exptl_crystal.density_meas_gt             ? 
_exptl_crystal.density_meas_lt             ? 
_exptl_crystal.density_meas_temp           ? 
_exptl_crystal.density_meas_temp_esd       ? 
_exptl_crystal.density_meas_temp_gt        ? 
_exptl_crystal.density_meas_temp_lt        ? 
_exptl_crystal.pdbx_crystal_image_url      ? 
_exptl_crystal.pdbx_crystal_image_format   ? 
_exptl_crystal.pdbx_mosaicity              ? 
_exptl_crystal.pdbx_mosaicity_esd          ? 
# 
_exptl_crystal_grow.apparatus       ? 
_exptl_crystal_grow.atmosphere      ? 
_exptl_crystal_grow.crystal_id      1 
_exptl_crystal_grow.details         ? 
_exptl_crystal_grow.method          'VAPOR DIFFUSION, SITTING DROP' 
_exptl_crystal_grow.method_ref      ? 
_exptl_crystal_grow.pH              ? 
_exptl_crystal_grow.pressure        ? 
_exptl_crystal_grow.pressure_esd    ? 
_exptl_crystal_grow.seeding         ? 
_exptl_crystal_grow.seeding_ref     ? 
_exptl_crystal_grow.temp            298 
_exptl_crystal_grow.temp_details    'temperature gradient generated from 60 to 25 C at 0.3 degrees per hour' 
_exptl_crystal_grow.temp_esd        ? 
_exptl_crystal_grow.time            ? 
_exptl_crystal_grow.pdbx_details    
;0.5 mL of 0.05 M Cacodylate pH 7.0 with 20 mM MgCl2, 1.0 mM spermine, 1.0 mM CoH18N6, and 15% Ethanol was added to the reservoir with 2 uL added to the drop containing 4 uL of DNA stock
;
_exptl_crystal_grow.pdbx_pH_range   ? 
# 
_diffrn.ambient_environment              ? 
_diffrn.ambient_temp                     100 
_diffrn.ambient_temp_details             ? 
_diffrn.ambient_temp_esd                 ? 
_diffrn.crystal_id                       1 
_diffrn.crystal_support                  ? 
_diffrn.crystal_treatment                ? 
_diffrn.details                          ? 
_diffrn.id                               1 
_diffrn.ambient_pressure                 ? 
_diffrn.ambient_pressure_esd             ? 
_diffrn.ambient_pressure_gt              ? 
_diffrn.ambient_pressure_lt              ? 
_diffrn.ambient_temp_gt                  ? 
_diffrn.ambient_temp_lt                  ? 
_diffrn.pdbx_serial_crystal_experiment   N 
# 
_diffrn_detector.details                      ? 
_diffrn_detector.detector                     PIXEL 
_diffrn_detector.diffrn_id                    1 
_diffrn_detector.type                         'DECTRIS PILATUS3 6M' 
_diffrn_detector.area_resol_mean              ? 
_diffrn_detector.dtime                        ? 
_diffrn_detector.pdbx_frames_total            ? 
_diffrn_detector.pdbx_collection_time_total   ? 
_diffrn_detector.pdbx_collection_date         2018-04-15 
_diffrn_detector.pdbx_frequency               ? 
# 
_diffrn_radiation.collimation                      ? 
_diffrn_radiation.diffrn_id                        1 
_diffrn_radiation.filter_edge                      ? 
_diffrn_radiation.inhomogeneity                    ? 
_diffrn_radiation.monochromator                    ? 
_diffrn_radiation.polarisn_norm                    ? 
_diffrn_radiation.polarisn_ratio                   ? 
_diffrn_radiation.probe                            ? 
_diffrn_radiation.type                             ? 
_diffrn_radiation.xray_symbol                      ? 
_diffrn_radiation.wavelength_id                    1 
_diffrn_radiation.pdbx_monochromatic_or_laue_m_l   M 
_diffrn_radiation.pdbx_wavelength_list             ? 
_diffrn_radiation.pdbx_wavelength                  ? 
_diffrn_radiation.pdbx_diffrn_protocol             'SINGLE WAVELENGTH' 
_diffrn_radiation.pdbx_analyzer                    ? 
_diffrn_radiation.pdbx_scattering_type             x-ray 
# 
_diffrn_radiation_wavelength.id           1 
_diffrn_radiation_wavelength.wavelength   0.92 
_diffrn_radiation_wavelength.wt           1.0 
# 
_diffrn_source.current                     ? 
_diffrn_source.details                     ? 
_diffrn_source.diffrn_id                   1 
_diffrn_source.power                       ? 
_diffrn_source.size                        ? 
_diffrn_source.source                      SYNCHROTRON 
_diffrn_source.target                      ? 
_diffrn_source.type                        'ALS BEAMLINE 5.0.2' 
_diffrn_source.voltage                     ? 
_diffrn_source.take-off_angle              ? 
_diffrn_source.pdbx_wavelength_list        0.92 
_diffrn_source.pdbx_wavelength             ? 
_diffrn_source.pdbx_synchrotron_beamline   5.0.2 
_diffrn_source.pdbx_synchrotron_site       ALS 
# 
_reflns.B_iso_Wilson_estimate            92.880 
_reflns.entry_id                         6XGJ 
_reflns.data_reduction_details           ? 
_reflns.data_reduction_method            ? 
_reflns.d_resolution_high                3.050 
_reflns.d_resolution_low                 50.000 
_reflns.details                          ? 
_reflns.limit_h_max                      ? 
_reflns.limit_h_min                      ? 
_reflns.limit_k_max                      ? 
_reflns.limit_k_min                      ? 
_reflns.limit_l_max                      ? 
_reflns.limit_l_min                      ? 
_reflns.number_all                       ? 
_reflns.number_obs                       5625 
_reflns.observed_criterion               ? 
_reflns.observed_criterion_F_max         ? 
_reflns.observed_criterion_F_min         ? 
_reflns.observed_criterion_I_max         ? 
_reflns.observed_criterion_I_min         ? 
_reflns.observed_criterion_sigma_F       ? 
_reflns.observed_criterion_sigma_I       ? 
_reflns.percent_possible_obs             93.400 
_reflns.R_free_details                   ? 
_reflns.Rmerge_F_all                     ? 
_reflns.Rmerge_F_obs                     ? 
_reflns.Friedel_coverage                 ? 
_reflns.number_gt                        ? 
_reflns.threshold_expression             ? 
_reflns.pdbx_redundancy                  9.200 
_reflns.pdbx_Rmerge_I_obs                0.070 
_reflns.pdbx_Rmerge_I_all                ? 
_reflns.pdbx_Rsym_value                  ? 
_reflns.pdbx_netI_over_av_sigmaI         ? 
_reflns.pdbx_netI_over_sigmaI            6.100 
_reflns.pdbx_res_netI_over_av_sigmaI_2   ? 
_reflns.pdbx_res_netI_over_sigmaI_2      ? 
_reflns.pdbx_chi_squared                 0.715 
_reflns.pdbx_scaling_rejects             ? 
_reflns.pdbx_d_res_high_opt              ? 
_reflns.pdbx_d_res_low_opt               ? 
_reflns.pdbx_d_res_opt_method            ? 
_reflns.phase_calculation_details        ? 
_reflns.pdbx_Rrim_I_all                  0.074 
_reflns.pdbx_Rpim_I_all                  0.023 
_reflns.pdbx_d_opt                       ? 
_reflns.pdbx_number_measured_all         ? 
_reflns.pdbx_diffrn_id                   1 
_reflns.pdbx_ordinal                     1 
_reflns.pdbx_CC_half                     1.0 
_reflns.pdbx_CC_star                     ? 
_reflns.pdbx_R_split                     ? 
# 
loop_
_reflns_shell.d_res_high 
_reflns_shell.d_res_low 
_reflns_shell.meanI_over_sigI_all 
_reflns_shell.meanI_over_sigI_obs 
_reflns_shell.number_measured_all 
_reflns_shell.number_measured_obs 
_reflns_shell.number_possible 
_reflns_shell.number_unique_all 
_reflns_shell.number_unique_obs 
_reflns_shell.percent_possible_all 
_reflns_shell.percent_possible_obs 
_reflns_shell.Rmerge_F_all 
_reflns_shell.Rmerge_F_obs 
_reflns_shell.Rmerge_I_all 
_reflns_shell.Rmerge_I_obs 
_reflns_shell.meanI_over_sigI_gt 
_reflns_shell.meanI_over_uI_all 
_reflns_shell.meanI_over_uI_gt 
_reflns_shell.number_measured_gt 
_reflns_shell.number_unique_gt 
_reflns_shell.percent_possible_gt 
_reflns_shell.Rmerge_F_gt 
_reflns_shell.Rmerge_I_gt 
_reflns_shell.pdbx_redundancy 
_reflns_shell.pdbx_Rsym_value 
_reflns_shell.pdbx_chi_squared 
_reflns_shell.pdbx_netI_over_sigmaI_all 
_reflns_shell.pdbx_netI_over_sigmaI_obs 
_reflns_shell.pdbx_Rrim_I_all 
_reflns_shell.pdbx_Rpim_I_all 
_reflns_shell.pdbx_rejects 
_reflns_shell.pdbx_ordinal 
_reflns_shell.pdbx_diffrn_id 
_reflns_shell.pdbx_CC_half 
_reflns_shell.pdbx_CC_star 
_reflns_shell.pdbx_R_split 
3.050 3.100  ? ? ? ? ? ? 220 72.800  ? ? ? ? 0.470 ? ? ? ? ? ? ? ? 6.300  ? 0.493 ? ? 0.504 0.177 ? 1  1 0.953 ? ? 
3.100 3.160  ? ? ? ? ? ? 217 72.100  ? ? ? ? 0.320 ? ? ? ? ? ? ? ? 6.200  ? 0.493 ? ? 0.345 0.122 ? 2  1 0.963 ? ? 
3.160 3.220  ? ? ? ? ? ? 241 84.300  ? ? ? ? 0.151 ? ? ? ? ? ? ? ? 7.000  ? 0.656 ? ? 0.160 0.054 ? 3  1 0.996 ? ? 
3.220 3.290  ? ? ? ? ? ? 249 81.900  ? ? ? ? 0.111 ? ? ? ? ? ? ? ? 7.400  ? 0.969 ? ? 0.117 0.036 ? 4  1 0.998 ? ? 
3.290 3.360  ? ? ? ? ? ? 282 88.100  ? ? ? ? 0.195 ? ? ? ? ? ? ? ? 7.700  ? 0.592 ? ? 0.207 0.067 ? 5  1 0.992 ? ? 
3.360 3.430  ? ? ? ? ? ? 266 92.000  ? ? ? ? 0.160 ? ? ? ? ? ? ? ? 8.000  ? 1.041 ? ? 0.170 0.056 ? 6  1 0.986 ? ? 
3.430 3.520  ? ? ? ? ? ? 271 91.200  ? ? ? ? 0.241 ? ? ? ? ? ? ? ? 8.200  ? 0.527 ? ? 0.255 0.083 ? 7  1 0.990 ? ? 
3.520 3.620  ? ? ? ? ? ? 290 95.100  ? ? ? ? 0.212 ? ? ? ? ? ? ? ? 8.700  ? 0.526 ? ? 0.225 0.072 ? 8  1 0.993 ? ? 
3.620 3.720  ? ? ? ? ? ? 274 92.900  ? ? ? ? 0.370 ? ? ? ? ? ? ? ? 8.600  ? 0.794 ? ? 0.394 0.131 ? 9  1 0.955 ? ? 
3.720 3.840  ? ? ? ? ? ? 301 98.400  ? ? ? ? 0.224 ? ? ? ? ? ? ? ? 9.000  ? 0.492 ? ? 0.237 0.078 ? 10 1 0.994 ? ? 
3.840 3.980  ? ? ? ? ? ? 309 100.000 ? ? ? ? 0.199 ? ? ? ? ? ? ? ? 9.400  ? 0.748 ? ? 0.210 0.067 ? 11 1 0.995 ? ? 
3.980 4.140  ? ? ? ? ? ? 291 100.000 ? ? ? ? 0.179 ? ? ? ? ? ? ? ? 10.400 ? 0.556 ? ? 0.189 0.058 ? 12 1 0.994 ? ? 
4.140 4.330  ? ? ? ? ? ? 315 100.000 ? ? ? ? 0.157 ? ? ? ? ? ? ? ? 10.600 ? 0.538 ? ? 0.165 0.051 ? 13 1 0.995 ? ? 
4.330 4.560  ? ? ? ? ? ? 310 100.000 ? ? ? ? 0.146 ? ? ? ? ? ? ? ? 10.600 ? 0.537 ? ? 0.153 0.047 ? 14 1 0.995 ? ? 
4.560 4.840  ? ? ? ? ? ? 282 100.000 ? ? ? ? 0.118 ? ? ? ? ? ? ? ? 10.500 ? 0.625 ? ? 0.124 0.038 ? 15 1 0.996 ? ? 
4.840 5.210  ? ? ? ? ? ? 293 100.000 ? ? ? ? 0.080 ? ? ? ? ? ? ? ? 10.200 ? 0.663 ? ? 0.084 0.026 ? 16 1 0.998 ? ? 
5.210 5.740  ? ? ? ? ? ? 309 100.000 ? ? ? ? 0.062 ? ? ? ? ? ? ? ? 10.800 ? 0.787 ? ? 0.065 0.020 ? 17 1 0.997 ? ? 
5.740 6.570  ? ? ? ? ? ? 304 100.000 ? ? ? ? 0.061 ? ? ? ? ? ? ? ? 10.800 ? 0.782 ? ? 0.064 0.019 ? 18 1 0.999 ? ? 
6.570 8.270  ? ? ? ? ? ? 305 100.000 ? ? ? ? 0.047 ? ? ? ? ? ? ? ? 10.200 ? 0.992 ? ? 0.049 0.015 ? 19 1 0.999 ? ? 
8.270 50.000 ? ? ? ? ? ? 296 99.300  ? ? ? ? 0.040 ? ? ? ? ? ? ? ? 10.400 ? 1.290 ? ? 0.042 0.014 ? 20 1 0.999 ? ? 
# 
_refine.aniso_B[1][1]                            ? 
_refine.aniso_B[1][2]                            ? 
_refine.aniso_B[1][3]                            ? 
_refine.aniso_B[2][2]                            ? 
_refine.aniso_B[2][3]                            ? 
_refine.aniso_B[3][3]                            ? 
_refine.B_iso_max                                218.130 
_refine.B_iso_mean                               110.9647 
_refine.B_iso_min                                42.840 
_refine.correlation_coeff_Fo_to_Fc               ? 
_refine.correlation_coeff_Fo_to_Fc_free          ? 
_refine.details                                  ? 
_refine.diff_density_max                         ? 
_refine.diff_density_max_esd                     ? 
_refine.diff_density_min                         ? 
_refine.diff_density_min_esd                     ? 
_refine.diff_density_rms                         ? 
_refine.diff_density_rms_esd                     ? 
_refine.entry_id                                 6XGJ 
_refine.pdbx_refine_id                           'X-RAY DIFFRACTION' 
_refine.ls_abs_structure_details                 ? 
_refine.ls_abs_structure_Flack                   ? 
_refine.ls_abs_structure_Flack_esd               ? 
_refine.ls_abs_structure_Rogers                  ? 
_refine.ls_abs_structure_Rogers_esd              ? 
_refine.ls_d_res_high                            3.0710 
_refine.ls_d_res_low                             34.4940 
_refine.ls_extinction_coef                       ? 
_refine.ls_extinction_coef_esd                   ? 
_refine.ls_extinction_expression                 ? 
_refine.ls_extinction_method                     ? 
_refine.ls_goodness_of_fit_all                   ? 
_refine.ls_goodness_of_fit_all_esd               ? 
_refine.ls_goodness_of_fit_obs                   ? 
_refine.ls_goodness_of_fit_obs_esd               ? 
_refine.ls_hydrogen_treatment                    ? 
_refine.ls_matrix_type                           ? 
_refine.ls_number_constraints                    ? 
_refine.ls_number_parameters                     ? 
_refine.ls_number_reflns_all                     ? 
_refine.ls_number_reflns_obs                     5497 
_refine.ls_number_reflns_R_free                  263 
_refine.ls_number_reflns_R_work                  5234 
_refine.ls_number_restraints                     ? 
_refine.ls_percent_reflns_obs                    91.0600 
_refine.ls_percent_reflns_R_free                 4.7800 
_refine.ls_R_factor_all                          ? 
_refine.ls_R_factor_obs                          0.2259 
_refine.ls_R_factor_R_free                       0.2531 
_refine.ls_R_factor_R_free_error                 ? 
_refine.ls_R_factor_R_free_error_details         ? 
_refine.ls_R_factor_R_work                       0.2244 
_refine.ls_R_Fsqd_factor_obs                     ? 
_refine.ls_R_I_factor_obs                        ? 
_refine.ls_redundancy_reflns_all                 ? 
_refine.ls_redundancy_reflns_obs                 ? 
_refine.ls_restrained_S_all                      ? 
_refine.ls_restrained_S_obs                      ? 
_refine.ls_shift_over_esd_max                    ? 
_refine.ls_shift_over_esd_mean                   ? 
_refine.ls_structure_factor_coef                 ? 
_refine.ls_weighting_details                     ? 
_refine.ls_weighting_scheme                      ? 
_refine.ls_wR_factor_all                         ? 
_refine.ls_wR_factor_obs                         ? 
_refine.ls_wR_factor_R_free                      ? 
_refine.ls_wR_factor_R_work                      ? 
_refine.occupancy_max                            ? 
_refine.occupancy_min                            ? 
_refine.solvent_model_details                    'FLAT BULK SOLVENT MODEL' 
_refine.solvent_model_param_bsol                 ? 
_refine.solvent_model_param_ksol                 ? 
_refine.pdbx_R_complete                          ? 
_refine.ls_R_factor_gt                           ? 
_refine.ls_goodness_of_fit_gt                    ? 
_refine.ls_goodness_of_fit_ref                   ? 
_refine.ls_shift_over_su_max                     ? 
_refine.ls_shift_over_su_max_lt                  ? 
_refine.ls_shift_over_su_mean                    ? 
_refine.ls_shift_over_su_mean_lt                 ? 
_refine.pdbx_ls_sigma_I                          ? 
_refine.pdbx_ls_sigma_F                          1.990 
_refine.pdbx_ls_sigma_Fsqd                       ? 
_refine.pdbx_data_cutoff_high_absF               ? 
_refine.pdbx_data_cutoff_high_rms_absF           ? 
_refine.pdbx_data_cutoff_low_absF                ? 
_refine.pdbx_isotropic_thermal_model             ? 
_refine.pdbx_ls_cross_valid_method               THROUGHOUT 
_refine.pdbx_method_to_determine_struct          'MOLECULAR REPLACEMENT' 
_refine.pdbx_starting_model                      6x8c 
_refine.pdbx_stereochemistry_target_values       ML 
_refine.pdbx_R_Free_selection_details            ? 
_refine.pdbx_stereochem_target_val_spec_case     ? 
_refine.pdbx_overall_ESU_R                       ? 
_refine.pdbx_overall_ESU_R_Free                  ? 
_refine.pdbx_solvent_vdw_probe_radii             1.1100 
_refine.pdbx_solvent_ion_probe_radii             ? 
_refine.pdbx_solvent_shrinkage_radii             0.9000 
_refine.pdbx_real_space_R                        ? 
_refine.pdbx_density_correlation                 ? 
_refine.pdbx_pd_number_of_powder_patterns        ? 
_refine.pdbx_pd_number_of_points                 ? 
_refine.pdbx_pd_meas_number_of_points            ? 
_refine.pdbx_pd_proc_ls_prof_R_factor            ? 
_refine.pdbx_pd_proc_ls_prof_wR_factor           ? 
_refine.pdbx_pd_Marquardt_correlation_coeff      ? 
_refine.pdbx_pd_Fsqrd_R_factor                   ? 
_refine.pdbx_pd_ls_matrix_band_width             ? 
_refine.pdbx_overall_phase_error                 32.0700 
_refine.pdbx_overall_SU_R_free_Cruickshank_DPI   ? 
_refine.pdbx_overall_SU_R_free_Blow_DPI          ? 
_refine.pdbx_overall_SU_R_Blow_DPI               ? 
_refine.pdbx_TLS_residual_ADP_flag               ? 
_refine.pdbx_diffrn_id                           1 
_refine.overall_SU_B                             ? 
_refine.overall_SU_ML                            0.4300 
_refine.overall_SU_R_Cruickshank_DPI             ? 
_refine.overall_SU_R_free                        ? 
_refine.overall_FOM_free_R_set                   ? 
_refine.overall_FOM_work_R_set                   ? 
_refine.pdbx_average_fsc_overall                 ? 
_refine.pdbx_average_fsc_work                    ? 
_refine.pdbx_average_fsc_free                    ? 
# 
_refine_hist.pdbx_refine_id                   'X-RAY DIFFRACTION' 
_refine_hist.cycle_id                         final 
_refine_hist.details                          ? 
_refine_hist.d_res_high                       3.0710 
_refine_hist.d_res_low                        34.4940 
_refine_hist.number_atoms_solvent             0 
_refine_hist.number_atoms_total               858 
_refine_hist.number_reflns_all                ? 
_refine_hist.number_reflns_obs                ? 
_refine_hist.number_reflns_R_free             ? 
_refine_hist.number_reflns_R_work             ? 
_refine_hist.R_factor_all                     ? 
_refine_hist.R_factor_obs                     ? 
_refine_hist.R_factor_R_free                  ? 
_refine_hist.R_factor_R_work                  ? 
_refine_hist.pdbx_number_residues_total       42 
_refine_hist.pdbx_B_iso_mean_ligand           166.97 
_refine_hist.pdbx_B_iso_mean_solvent          ? 
_refine_hist.pdbx_number_atoms_protein        0 
_refine_hist.pdbx_number_atoms_nucleic_acid   855 
_refine_hist.pdbx_number_atoms_ligand         3 
_refine_hist.pdbx_number_atoms_lipid          ? 
_refine_hist.pdbx_number_atoms_carb           ? 
_refine_hist.pdbx_pseudo_atom_details         ? 
# 
loop_
_refine_ls_restr.pdbx_refine_id 
_refine_ls_restr.criterion 
_refine_ls_restr.dev_ideal 
_refine_ls_restr.dev_ideal_target 
_refine_ls_restr.number 
_refine_ls_restr.rejects 
_refine_ls_restr.type 
_refine_ls_restr.weight 
_refine_ls_restr.pdbx_restraint_function 
'X-RAY DIFFRACTION' ? 0.008  ? 956  ? f_bond_d           ? ? 
'X-RAY DIFFRACTION' ? 0.894  ? 1467 ? f_angle_d          ? ? 
'X-RAY DIFFRACTION' ? 0.047  ? 166  ? f_chiral_restr     ? ? 
'X-RAY DIFFRACTION' ? 0.004  ? 42   ? f_plane_restr      ? ? 
'X-RAY DIFFRACTION' ? 35.912 ? 406  ? f_dihedral_angle_d ? ? 
# 
loop_
_refine_ls_shell.pdbx_refine_id 
_refine_ls_shell.d_res_high 
_refine_ls_shell.d_res_low 
_refine_ls_shell.number_reflns_all 
_refine_ls_shell.number_reflns_obs 
_refine_ls_shell.number_reflns_R_free 
_refine_ls_shell.number_reflns_R_work 
_refine_ls_shell.percent_reflns_obs 
_refine_ls_shell.percent_reflns_R_free 
_refine_ls_shell.R_factor_all 
_refine_ls_shell.R_factor_obs 
_refine_ls_shell.R_factor_R_free 
_refine_ls_shell.R_factor_R_free_error 
_refine_ls_shell.R_factor_R_work 
_refine_ls_shell.redundancy_reflns_all 
_refine_ls_shell.redundancy_reflns_obs 
_refine_ls_shell.wR_factor_all 
_refine_ls_shell.wR_factor_obs 
_refine_ls_shell.wR_factor_R_free 
_refine_ls_shell.wR_factor_R_work 
_refine_ls_shell.pdbx_R_complete 
_refine_ls_shell.pdbx_total_number_of_bins_used 
_refine_ls_shell.pdbx_phase_error 
_refine_ls_shell.pdbx_fsc_work 
_refine_ls_shell.pdbx_fsc_free 
'X-RAY DIFFRACTION' 3.0711 3.8685 . . 116 2369 83.0000  . . . 0.4788 0.0000 0.3763 . . . . . . . . . . . 
'X-RAY DIFFRACTION' 3.8685 34.494 . . 147 2865 100.0000 . . . 0.1935 0.0000 0.1816 . . . . . . . . . . . 
# 
_struct.entry_id                     6XGJ 
_struct.title                        
'Self-assembly of a 3D DNA crystal lattice (4x5 junction version) containing the J32 immobile Holliday junction' 
_struct.pdbx_model_details           ? 
_struct.pdbx_formula_weight          ? 
_struct.pdbx_formula_weight_method   ? 
_struct.pdbx_model_type_details      ? 
_struct.pdbx_CASP_flag               N 
# 
_struct_keywords.entry_id        6XGJ 
_struct_keywords.text            
'Structural DNA nanotechnology, immobile Holliday junctions, 3D DNA self-assembly, designer DNA crystals, DNA' 
_struct_keywords.pdbx_keywords   DNA 
# 
loop_
_struct_asym.id 
_struct_asym.pdbx_blank_PDB_chainid_flag 
_struct_asym.pdbx_modified 
_struct_asym.entity_id 
_struct_asym.details 
A N N 1 ? 
B N N 2 ? 
C N N 3 ? 
D N N 4 ? 
E N N 5 ? 
F N N 5 ? 
G N N 5 ? 
# 
loop_
_struct_conn.id 
_struct_conn.conn_type_id 
_struct_conn.pdbx_leaving_atom_flag 
_struct_conn.pdbx_PDB_id 
_struct_conn.ptnr1_label_asym_id 
_struct_conn.ptnr1_label_comp_id 
_struct_conn.ptnr1_label_seq_id 
_struct_conn.ptnr1_label_atom_id 
_struct_conn.pdbx_ptnr1_label_alt_id 
_struct_conn.pdbx_ptnr1_PDB_ins_code 
_struct_conn.pdbx_ptnr1_standard_comp_id 
_struct_conn.ptnr1_symmetry 
_struct_conn.ptnr2_label_asym_id 
_struct_conn.ptnr2_label_comp_id 
_struct_conn.ptnr2_label_seq_id 
_struct_conn.ptnr2_label_atom_id 
_struct_conn.pdbx_ptnr2_label_alt_id 
_struct_conn.pdbx_ptnr2_PDB_ins_code 
_struct_conn.ptnr1_auth_asym_id 
_struct_conn.ptnr1_auth_comp_id 
_struct_conn.ptnr1_auth_seq_id 
_struct_conn.ptnr2_auth_asym_id 
_struct_conn.ptnr2_auth_comp_id 
_struct_conn.ptnr2_auth_seq_id 
_struct_conn.ptnr2_symmetry 
_struct_conn.pdbx_ptnr3_label_atom_id 
_struct_conn.pdbx_ptnr3_label_seq_id 
_struct_conn.pdbx_ptnr3_label_comp_id 
_struct_conn.pdbx_ptnr3_label_asym_id 
_struct_conn.pdbx_ptnr3_label_alt_id 
_struct_conn.pdbx_ptnr3_PDB_ins_code 
_struct_conn.details 
_struct_conn.pdbx_dist_value 
_struct_conn.pdbx_value_order 
_struct_conn.pdbx_role 
hydrog1  hydrog ? ? A DG 3  N1 ? ? ? 1_555 D DC 16 N3 ? ? A DG 3  D DC 16 1_555 ? ? ? ? ? ? WATSON-CRICK ? ? ? 
hydrog2  hydrog ? ? A DG 3  N2 ? ? ? 1_555 D DC 16 O2 ? ? A DG 3  D DC 16 1_555 ? ? ? ? ? ? WATSON-CRICK ? ? ? 
hydrog3  hydrog ? ? A DG 3  O6 ? ? ? 1_555 D DC 16 N4 ? ? A DG 3  D DC 16 1_555 ? ? ? ? ? ? WATSON-CRICK ? ? ? 
hydrog4  hydrog ? ? A DC 4  N3 ? ? ? 1_555 D DG 15 N1 ? ? A DC 4  D DG 15 1_555 ? ? ? ? ? ? WATSON-CRICK ? ? ? 
hydrog5  hydrog ? ? A DC 4  N4 ? ? ? 1_555 D DG 15 O6 ? ? A DC 4  D DG 15 1_555 ? ? ? ? ? ? WATSON-CRICK ? ? ? 
hydrog6  hydrog ? ? A DC 4  O2 ? ? ? 1_555 D DG 15 N2 ? ? A DC 4  D DG 15 1_555 ? ? ? ? ? ? WATSON-CRICK ? ? ? 
hydrog7  hydrog ? ? A DA 5  N1 ? ? ? 1_555 D DT 14 N3 ? ? A DA 5  D DT 14 1_555 ? ? ? ? ? ? WATSON-CRICK ? ? ? 
hydrog8  hydrog ? ? A DA 5  N6 ? ? ? 1_555 D DT 14 O4 ? ? A DA 5  D DT 14 1_555 ? ? ? ? ? ? WATSON-CRICK ? ? ? 
hydrog9  hydrog ? ? A DG 6  N1 ? ? ? 1_555 D DC 13 N3 ? ? A DG 6  D DC 13 1_555 ? ? ? ? ? ? WATSON-CRICK ? ? ? 
hydrog10 hydrog ? ? A DG 6  N2 ? ? ? 1_555 D DC 13 O2 ? ? A DG 6  D DC 13 1_555 ? ? ? ? ? ? WATSON-CRICK ? ? ? 
hydrog11 hydrog ? ? A DG 6  O6 ? ? ? 1_555 D DC 13 N4 ? ? A DG 6  D DC 13 1_555 ? ? ? ? ? ? WATSON-CRICK ? ? ? 
hydrog12 hydrog ? ? A DA 7  N1 ? ? ? 1_555 D DT 12 N3 ? ? A DA 7  D DT 12 1_555 ? ? ? ? ? ? WATSON-CRICK ? ? ? 
hydrog13 hydrog ? ? A DA 7  N6 ? ? ? 1_555 D DT 12 O4 ? ? A DA 7  D DT 12 1_555 ? ? ? ? ? ? WATSON-CRICK ? ? ? 
hydrog14 hydrog ? ? A DC 8  N3 ? ? ? 1_555 D DG 11 N1 ? ? A DC 8  D DG 11 1_555 ? ? ? ? ? ? WATSON-CRICK ? ? ? 
hydrog15 hydrog ? ? A DC 8  N4 ? ? ? 1_555 D DG 11 O6 ? ? A DC 8  D DG 11 1_555 ? ? ? ? ? ? WATSON-CRICK ? ? ? 
hydrog16 hydrog ? ? A DC 8  O2 ? ? ? 1_555 D DG 11 N2 ? ? A DC 8  D DG 11 1_555 ? ? ? ? ? ? WATSON-CRICK ? ? ? 
hydrog17 hydrog ? ? A DT 9  N3 ? ? ? 1_555 D DA 10 N1 ? ? A DT 9  D DA 10 1_555 ? ? ? ? ? ? WATSON-CRICK ? ? ? 
hydrog18 hydrog ? ? A DT 9  O4 ? ? ? 1_555 D DA 10 N6 ? ? A DT 9  D DA 10 1_555 ? ? ? ? ? ? WATSON-CRICK ? ? ? 
hydrog19 hydrog ? ? A DA 10 N1 ? ? ? 1_555 C DT 2  N3 ? ? A DA 10 C DT 2  1_555 ? ? ? ? ? ? WATSON-CRICK ? ? ? 
hydrog20 hydrog ? ? A DA 10 N6 ? ? ? 1_555 C DT 2  O4 ? ? A DA 10 C DT 2  1_555 ? ? ? ? ? ? WATSON-CRICK ? ? ? 
hydrog21 hydrog ? ? A DG 11 N1 ? ? ? 1_555 C DC 1  N3 ? ? A DG 11 C DC 1  1_555 ? ? ? ? ? ? WATSON-CRICK ? ? ? 
hydrog22 hydrog ? ? A DG 11 N2 ? ? ? 1_555 C DC 1  O2 ? ? A DG 11 C DC 1  1_555 ? ? ? ? ? ? WATSON-CRICK ? ? ? 
hydrog23 hydrog ? ? A DG 11 O6 ? ? ? 1_555 C DC 1  N4 ? ? A DG 11 C DC 1  1_555 ? ? ? ? ? ? WATSON-CRICK ? ? ? 
hydrog24 hydrog ? ? B DA 1  N1 ? ? ? 1_555 C DT 5  N3 ? ? B DA 12 C DT 5  1_555 ? ? ? ? ? ? WATSON-CRICK ? ? ? 
hydrog25 hydrog ? ? B DA 1  N6 ? ? ? 1_555 C DT 5  O4 ? ? B DA 12 C DT 5  1_555 ? ? ? ? ? ? WATSON-CRICK ? ? ? 
hydrog26 hydrog ? ? B DC 2  N3 ? ? ? 1_555 C DG 4  N1 ? ? B DC 13 C DG 4  1_555 ? ? ? ? ? ? WATSON-CRICK ? ? ? 
hydrog27 hydrog ? ? B DC 2  N4 ? ? ? 1_555 C DG 4  O6 ? ? B DC 13 C DG 4  1_555 ? ? ? ? ? ? WATSON-CRICK ? ? ? 
hydrog28 hydrog ? ? B DC 2  O2 ? ? ? 1_555 C DG 4  N2 ? ? B DC 13 C DG 4  1_555 ? ? ? ? ? ? WATSON-CRICK ? ? ? 
hydrog29 hydrog ? ? B DA 3  N1 ? ? ? 1_555 C DT 3  N3 ? ? B DA 14 C DT 3  1_555 ? ? ? ? ? ? WATSON-CRICK ? ? ? 
hydrog30 hydrog ? ? B DA 3  N6 ? ? ? 1_555 C DT 3  O4 ? ? B DA 14 C DT 3  1_555 ? ? ? ? ? ? WATSON-CRICK ? ? ? 
hydrog31 hydrog ? ? B DC 4  N3 ? ? ? 1_555 D DG 9  N1 ? ? B DC 15 D DG 9  1_555 ? ? ? ? ? ? WATSON-CRICK ? ? ? 
hydrog32 hydrog ? ? B DC 4  N4 ? ? ? 1_555 D DG 9  O6 ? ? B DC 15 D DG 9  1_555 ? ? ? ? ? ? WATSON-CRICK ? ? ? 
hydrog33 hydrog ? ? B DC 4  O2 ? ? ? 1_555 D DG 9  N2 ? ? B DC 15 D DG 9  1_555 ? ? ? ? ? ? WATSON-CRICK ? ? ? 
hydrog34 hydrog ? ? B DC 5  N3 ? ? ? 1_555 D DG 8  N1 ? ? B DC 16 D DG 8  1_555 ? ? ? ? ? ? WATSON-CRICK ? ? ? 
hydrog35 hydrog ? ? B DC 5  N4 ? ? ? 1_555 D DG 8  O6 ? ? B DC 16 D DG 8  1_555 ? ? ? ? ? ? WATSON-CRICK ? ? ? 
hydrog36 hydrog ? ? B DC 5  O2 ? ? ? 1_555 D DG 8  N2 ? ? B DC 16 D DG 8  1_555 ? ? ? ? ? ? WATSON-CRICK ? ? ? 
hydrog37 hydrog ? ? B DA 6  N1 ? ? ? 1_555 D DG 6  N1 ? ? B DA 17 D DG 6  1_555 ? ? ? ? ? ? TYPE_8_PAIR  ? ? ? 
hydrog38 hydrog ? ? B DA 6  N6 ? ? ? 1_555 D DG 6  O6 ? ? B DA 17 D DG 6  1_555 ? ? ? ? ? ? TYPE_8_PAIR  ? ? ? 
hydrog39 hydrog ? ? B DA 6  N1 ? ? ? 1_555 D DT 7  N3 ? ? B DA 17 D DT 7  1_555 ? ? ? ? ? ? WATSON-CRICK ? ? ? 
hydrog40 hydrog ? ? B DA 6  N6 ? ? ? 1_555 D DT 7  O4 ? ? B DA 17 D DT 7  1_555 ? ? ? ? ? ? WATSON-CRICK ? ? ? 
hydrog41 hydrog ? ? B DC 7  N3 ? ? ? 1_555 D DG 6  N1 ? ? B DC 18 D DG 6  1_555 ? ? ? ? ? ? WATSON-CRICK ? ? ? 
hydrog42 hydrog ? ? B DC 7  N4 ? ? ? 1_555 D DG 6  O6 ? ? B DC 18 D DG 6  1_555 ? ? ? ? ? ? WATSON-CRICK ? ? ? 
hydrog43 hydrog ? ? B DC 7  O2 ? ? ? 1_555 D DG 6  N2 ? ? B DC 18 D DG 6  1_555 ? ? ? ? ? ? WATSON-CRICK ? ? ? 
hydrog44 hydrog ? ? B DT 8  N3 ? ? ? 1_555 D DA 5  N1 ? ? B DT 19 D DA 5  1_555 ? ? ? ? ? ? WATSON-CRICK ? ? ? 
hydrog45 hydrog ? ? B DT 8  O4 ? ? ? 1_555 D DA 5  N6 ? ? B DT 19 D DA 5  1_555 ? ? ? ? ? ? WATSON-CRICK ? ? ? 
hydrog46 hydrog ? ? B DC 9  N3 ? ? ? 1_555 D DG 4  N1 ? ? B DC 20 D DG 4  1_555 ? ? ? ? ? ? WATSON-CRICK ? ? ? 
hydrog47 hydrog ? ? B DC 9  N4 ? ? ? 1_555 D DG 4  O6 ? ? B DC 20 D DG 4  1_555 ? ? ? ? ? ? WATSON-CRICK ? ? ? 
hydrog48 hydrog ? ? B DC 9  O2 ? ? ? 1_555 D DG 4  N2 ? ? B DC 20 D DG 4  1_555 ? ? ? ? ? ? WATSON-CRICK ? ? ? 
hydrog49 hydrog ? ? B DA 10 N1 ? ? ? 1_555 D DT 3  N3 ? ? B DA 21 D DT 3  1_555 ? ? ? ? ? ? WATSON-CRICK ? ? ? 
hydrog50 hydrog ? ? B DA 10 N6 ? ? ? 1_555 D DT 3  O4 ? ? B DA 21 D DT 3  1_555 ? ? ? ? ? ? WATSON-CRICK ? ? ? 
# 
_struct_conn_type.id          hydrog 
_struct_conn_type.criteria    ? 
_struct_conn_type.reference   ? 
# 
_atom_sites.entry_id                    6XGJ 
_atom_sites.Cartn_transf_matrix[1][1]   ? 
_atom_sites.Cartn_transf_matrix[1][2]   ? 
_atom_sites.Cartn_transf_matrix[1][3]   ? 
_atom_sites.Cartn_transf_matrix[2][1]   ? 
_atom_sites.Cartn_transf_matrix[2][2]   ? 
_atom_sites.Cartn_transf_matrix[2][3]   ? 
_atom_sites.Cartn_transf_matrix[3][1]   ? 
_atom_sites.Cartn_transf_matrix[3][2]   ? 
_atom_sites.Cartn_transf_matrix[3][3]   ? 
_atom_sites.Cartn_transf_vector[1]      ? 
_atom_sites.Cartn_transf_vector[2]      ? 
_atom_sites.Cartn_transf_vector[3]      ? 
_atom_sites.fract_transf_matrix[1][1]   -0.01521823 
_atom_sites.fract_transf_matrix[1][2]   -0.00087705 
_atom_sites.fract_transf_matrix[1][3]   -0.00691241 
_atom_sites.fract_transf_matrix[2][1]   -0.00170329 
_atom_sites.fract_transf_matrix[2][2]   0.00088595 
_atom_sites.fract_transf_matrix[2][3]   -0.01662752 
_atom_sites.fract_transf_matrix[3][1]   0.00140392 
_atom_sites.fract_transf_matrix[3][2]   -0.01635749 
_atom_sites.fract_transf_matrix[3][3]   -0.00101538 
_atom_sites.fract_transf_vector[1]      -0.153606 
_atom_sites.fract_transf_vector[2]      -0.285573 
_atom_sites.fract_transf_vector[3]      -0.069908 
_atom_sites.solution_primary            ? 
_atom_sites.solution_secondary          ? 
_atom_sites.solution_hydrogens          ? 
_atom_sites.special_details             ? 
# 
loop_
_atom_type.symbol 
AS 
C  
N  
O  
P  
# 
loop_
_atom_site.group_PDB 
_atom_site.id 
_atom_site.type_symbol 
_atom_site.label_atom_id 
_atom_site.label_alt_id 
_atom_site.label_comp_id 
_atom_site.label_asym_id 
_atom_site.label_entity_id 
_atom_site.label_seq_id 
_atom_site.pdbx_PDB_ins_code 
_atom_site.Cartn_x 
_atom_site.Cartn_y 
_atom_site.Cartn_z 
_atom_site.occupancy 
_atom_site.B_iso_or_equiv 
_atom_site.pdbx_formal_charge 
_atom_site.auth_seq_id 
_atom_site.auth_comp_id 
_atom_site.auth_asym_id 
_atom_site.auth_atom_id 
_atom_site.pdbx_PDB_model_num 
ATOM   1   O  "O5'" . DG  A 1 1  ? 19.746  13.393  8.492   1.00 184.30 ? 1   DG  A "O5'" 1 
ATOM   2   C  "C5'" . DG  A 1 1  ? 19.225  13.886  9.721   1.00 171.12 ? 1   DG  A "C5'" 1 
ATOM   3   C  "C4'" . DG  A 1 1  ? 19.495  12.913  10.853  1.00 157.35 ? 1   DG  A "C4'" 1 
ATOM   4   O  "O4'" . DG  A 1 1  ? 19.079  13.504  12.098  1.00 145.47 ? 1   DG  A "O4'" 1 
ATOM   5   C  "C3'" . DG  A 1 1  ? 18.732  11.601  10.770  1.00 155.70 ? 1   DG  A "C3'" 1 
ATOM   6   O  "O3'" . DG  A 1 1  ? 19.465  10.674  9.995   1.00 162.71 ? 1   DG  A "O3'" 1 
ATOM   7   C  "C2'" . DG  A 1 1  ? 18.679  11.159  12.226  1.00 143.53 ? 1   DG  A "C2'" 1 
ATOM   8   C  "C1'" . DG  A 1 1  ? 18.685  12.486  12.992  1.00 143.71 ? 1   DG  A "C1'" 1 
ATOM   9   N  N9    . DG  A 1 1  ? 17.398  12.851  13.575  1.00 141.35 ? 1   DG  A N9    1 
ATOM   10  C  C8    . DG  A 1 1  ? 16.824  14.103  13.599  1.00 135.91 ? 1   DG  A C8    1 
ATOM   11  N  N7    . DG  A 1 1  ? 15.669  14.135  14.209  1.00 136.06 ? 1   DG  A N7    1 
ATOM   12  C  C5    . DG  A 1 1  ? 15.466  12.819  14.619  1.00 143.32 ? 1   DG  A C5    1 
ATOM   13  C  C6    . DG  A 1 1  ? 14.382  12.234  15.330  1.00 143.02 ? 1   DG  A C6    1 
ATOM   14  O  O6    . DG  A 1 1  ? 13.350  12.787  15.759  1.00 136.54 ? 1   DG  A O6    1 
ATOM   15  N  N1    . DG  A 1 1  ? 14.587  10.862  15.540  1.00 141.09 ? 1   DG  A N1    1 
ATOM   16  C  C2    . DG  A 1 1  ? 15.695  10.153  15.110  1.00 137.58 ? 1   DG  A C2    1 
ATOM   17  N  N2    . DG  A 1 1  ? 15.721  8.843   15.390  1.00 136.16 ? 1   DG  A N2    1 
ATOM   18  N  N3    . DG  A 1 1  ? 16.704  10.690  14.450  1.00 136.96 ? 1   DG  A N3    1 
ATOM   19  C  C4    . DG  A 1 1  ? 16.525  12.018  14.236  1.00 143.22 ? 1   DG  A C4    1 
ATOM   20  P  P     . DA  A 1 2  ? 18.861  10.112  8.620   1.00 155.48 ? 2   DA  A P     1 
ATOM   21  O  OP1   . DA  A 1 2  ? 19.969  9.451   7.893   1.00 155.25 ? 2   DA  A OP1   1 
ATOM   22  O  OP2   . DA  A 1 2  ? 18.091  11.207  7.992   1.00 158.72 ? 2   DA  A OP2   1 
ATOM   23  O  "O5'" . DA  A 1 2  ? 17.820  8.999   9.085   1.00 142.36 ? 2   DA  A "O5'" 1 
ATOM   24  C  "C5'" . DA  A 1 2  ? 18.274  7.848   9.763   1.00 139.27 ? 2   DA  A "C5'" 1 
ATOM   25  C  "C4'" . DA  A 1 2  ? 17.123  7.209   10.496  1.00 141.00 ? 2   DA  A "C4'" 1 
ATOM   26  O  "O4'" . DA  A 1 2  ? 16.495  8.213   11.324  1.00 138.55 ? 2   DA  A "O4'" 1 
ATOM   27  C  "C3'" . DA  A 1 2  ? 16.034  6.647   9.584   1.00 137.34 ? 2   DA  A "C3'" 1 
ATOM   28  O  "O3'" . DA  A 1 2  ? 15.759  5.302   9.917   1.00 146.13 ? 2   DA  A "O3'" 1 
ATOM   29  C  "C2'" . DA  A 1 2  ? 14.823  7.548   9.820   1.00 132.25 ? 2   DA  A "C2'" 1 
ATOM   30  C  "C1'" . DA  A 1 2  ? 15.102  8.159   11.180  1.00 131.19 ? 2   DA  A "C1'" 1 
ATOM   31  N  N9    . DA  A 1 2  ? 14.592  9.515   11.298  1.00 137.40 ? 2   DA  A N9    1 
ATOM   32  C  C8    . DA  A 1 2  ? 15.079  10.636  10.682  1.00 137.04 ? 2   DA  A C8    1 
ATOM   33  N  N7    . DA  A 1 2  ? 14.405  11.728  10.964  1.00 141.14 ? 2   DA  A N7    1 
ATOM   34  C  C5    . DA  A 1 2  ? 13.406  11.290  11.826  1.00 144.47 ? 2   DA  A C5    1 
ATOM   35  C  C6    . DA  A 1 2  ? 12.349  11.960  12.497  1.00 147.00 ? 2   DA  A C6    1 
ATOM   36  N  N6    . DA  A 1 2  ? 12.116  13.278  12.395  1.00 142.61 ? 2   DA  A N6    1 
ATOM   37  N  N1    . DA  A 1 2  ? 11.538  11.214  13.281  1.00 147.21 ? 2   DA  A N1    1 
ATOM   38  C  C2    . DA  A 1 2  ? 11.768  9.898   13.384  1.00 140.37 ? 2   DA  A C2    1 
ATOM   39  N  N3    . DA  A 1 2  ? 12.719  9.164   12.808  1.00 137.57 ? 2   DA  A N3    1 
ATOM   40  C  C4    . DA  A 1 2  ? 13.510  9.925   12.038  1.00 139.81 ? 2   DA  A C4    1 
ATOM   41  P  P     . DG  A 1 3  ? 14.809  4.426   8.965   1.00 148.45 ? 3   DG  A P     1 
ATOM   42  O  OP1   . DG  A 1 3  ? 15.136  2.992   9.141   1.00 145.61 ? 3   DG  A OP1   1 
ATOM   43  O  OP2   . DG  A 1 3  ? 14.848  5.051   7.625   1.00 148.03 ? 3   DG  A OP2   1 
ATOM   44  O  "O5'" . DG  A 1 3  ? 13.364  4.664   9.571   1.00 136.05 ? 3   DG  A "O5'" 1 
ATOM   45  C  "C5'" . DG  A 1 3  ? 13.120  4.333   10.908  1.00 134.88 ? 3   DG  A "C5'" 1 
ATOM   46  C  "C4'" . DG  A 1 3  ? 11.683  4.613   11.247  1.00 141.76 ? 3   DG  A "C4'" 1 
ATOM   47  O  "O4'" . DG  A 1 3  ? 11.494  6.035   11.405  1.00 139.35 ? 3   DG  A "O4'" 1 
ATOM   48  C  "C3'" . DG  A 1 3  ? 10.687  4.166   10.182  1.00 147.78 ? 3   DG  A "C3'" 1 
ATOM   49  O  "O3'" . DG  A 1 3  ? 9.656   3.435   10.801  1.00 158.10 ? 3   DG  A "O3'" 1 
ATOM   50  C  "C2'" . DG  A 1 3  ? 10.180  5.482   9.575   1.00 143.11 ? 3   DG  A "C2'" 1 
ATOM   51  C  "C1'" . DG  A 1 3  ? 10.311  6.421   10.757  1.00 137.57 ? 3   DG  A "C1'" 1 
ATOM   52  N  N9    . DG  A 1 3  ? 10.446  7.828   10.409  1.00 134.37 ? 3   DG  A N9    1 
ATOM   53  C  C8    . DG  A 1 3  ? 11.423  8.402   9.633   1.00 133.41 ? 3   DG  A C8    1 
ATOM   54  N  N7    . DG  A 1 3  ? 11.305  9.698   9.523   1.00 137.13 ? 3   DG  A N7    1 
ATOM   55  C  C5    . DG  A 1 3  ? 10.187  10.005  10.292  1.00 140.32 ? 3   DG  A C5    1 
ATOM   56  C  C6    . DG  A 1 3  ? 9.568   11.256  10.556  1.00 137.91 ? 3   DG  A C6    1 
ATOM   57  O  O6    . DG  A 1 3  ? 9.897   12.381  10.150  1.00 131.75 ? 3   DG  A O6    1 
ATOM   58  N  N1    . DG  A 1 3  ? 8.455   11.113  11.388  1.00 138.10 ? 3   DG  A N1    1 
ATOM   59  C  C2    . DG  A 1 3  ? 7.999   9.915   11.897  1.00 139.11 ? 3   DG  A C2    1 
ATOM   60  N  N2    . DG  A 1 3  ? 6.909   9.978   12.677  1.00 137.96 ? 3   DG  A N2    1 
ATOM   61  N  N3    . DG  A 1 3  ? 8.568   8.740   11.656  1.00 137.69 ? 3   DG  A N3    1 
ATOM   62  C  C4    . DG  A 1 3  ? 9.653   8.861   10.850  1.00 139.03 ? 3   DG  A C4    1 
ATOM   63  P  P     . DC  A 1 4  ? 8.589   2.639   9.912   1.00 169.49 ? 4   DC  A P     1 
ATOM   64  O  OP1   . DC  A 1 4  ? 8.161   1.434   10.659  1.00 165.87 ? 4   DC  A OP1   1 
ATOM   65  O  OP2   . DC  A 1 4  ? 9.179   2.488   8.563   1.00 166.36 ? 4   DC  A OP2   1 
ATOM   66  O  "O5'" . DC  A 1 4  ? 7.361   3.653   9.838   1.00 154.86 ? 4   DC  A "O5'" 1 
ATOM   67  C  "C5'" . DC  A 1 4  ? 6.798   4.162   11.038  1.00 150.20 ? 4   DC  A "C5'" 1 
ATOM   68  C  "C4'" . DC  A 1 4  ? 5.617   5.052   10.724  1.00 155.01 ? 4   DC  A "C4'" 1 
ATOM   69  O  "O4'" . DC  A 1 4  ? 6.083   6.413   10.529  1.00 144.93 ? 4   DC  A "O4'" 1 
ATOM   70  C  "C3'" . DC  A 1 4  ? 4.858   4.665   9.445   1.00 157.74 ? 4   DC  A "C3'" 1 
ATOM   71  O  "O3'" . DC  A 1 4  ? 3.437   4.639   9.679   1.00 160.80 ? 4   DC  A "O3'" 1 
ATOM   72  C  "C2'" . DC  A 1 4  ? 5.253   5.760   8.456   1.00 149.65 ? 4   DC  A "C2'" 1 
ATOM   73  C  "C1'" . DC  A 1 4  ? 5.466   6.943   9.385   1.00 143.55 ? 4   DC  A "C1'" 1 
ATOM   74  N  N1    . DC  A 1 4  ? 6.338   8.004   8.806   1.00 142.30 ? 4   DC  A N1    1 
ATOM   75  C  C2    . DC  A 1 4  ? 6.061   9.351   9.082   1.00 145.31 ? 4   DC  A C2    1 
ATOM   76  O  O2    . DC  A 1 4  ? 5.103   9.632   9.821   1.00 141.95 ? 4   DC  A O2    1 
ATOM   77  N  N3    . DC  A 1 4  ? 6.856   10.310  8.535   1.00 144.18 ? 4   DC  A N3    1 
ATOM   78  C  C4    . DC  A 1 4  ? 7.877   9.965   7.746   1.00 141.06 ? 4   DC  A C4    1 
ATOM   79  N  N4    . DC  A 1 4  ? 8.632   10.945  7.234   1.00 142.12 ? 4   DC  A N4    1 
ATOM   80  C  C5    . DC  A 1 4  ? 8.170   8.597   7.449   1.00 135.79 ? 4   DC  A C5    1 
ATOM   81  C  C6    . DC  A 1 4  ? 7.381   7.660   7.992   1.00 135.95 ? 4   DC  A C6    1 
ATOM   82  P  P     . DA  A 1 5  ? 2.526   3.469   9.044   1.00 159.91 ? 5   DA  A P     1 
ATOM   83  O  OP1   . DA  A 1 5  ? 2.575   2.293   9.942   1.00 163.73 ? 5   DA  A OP1   1 
ATOM   84  O  OP2   . DA  A 1 5  ? 2.929   3.306   7.629   1.00 147.84 ? 5   DA  A OP2   1 
ATOM   85  O  "O5'" . DA  A 1 5  ? 1.045   4.070   9.088   1.00 148.98 ? 5   DA  A "O5'" 1 
ATOM   86  C  "C5'" . DA  A 1 5  ? 0.549   4.648   10.285  1.00 143.58 ? 5   DA  A "C5'" 1 
ATOM   87  C  "C4'" . DA  A 1 5  ? -0.046  6.016   10.008  1.00 144.52 ? 5   DA  A "C4'" 1 
ATOM   88  O  "O4'" . DA  A 1 5  ? 0.985   6.908   9.510   1.00 138.39 ? 5   DA  A "O4'" 1 
ATOM   89  C  "C3'" . DA  A 1 5  ? -1.163  6.033   8.968   1.00 148.71 ? 5   DA  A "C3'" 1 
ATOM   90  O  "O3'" . DA  A 1 5  ? -2.225  6.840   9.427   1.00 156.48 ? 5   DA  A "O3'" 1 
ATOM   91  C  "C2'" . DA  A 1 5  ? -0.496  6.633   7.729   1.00 145.00 ? 5   DA  A "C2'" 1 
ATOM   92  C  "C1'" . DA  A 1 5  ? 0.530   7.561   8.345   1.00 136.61 ? 5   DA  A "C1'" 1 
ATOM   93  N  N9    . DA  A 1 5  ? 1.683   7.795   7.485   1.00 133.88 ? 5   DA  A N9    1 
ATOM   94  C  C8    . DA  A 1 5  ? 2.461   6.848   6.882   1.00 134.09 ? 5   DA  A C8    1 
ATOM   95  N  N7    . DA  A 1 5  ? 3.446   7.343   6.170   1.00 132.34 ? 5   DA  A N7    1 
ATOM   96  C  C5    . DA  A 1 5  ? 3.310   8.713   6.321   1.00 133.79 ? 5   DA  A C5    1 
ATOM   97  C  C6    . DA  A 1 5  ? 4.051   9.805   5.817   1.00 134.30 ? 5   DA  A C6    1 
ATOM   98  N  N6    . DA  A 1 5  ? 5.121   9.671   5.022   1.00 126.99 ? 5   DA  A N6    1 
ATOM   99  N  N1    . DA  A 1 5  ? 3.643   11.048  6.161   1.00 137.76 ? 5   DA  A N1    1 
ATOM   100 C  C2    . DA  A 1 5  ? 2.572   11.180  6.959   1.00 140.50 ? 5   DA  A C2    1 
ATOM   101 N  N3    . DA  A 1 5  ? 1.799   10.231  7.493   1.00 140.91 ? 5   DA  A N3    1 
ATOM   102 C  C4    . DA  A 1 5  ? 2.227   9.008   7.131   1.00 137.61 ? 5   DA  A C4    1 
ATOM   103 P  P     . DG  A 1 6  ? -3.484  7.137   8.478   1.00 165.79 ? 6   DG  A P     1 
ATOM   104 O  OP1   . DG  A 1 6  ? -4.659  7.404   9.336   1.00 163.51 ? 6   DG  A OP1   1 
ATOM   105 O  OP2   . DG  A 1 6  ? -3.553  6.045   7.482   1.00 160.63 ? 6   DG  A OP2   1 
ATOM   106 O  "O5'" . DG  A 1 6  ? -3.091  8.496   7.737   1.00 138.76 ? 6   DG  A "O5'" 1 
ATOM   107 C  "C5'" . DG  A 1 6  ? -4.108  9.373   7.321   1.00 129.89 ? 6   DG  A "C5'" 1 
ATOM   108 C  "C4'" . DG  A 1 6  ? -3.573  10.774  7.196   1.00 126.70 ? 6   DG  A "C4'" 1 
ATOM   109 O  "O4'" . DG  A 1 6  ? -2.145  10.716  6.955   1.00 127.88 ? 6   DG  A "O4'" 1 
ATOM   110 C  "C3'" . DG  A 1 6  ? -4.176  11.566  6.044   1.00 136.61 ? 6   DG  A "C3'" 1 
ATOM   111 O  "O3'" . DG  A 1 6  ? -4.490  12.877  6.455   1.00 144.58 ? 6   DG  A "O3'" 1 
ATOM   112 C  "C2'" . DG  A 1 6  ? -3.082  11.558  4.985   1.00 131.58 ? 6   DG  A "C2'" 1 
ATOM   113 C  "C1'" . DG  A 1 6  ? -1.820  11.487  5.820   1.00 132.31 ? 6   DG  A "C1'" 1 
ATOM   114 N  N9    . DG  A 1 6  ? -0.721  10.833  5.119   1.00 136.23 ? 6   DG  A N9    1 
ATOM   115 C  C8    . DG  A 1 6  ? -0.552  9.480   4.934   1.00 129.86 ? 6   DG  A C8    1 
ATOM   116 N  N7    . DG  A 1 6  ? 0.523   9.177   4.258   1.00 126.62 ? 6   DG  A N7    1 
ATOM   117 C  C5    . DG  A 1 6  ? 1.105   10.407  3.969   1.00 133.97 ? 6   DG  A C5    1 
ATOM   118 C  C6    . DG  A 1 6  ? 2.298   10.712  3.256   1.00 132.34 ? 6   DG  A C6    1 
ATOM   119 O  O6    . DG  A 1 6  ? 3.099   9.924   2.721   1.00 127.99 ? 6   DG  A O6    1 
ATOM   120 N  N1    . DG  A 1 6  ? 2.527   12.090  3.197   1.00 129.18 ? 6   DG  A N1    1 
ATOM   121 C  C2    . DG  A 1 6  ? 1.708   13.052  3.751   1.00 130.37 ? 6   DG  A C2    1 
ATOM   122 N  N2    . DG  A 1 6  ? 2.096   14.328  3.585   1.00 128.80 ? 6   DG  A N2    1 
ATOM   123 N  N3    . DG  A 1 6  ? 0.586   12.781  4.422   1.00 130.95 ? 6   DG  A N3    1 
ATOM   124 C  C4    . DG  A 1 6  ? 0.349   11.441  4.489   1.00 136.47 ? 6   DG  A C4    1 
ATOM   125 P  P     . DA  A 1 7  ? -5.663  13.678  5.704   1.00 157.03 ? 7   DA  A P     1 
ATOM   126 O  OP1   . DA  A 1 7  ? -5.530  15.113  6.050   1.00 152.15 ? 7   DA  A OP1   1 
ATOM   127 O  OP2   . DA  A 1 7  ? -6.932  12.968  5.987   1.00 141.95 ? 7   DA  A OP2   1 
ATOM   128 O  "O5'" . DA  A 1 7  ? -5.329  13.461  4.155   1.00 139.34 ? 7   DA  A "O5'" 1 
ATOM   129 C  "C5'" . DA  A 1 7  ? -5.669  14.446  3.211   1.00 131.87 ? 7   DA  A "C5'" 1 
ATOM   130 C  "C4'" . DA  A 1 7  ? -4.570  15.479  3.099   1.00 128.69 ? 7   DA  A "C4'" 1 
ATOM   131 O  "O4'" . DA  A 1 7  ? -3.276  14.832  3.232   1.00 123.57 ? 7   DA  A "O4'" 1 
ATOM   132 C  "C3'" . DA  A 1 7  ? -4.541  16.215  1.774   1.00 133.03 ? 7   DA  A "C3'" 1 
ATOM   133 O  "O3'" . DA  A 1 7  ? -4.185  17.552  1.975   1.00 146.14 ? 7   DA  A "O3'" 1 
ATOM   134 C  "C2'" . DA  A 1 7  ? -3.473  15.474  0.987   1.00 127.06 ? 7   DA  A "C2'" 1 
ATOM   135 C  "C1'" . DA  A 1 7  ? -2.498  15.073  2.078   1.00 120.98 ? 7   DA  A "C1'" 1 
ATOM   136 N  N9    . DA  A 1 7  ? -1.767  13.857  1.755   1.00 123.42 ? 7   DA  A N9    1 
ATOM   137 C  C8    . DA  A 1 7  ? -2.142  12.573  2.030   1.00 121.00 ? 7   DA  A C8    1 
ATOM   138 N  N7    . DA  A 1 7  ? -1.291  11.669  1.604   1.00 114.61 ? 7   DA  A N7    1 
ATOM   139 C  C5    . DA  A 1 7  ? -0.293  12.413  0.999   1.00 117.25 ? 7   DA  A C5    1 
ATOM   140 C  C6    . DA  A 1 7  ? 0.906   12.049  0.347   1.00 115.04 ? 7   DA  A C6    1 
ATOM   141 N  N6    . DA  A 1 7  ? 1.311   10.785  0.197   1.00 114.68 ? 7   DA  A N6    1 
ATOM   142 N  N1    . DA  A 1 7  ? 1.676   13.043  -0.145  1.00 115.83 ? 7   DA  A N1    1 
ATOM   143 C  C2    . DA  A 1 7  ? 1.271   14.310  0.010   1.00 119.57 ? 7   DA  A C2    1 
ATOM   144 N  N3    . DA  A 1 7  ? 0.167   14.773  0.600   1.00 119.01 ? 7   DA  A N3    1 
ATOM   145 C  C4    . DA  A 1 7  ? -0.576  13.765  1.079   1.00 119.76 ? 7   DA  A C4    1 
ATOM   146 P  P     . DC  A 1 8  ? -4.576  18.635  0.861   1.00 157.41 ? 8   DC  A P     1 
ATOM   147 O  OP1   . DC  A 1 8  ? -4.248  19.973  1.406   1.00 153.52 ? 8   DC  A OP1   1 
ATOM   148 O  OP2   . DC  A 1 8  ? -5.957  18.311  0.429   1.00 142.24 ? 8   DC  A OP2   1 
ATOM   149 O  "O5'" . DC  A 1 8  ? -3.572  18.321  -0.350  1.00 143.77 ? 8   DC  A "O5'" 1 
ATOM   150 C  "C5'" . DC  A 1 8  ? -2.199  18.668  -0.233  1.00 132.72 ? 8   DC  A "C5'" 1 
ATOM   151 C  "C4'" . DC  A 1 8  ? -1.405  18.236  -1.458  1.00 129.28 ? 8   DC  A "C4'" 1 
ATOM   152 O  "O4'" . DC  A 1 8  ? -0.993  16.846  -1.331  1.00 124.37 ? 8   DC  A "O4'" 1 
ATOM   153 C  "C3'" . DC  A 1 8  ? -2.133  18.324  -2.809  1.00 124.29 ? 8   DC  A "C3'" 1 
ATOM   154 O  "O3'" . DC  A 1 8  ? -1.225  18.849  -3.788  1.00 125.71 ? 8   DC  A "O3'" 1 
ATOM   155 C  "C2'" . DC  A 1 8  ? -2.449  16.861  -3.091  1.00 118.39 ? 8   DC  A "C2'" 1 
ATOM   156 C  "C1'" . DC  A 1 8  ? -1.160  16.255  -2.591  1.00 117.30 ? 8   DC  A "C1'" 1 
ATOM   157 N  N1    . DC  A 1 8  ? -1.158  14.777  -2.463  1.00 112.47 ? 8   DC  A N1    1 
ATOM   158 C  C2    . DC  A 1 8  ? -0.066  14.056  -2.955  1.00 114.22 ? 8   DC  A C2    1 
ATOM   159 O  O2    . DC  A 1 8  ? 0.874   14.671  -3.483  1.00 113.76 ? 8   DC  A O2    1 
ATOM   160 N  N3    . DC  A 1 8  ? -0.064  12.702  -2.836  1.00 111.97 ? 8   DC  A N3    1 
ATOM   161 C  C4    . DC  A 1 8  ? -1.094  12.081  -2.263  1.00 110.35 ? 8   DC  A C4    1 
ATOM   162 N  N4    . DC  A 1 8  ? -1.046  10.746  -2.168  1.00 104.62 ? 8   DC  A N4    1 
ATOM   163 C  C5    . DC  A 1 8  ? -2.219  12.801  -1.757  1.00 113.65 ? 8   DC  A C5    1 
ATOM   164 C  C6    . DC  A 1 8  ? -2.208  14.136  -1.878  1.00 113.38 ? 8   DC  A C6    1 
ATOM   165 P  P     . DT  A 1 9  ? -1.591  18.840  -5.356  1.00 135.62 ? 9   DT  A P     1 
ATOM   166 O  OP1   . DT  A 1 9  ? -2.792  19.688  -5.526  1.00 144.47 ? 9   DT  A OP1   1 
ATOM   167 O  OP2   . DT  A 1 9  ? -1.574  17.453  -5.859  1.00 120.49 ? 9   DT  A OP2   1 
ATOM   168 O  "O5'" . DT  A 1 9  ? -0.334  19.536  -6.049  1.00 119.46 ? 9   DT  A "O5'" 1 
ATOM   169 C  "C5'" . DT  A 1 9  ? 0.967   19.206  -5.617  1.00 119.63 ? 9   DT  A "C5'" 1 
ATOM   170 C  "C4'" . DT  A 1 9  ? 1.544   18.037  -6.405  1.00 120.12 ? 9   DT  A "C4'" 1 
ATOM   171 O  "O4'" . DT  A 1 9  ? 1.044   16.763  -5.917  1.00 115.48 ? 9   DT  A "O4'" 1 
ATOM   172 C  "C3'" . DT  A 1 9  ? 1.280   18.031  -7.925  1.00 106.29 ? 9   DT  A "C3'" 1 
ATOM   173 O  "O3'" . DT  A 1 9  ? 2.533   18.018  -8.604  1.00 111.59 ? 9   DT  A "O3'" 1 
ATOM   174 C  "C2'" . DT  A 1 9  ? 0.521   16.715  -8.135  1.00 100.06 ? 9   DT  A "C2'" 1 
ATOM   175 C  "C1'" . DT  A 1 9  ? 1.115   15.901  -7.014  1.00 107.61 ? 9   DT  A "C1'" 1 
ATOM   176 N  N1    . DT  A 1 9  ? 0.438   14.596  -6.729  1.00 108.69 ? 9   DT  A N1    1 
ATOM   177 C  C2    . DT  A 1 9  ? 1.102   13.440  -7.055  1.00 106.79 ? 9   DT  A C2    1 
ATOM   178 O  O2    . DT  A 1 9  ? 2.217   13.439  -7.549  1.00 108.90 ? 9   DT  A O2    1 
ATOM   179 N  N3    . DT  A 1 9  ? 0.426   12.279  -6.771  1.00 94.74  ? 9   DT  A N3    1 
ATOM   180 C  C4    . DT  A 1 9  ? -0.830  12.163  -6.208  1.00 93.63  ? 9   DT  A C4    1 
ATOM   181 O  O4    . DT  A 1 9  ? -1.357  11.079  -5.985  1.00 81.79  ? 9   DT  A O4    1 
ATOM   182 C  C5    . DT  A 1 9  ? -1.480  13.409  -5.895  1.00 105.55 ? 9   DT  A C5    1 
ATOM   183 C  C7    . DT  A 1 9  ? -2.846  13.397  -5.281  1.00 108.72 ? 9   DT  A C7    1 
ATOM   184 C  C6    . DT  A 1 9  ? -0.824  14.559  -6.167  1.00 106.41 ? 9   DT  A C6    1 
ATOM   185 P  P     . DA  A 1 10 ? 2.622   17.843  -10.200 1.00 129.56 ? 10  DA  A P     1 
ATOM   186 O  OP1   . DA  A 1 10 ? 4.013   18.118  -10.639 1.00 113.63 ? 10  DA  A OP1   1 
ATOM   187 O  OP2   . DA  A 1 10 ? 1.512   18.630  -10.779 1.00 143.37 ? 10  DA  A OP2   1 
ATOM   188 O  "O5'" . DA  A 1 10 ? 2.330   16.290  -10.436 1.00 111.11 ? 10  DA  A "O5'" 1 
ATOM   189 C  "C5'" . DA  A 1 10 ? 3.214   15.313  -9.914  1.00 106.23 ? 10  DA  A "C5'" 1 
ATOM   190 C  "C4'" . DA  A 1 10 ? 3.833   14.495  -11.032 1.00 107.32 ? 10  DA  A "C4'" 1 
ATOM   191 O  "O4'" . DA  A 1 10 ? 3.391   13.119  -10.940 1.00 115.31 ? 10  DA  A "O4'" 1 
ATOM   192 C  "C3'" . DA  A 1 10 ? 3.461   14.921  -12.435 1.00 104.94 ? 10  DA  A "C3'" 1 
ATOM   193 O  "O3'" . DA  A 1 10 ? 4.464   14.477  -13.309 1.00 111.62 ? 10  DA  A "O3'" 1 
ATOM   194 C  "C2'" . DA  A 1 10 ? 2.146   14.168  -12.665 1.00 106.94 ? 10  DA  A "C2'" 1 
ATOM   195 C  "C1'" . DA  A 1 10 ? 2.361   12.871  -11.885 1.00 99.03  ? 10  DA  A "C1'" 1 
ATOM   196 N  N9    . DA  A 1 10 ? 1.181   12.421  -11.147 1.00 89.13  ? 10  DA  A N9    1 
ATOM   197 C  C8    . DA  A 1 10 ? 0.268   13.200  -10.490 1.00 90.29  ? 10  DA  A C8    1 
ATOM   198 N  N7    . DA  A 1 10 ? -0.680  12.517  -9.893  1.00 87.29  ? 10  DA  A N7    1 
ATOM   199 C  C5    . DA  A 1 10 ? -0.360  11.200  -10.169 1.00 91.13  ? 10  DA  A C5    1 
ATOM   200 C  C6    . DA  A 1 10 ? -0.972  9.981   -9.821  1.00 80.20  ? 10  DA  A C6    1 
ATOM   201 N  N6    . DA  A 1 10 ? -2.086  9.903   -9.087  1.00 71.19  ? 10  DA  A N6    1 
ATOM   202 N  N1    . DA  A 1 10 ? -0.394  8.843   -10.257 1.00 73.11  ? 10  DA  A N1    1 
ATOM   203 C  C2    . DA  A 1 10 ? 0.721   8.923   -10.995 1.00 72.35  ? 10  DA  A C2    1 
ATOM   204 N  N3    . DA  A 1 10 ? 1.389   10.004  -11.386 1.00 85.44  ? 10  DA  A N3    1 
ATOM   205 C  C4    . DA  A 1 10 ? 0.788   11.122  -10.936 1.00 92.93  ? 10  DA  A C4    1 
ATOM   206 P  P     . DG  A 1 11 ? 4.497   14.930  -14.848 1.00 128.51 ? 11  DG  A P     1 
ATOM   207 O  OP1   . DG  A 1 11 ? 5.581   15.929  -14.990 1.00 131.87 ? 11  DG  A OP1   1 
ATOM   208 O  OP2   . DG  A 1 11 ? 3.132   15.302  -15.288 1.00 103.08 ? 11  DG  A OP2   1 
ATOM   209 O  "O5'" . DG  A 1 11 ? 4.957   13.590  -15.585 1.00 106.20 ? 11  DG  A "O5'" 1 
ATOM   210 C  "C5'" . DG  A 1 11 ? 4.476   12.346  -15.118 1.00 99.67  ? 11  DG  A "C5'" 1 
ATOM   211 C  "C4'" . DG  A 1 11 ? 3.586   11.694  -16.158 1.00 102.60 ? 11  DG  A "C4'" 1 
ATOM   212 O  "O4'" . DG  A 1 11 ? 2.702   10.762  -15.513 1.00 100.95 ? 11  DG  A "O4'" 1 
ATOM   213 C  "C3'" . DG  A 1 11 ? 2.671   12.640  -16.909 1.00 100.46 ? 11  DG  A "C3'" 1 
ATOM   214 O  "O3'" . DG  A 1 11 ? 3.351   13.160  -18.041 1.00 111.28 ? 11  DG  A "O3'" 1 
ATOM   215 C  "C2'" . DG  A 1 11 ? 1.521   11.734  -17.328 1.00 89.61  ? 11  DG  A "C2'" 1 
ATOM   216 C  "C1'" . DG  A 1 11 ? 1.474   10.708  -16.207 1.00 90.99  ? 11  DG  A "C1'" 1 
ATOM   217 N  N9    . DG  A 1 11 ? 0.397   10.935  -15.256 1.00 89.90  ? 11  DG  A N9    1 
ATOM   218 C  C8    . DG  A 1 11 ? -0.087  12.144  -14.801 1.00 84.44  ? 11  DG  A C8    1 
ATOM   219 N  N7    . DG  A 1 11 ? -1.062  12.019  -13.941 1.00 81.03  ? 11  DG  A N7    1 
ATOM   220 C  C5    . DG  A 1 11 ? -1.231  10.640  -13.824 1.00 84.79  ? 11  DG  A C5    1 
ATOM   221 C  C6    . DG  A 1 11 ? -2.139  9.889   -13.038 1.00 80.78  ? 11  DG  A C6    1 
ATOM   222 O  O6    . DG  A 1 11 ? -3.009  10.302  -12.259 1.00 78.89  ? 11  DG  A O6    1 
ATOM   223 N  N1    . DG  A 1 11 ? -1.965  8.518   -13.227 1.00 78.92  ? 11  DG  A N1    1 
ATOM   224 C  C2    . DG  A 1 11 ? -1.031  7.944   -14.065 1.00 80.03  ? 11  DG  A C2    1 
ATOM   225 N  N2    . DG  A 1 11 ? -1.009  6.601   -14.113 1.00 85.49  ? 11  DG  A N2    1 
ATOM   226 N  N3    . DG  A 1 11 ? -0.177  8.634   -14.799 1.00 71.99  ? 11  DG  A N3    1 
ATOM   227 C  C4    . DG  A 1 11 ? -0.337  9.969   -14.629 1.00 84.70  ? 11  DG  A C4    1 
ATOM   228 P  P     . DA  B 2 1  ? -8.039  -10.631 -21.248 1.00 94.04  ? 12  DA  B P     1 
ATOM   229 O  OP1   . DA  B 2 1  ? -7.961  -9.357  -20.498 1.00 84.21  ? 12  DA  B OP1   1 
ATOM   230 O  OP2   . DA  B 2 1  ? -7.227  -10.883 -22.457 1.00 81.91  ? 12  DA  B OP2   1 
ATOM   231 O  "O5'" . DA  B 2 1  ? -7.679  -11.811 -20.244 1.00 107.02 ? 12  DA  B "O5'" 1 
ATOM   232 C  "C5'" . DA  B 2 1  ? -7.368  -13.095 -20.758 1.00 98.72  ? 12  DA  B "C5'" 1 
ATOM   233 C  "C4'" . DA  B 2 1  ? -6.364  -13.790 -19.868 1.00 96.85  ? 12  DA  B "C4'" 1 
ATOM   234 O  "O4'" . DA  B 2 1  ? -5.070  -13.155 -20.005 1.00 100.42 ? 12  DA  B "O4'" 1 
ATOM   235 C  "C3'" . DA  B 2 1  ? -6.655  -13.686 -18.391 1.00 95.42  ? 12  DA  B "C3'" 1 
ATOM   236 O  "O3'" . DA  B 2 1  ? -7.646  -14.668 -17.997 1.00 104.07 ? 12  DA  B "O3'" 1 
ATOM   237 C  "C2'" . DA  B 2 1  ? -5.281  -13.957 -17.792 1.00 90.51  ? 12  DA  B "C2'" 1 
ATOM   238 C  "C1'" . DA  B 2 1  ? -4.323  -13.371 -18.818 1.00 84.07  ? 12  DA  B "C1'" 1 
ATOM   239 N  N9    . DA  B 2 1  ? -3.725  -12.116 -18.376 1.00 86.94  ? 12  DA  B N9    1 
ATOM   240 C  C8    . DA  B 2 1  ? -4.300  -10.867 -18.386 1.00 85.58  ? 12  DA  B C8    1 
ATOM   241 N  N7    . DA  B 2 1  ? -3.523  -9.918  -17.910 1.00 75.28  ? 12  DA  B N7    1 
ATOM   242 C  C5    . DA  B 2 1  ? -2.360  -10.591 -17.554 1.00 83.63  ? 12  DA  B C5    1 
ATOM   243 C  C6    . DA  B 2 1  ? -1.145  -10.151 -16.989 1.00 83.72  ? 12  DA  B C6    1 
ATOM   244 N  N6    . DA  B 2 1  ? -0.901  -8.876  -16.674 1.00 81.97  ? 12  DA  B N6    1 
ATOM   245 N  N1    . DA  B 2 1  ? -0.185  -11.085 -16.759 1.00 76.82  ? 12  DA  B N1    1 
ATOM   246 C  C2    . DA  B 2 1  ? -0.437  -12.362 -17.075 1.00 75.06  ? 12  DA  B C2    1 
ATOM   247 N  N3    . DA  B 2 1  ? -1.541  -12.894 -17.608 1.00 78.32  ? 12  DA  B N3    1 
ATOM   248 C  C4    . DA  B 2 1  ? -2.471  -11.945 -17.829 1.00 83.38  ? 12  DA  B C4    1 
ATOM   249 P  P     . DC  B 2 2  ? -7.240  -16.069 -17.302 1.00 110.91 ? 13  DC  B P     1 
ATOM   250 O  OP1   . DC  B 2 2  ? -6.223  -16.773 -18.120 1.00 104.97 ? 13  DC  B OP1   1 
ATOM   251 O  OP2   . DC  B 2 2  ? -8.507  -16.769 -17.008 1.00 106.04 ? 13  DC  B OP2   1 
ATOM   252 O  "O5'" . DC  B 2 2  ? -6.591  -15.649 -15.901 1.00 94.30  ? 13  DC  B "O5'" 1 
ATOM   253 C  "C5'" . DC  B 2 2  ? -5.912  -16.616 -15.126 1.00 95.23  ? 13  DC  B "C5'" 1 
ATOM   254 C  "C4'" . DC  B 2 2  ? -4.412  -16.386 -15.140 1.00 84.20  ? 13  DC  B "C4'" 1 
ATOM   255 O  "O4'" . DC  B 2 2  ? -4.127  -15.022 -15.447 1.00 83.13  ? 13  DC  B "O4'" 1 
ATOM   256 C  "C3'" . DC  B 2 2  ? -3.751  -16.577 -13.801 1.00 89.26  ? 13  DC  B "C3'" 1 
ATOM   257 O  "O3'" . DC  B 2 2  ? -3.450  -17.923 -13.614 1.00 94.94  ? 13  DC  B "O3'" 1 
ATOM   258 C  "C2'" . DC  B 2 2  ? -2.485  -15.723 -13.904 1.00 86.35  ? 13  DC  B "C2'" 1 
ATOM   259 C  "C1'" . DC  B 2 2  ? -2.817  -14.735 -15.025 1.00 83.99  ? 13  DC  B "C1'" 1 
ATOM   260 N  N1    . DC  B 2 2  ? -2.750  -13.286 -14.641 1.00 68.33  ? 13  DC  B N1    1 
ATOM   261 C  C2    . DC  B 2 2  ? -1.572  -12.733 -14.108 1.00 76.33  ? 13  DC  B C2    1 
ATOM   262 O  O2    . DC  B 2 2  ? -0.584  -13.452 -13.925 1.00 82.29  ? 13  DC  B O2    1 
ATOM   263 N  N3    . DC  B 2 2  ? -1.546  -11.412 -13.802 1.00 77.78  ? 13  DC  B N3    1 
ATOM   264 C  C4    . DC  B 2 2  ? -2.624  -10.658 -14.024 1.00 81.26  ? 13  DC  B C4    1 
ATOM   265 N  N4    . DC  B 2 2  ? -2.556  -9.353  -13.714 1.00 78.40  ? 13  DC  B N4    1 
ATOM   266 C  C5    . DC  B 2 2  ? -3.819  -11.203 -14.574 1.00 78.06  ? 13  DC  B C5    1 
ATOM   267 C  C6    . DC  B 2 2  ? -3.833  -12.504 -14.865 1.00 69.70  ? 13  DC  B C6    1 
ATOM   268 P  P     . DA  B 2 3  ? -3.600  -18.547 -12.149 1.00 110.13 ? 14  DA  B P     1 
ATOM   269 O  OP1   . DA  B 2 3  ? -3.626  -20.025 -12.288 1.00 123.65 ? 14  DA  B OP1   1 
ATOM   270 O  OP2   . DA  B 2 3  ? -4.738  -17.847 -11.508 1.00 94.25  ? 14  DA  B OP2   1 
ATOM   271 O  "O5'" . DA  B 2 3  ? -2.250  -18.095 -11.425 1.00 75.09  ? 14  DA  B "O5'" 1 
ATOM   272 C  "C5'" . DA  B 2 3  ? -1.010  -18.408 -12.028 1.00 80.64  ? 14  DA  B "C5'" 1 
ATOM   273 C  "C4'" . DA  B 2 3  ? 0.154   -17.983 -11.153 1.00 91.64  ? 14  DA  B "C4'" 1 
ATOM   274 O  "O4'" . DA  B 2 3  ? 0.376   -16.556 -11.285 1.00 94.08  ? 14  DA  B "O4'" 1 
ATOM   275 C  "C3'" . DA  B 2 3  ? -0.013  -18.243 -9.660  1.00 85.20  ? 14  DA  B "C3'" 1 
ATOM   276 O  "O3'" . DA  B 2 3  ? 1.255   -18.532 -9.088  1.00 88.16  ? 14  DA  B "O3'" 1 
ATOM   277 C  "C2'" . DA  B 2 3  ? -0.565  -16.919 -9.155  1.00 89.78  ? 14  DA  B "C2'" 1 
ATOM   278 C  "C1'" . DA  B 2 3  ? 0.142   -15.910 -10.052 1.00 79.93  ? 14  DA  B "C1'" 1 
ATOM   279 N  N9    . DA  B 2 3  ? -0.670  -14.744 -10.317 1.00 63.10  ? 14  DA  B N9    1 
ATOM   280 C  C8    . DA  B 2 3  ? -1.947  -14.736 -10.789 1.00 66.95  ? 14  DA  B C8    1 
ATOM   281 N  N7    . DA  B 2 3  ? -2.447  -13.538 -10.931 1.00 78.69  ? 14  DA  B N7    1 
ATOM   282 C  C5    . DA  B 2 3  ? -1.425  -12.703 -10.513 1.00 77.57  ? 14  DA  B C5    1 
ATOM   283 C  C6    . DA  B 2 3  ? -1.325  -11.310 -10.422 1.00 62.58  ? 14  DA  B C6    1 
ATOM   284 N  N6    . DA  B 2 3  ? -2.310  -10.489 -10.759 1.00 66.67  ? 14  DA  B N6    1 
ATOM   285 N  N1    . DA  B 2 3  ? -0.174  -10.792 -9.972  1.00 64.34  ? 14  DA  B N1    1 
ATOM   286 C  C2    . DA  B 2 3  ? 0.812   -11.623 -9.632  1.00 73.95  ? 14  DA  B C2    1 
ATOM   287 N  N3    . DA  B 2 3  ? 0.841   -12.955 -9.681  1.00 79.39  ? 14  DA  B N3    1 
ATOM   288 C  C4    . DA  B 2 3  ? -0.321  -13.435 -10.134 1.00 76.16  ? 14  DA  B C4    1 
ATOM   289 P  P     . DC  B 2 4  ? 1.469   -18.485 -7.499  1.00 99.67  ? 15  DC  B P     1 
ATOM   290 O  OP1   . DC  B 2 4  ? 2.727   -19.226 -7.218  1.00 84.07  ? 15  DC  B OP1   1 
ATOM   291 O  OP2   . DC  B 2 4  ? 0.174   -18.834 -6.868  1.00 95.03  ? 15  DC  B OP2   1 
ATOM   292 O  "O5'" . DC  B 2 4  ? 1.774   -16.954 -7.182  1.00 86.00  ? 15  DC  B "O5'" 1 
ATOM   293 C  "C5'" . DC  B 2 4  ? 3.053   -16.462 -7.437  1.00 85.39  ? 15  DC  B "C5'" 1 
ATOM   294 C  "C4'" . DC  B 2 4  ? 3.358   -15.287 -6.550  1.00 90.40  ? 15  DC  B "C4'" 1 
ATOM   295 O  "O4'" . DC  B 2 4  ? 2.548   -14.147 -6.942  1.00 86.13  ? 15  DC  B "O4'" 1 
ATOM   296 C  "C3'" . DC  B 2 4  ? 3.086   -15.507 -5.063  1.00 94.67  ? 15  DC  B "C3'" 1 
ATOM   297 O  "O3'" . DC  B 2 4  ? 4.121   -14.881 -4.334  1.00 104.41 ? 15  DC  B "O3'" 1 
ATOM   298 C  "C2'" . DC  B 2 4  ? 1.755   -14.783 -4.867  1.00 95.24  ? 15  DC  B "C2'" 1 
ATOM   299 C  "C1'" . DC  B 2 4  ? 1.961   -13.596 -5.792  1.00 89.07  ? 15  DC  B "C1'" 1 
ATOM   300 N  N1    . DC  B 2 4  ? 0.718   -12.919 -6.193  1.00 87.63  ? 15  DC  B N1    1 
ATOM   301 C  C2    . DC  B 2 4  ? 0.678   -11.514 -6.265  1.00 78.78  ? 15  DC  B C2    1 
ATOM   302 O  O2    . DC  B 2 4  ? 1.694   -10.864 -5.975  1.00 68.23  ? 15  DC  B O2    1 
ATOM   303 N  N3    . DC  B 2 4  ? -0.478  -10.911 -6.655  1.00 74.48  ? 15  DC  B N3    1 
ATOM   304 C  C4    . DC  B 2 4  ? -1.551  -11.658 -6.960  1.00 77.34  ? 15  DC  B C4    1 
ATOM   305 N  N4    . DC  B 2 4  ? -2.670  -11.032 -7.333  1.00 75.90  ? 15  DC  B N4    1 
ATOM   306 C  C5    . DC  B 2 4  ? -1.523  -13.084 -6.889  1.00 89.22  ? 15  DC  B C5    1 
ATOM   307 C  C6    . DC  B 2 4  ? -0.378  -13.667 -6.510  1.00 87.55  ? 15  DC  B C6    1 
ATOM   308 P  P     . DC  B 2 5  ? 4.459   -15.292 -2.820  1.00 108.37 ? 16  DC  B P     1 
ATOM   309 O  OP1   . DC  B 2 5  ? 5.365   -16.464 -2.887  1.00 106.50 ? 16  DC  B OP1   1 
ATOM   310 O  OP2   . DC  B 2 5  ? 3.194   -15.381 -2.048  1.00 87.87  ? 16  DC  B OP2   1 
ATOM   311 O  "O5'" . DC  B 2 5  ? 5.273   -14.012 -2.309  1.00 98.87  ? 16  DC  B "O5'" 1 
ATOM   312 C  "C5'" . DC  B 2 5  ? 5.037   -12.743 -2.932  1.00 94.24  ? 16  DC  B "C5'" 1 
ATOM   313 C  "C4'" . DC  B 2 5  ? 4.283   -11.808 -1.998  1.00 95.34  ? 16  DC  B "C4'" 1 
ATOM   314 O  "O4'" . DC  B 2 5  ? 2.949   -11.532 -2.507  1.00 95.79  ? 16  DC  B "O4'" 1 
ATOM   315 C  "C3'" . DC  B 2 5  ? 4.076   -12.333 -0.578  1.00 95.96  ? 16  DC  B "C3'" 1 
ATOM   316 O  "O3'" . DC  B 2 5  ? 4.384   -11.315 0.330   1.00 100.76 ? 16  DC  B "O3'" 1 
ATOM   317 C  "C2'" . DC  B 2 5  ? 2.584   -12.661 -0.539  1.00 84.29  ? 16  DC  B "C2'" 1 
ATOM   318 C  "C1'" . DC  B 2 5  ? 2.060   -11.551 -1.417  1.00 89.07  ? 16  DC  B "C1'" 1 
ATOM   319 N  N1    . DC  B 2 5  ? 0.683   -11.774 -1.908  1.00 92.62  ? 16  DC  B N1    1 
ATOM   320 C  C2    . DC  B 2 5  ? -0.130  -10.670 -2.233  1.00 87.68  ? 16  DC  B C2    1 
ATOM   321 O  O2    . DC  B 2 5  ? 0.329   -9.525  -2.112  1.00 80.13  ? 16  DC  B O2    1 
ATOM   322 N  N3    . DC  B 2 5  ? -1.395  -10.895 -2.681  1.00 84.90  ? 16  DC  B N3    1 
ATOM   323 C  C4    . DC  B 2 5  ? -1.848  -12.155 -2.795  1.00 95.15  ? 16  DC  B C4    1 
ATOM   324 N  N4    . DC  B 2 5  ? -3.101  -12.336 -3.236  1.00 95.24  ? 16  DC  B N4    1 
ATOM   325 C  C5    . DC  B 2 5  ? -1.035  -13.285 -2.458  1.00 92.60  ? 16  DC  B C5    1 
ATOM   326 C  C6    . DC  B 2 5  ? 0.210   -13.051 -2.021  1.00 86.48  ? 16  DC  B C6    1 
ATOM   327 P  P     . DA  B 2 6  ? 4.878   -11.687 1.803   1.00 101.83 ? 17  DA  B P     1 
ATOM   328 O  OP1   . DA  B 2 6  ? 6.299   -12.104 1.709   1.00 85.98  ? 17  DA  B OP1   1 
ATOM   329 O  OP2   . DA  B 2 6  ? 3.854   -12.597 2.374   1.00 96.42  ? 17  DA  B OP2   1 
ATOM   330 O  "O5'" . DA  B 2 6  ? 4.789   -10.302 2.590   1.00 93.72  ? 17  DA  B "O5'" 1 
ATOM   331 C  "C5'" . DA  B 2 6  ? 5.506   -9.175  2.137   1.00 83.01  ? 17  DA  B "C5'" 1 
ATOM   332 C  "C4'" . DA  B 2 6  ? 4.626   -7.949  2.219   1.00 91.75  ? 17  DA  B "C4'" 1 
ATOM   333 O  "O4'" . DA  B 2 6  ? 3.362   -8.229  1.566   1.00 94.16  ? 17  DA  B "O4'" 1 
ATOM   334 C  "C3'" . DA  B 2 6  ? 4.252   -7.506  3.624   1.00 97.97  ? 17  DA  B "C3'" 1 
ATOM   335 O  "O3'" . DA  B 2 6  ? 4.051   -6.108  3.629   1.00 101.92 ? 17  DA  B "O3'" 1 
ATOM   336 C  "C2'" . DA  B 2 6  ? 2.941   -8.248  3.863   1.00 91.50  ? 17  DA  B "C2'" 1 
ATOM   337 C  "C1'" . DA  B 2 6  ? 2.304   -8.139  2.496   1.00 86.66  ? 17  DA  B "C1'" 1 
ATOM   338 N  N9    . DA  B 2 6  ? 1.381   -9.206  2.188   1.00 88.93  ? 17  DA  B N9    1 
ATOM   339 C  C8    . DA  B 2 6  ? 1.603   -10.551 2.300   1.00 90.03  ? 17  DA  B C8    1 
ATOM   340 N  N7    . DA  B 2 6  ? 0.586   -11.289 1.915   1.00 90.85  ? 17  DA  B N7    1 
ATOM   341 C  C5    . DA  B 2 6  ? -0.358  -10.358 1.502   1.00 92.62  ? 17  DA  B C5    1 
ATOM   342 C  C6    . DA  B 2 6  ? -1.662  -10.485 0.971   1.00 94.48  ? 17  DA  B C6    1 
ATOM   343 N  N6    . DA  B 2 6  ? -2.270  -11.662 0.766   1.00 92.90  ? 17  DA  B N6    1 
ATOM   344 N  N1    . DA  B 2 6  ? -2.326  -9.347  0.669   1.00 95.59  ? 17  DA  B N1    1 
ATOM   345 C  C2    . DA  B 2 6  ? -1.721  -8.170  0.878   1.00 94.28  ? 17  DA  B C2    1 
ATOM   346 N  N3    . DA  B 2 6  ? -0.505  -7.927  1.368   1.00 90.20  ? 17  DA  B N3    1 
ATOM   347 C  C4    . DA  B 2 6  ? 0.129   -9.071  1.655   1.00 91.45  ? 17  DA  B C4    1 
ATOM   348 P  P     . DC  B 2 7  ? 4.395   -5.250  4.938   1.00 118.23 ? 18  DC  B P     1 
ATOM   349 O  OP1   . DC  B 2 7  ? 5.392   -4.211  4.593   1.00 124.24 ? 18  DC  B OP1   1 
ATOM   350 O  OP2   . DC  B 2 7  ? 4.696   -6.209  6.023   1.00 116.15 ? 18  DC  B OP2   1 
ATOM   351 O  "O5'" . DC  B 2 7  ? 3.008   -4.562  5.283   1.00 98.40  ? 18  DC  B "O5'" 1 
ATOM   352 C  "C5'" . DC  B 2 7  ? 1.874   -5.355  5.359   1.00 86.41  ? 18  DC  B "C5'" 1 
ATOM   353 C  "C4'" . DC  B 2 7  ? 0.670   -4.591  4.910   1.00 92.96  ? 18  DC  B "C4'" 1 
ATOM   354 O  "O4'" . DC  B 2 7  ? -0.100  -5.447  4.035   1.00 99.64  ? 18  DC  B "O4'" 1 
ATOM   355 C  "C3'" . DC  B 2 7  ? -0.261  -4.211  6.048   1.00 94.09  ? 18  DC  B "C3'" 1 
ATOM   356 O  "O3'" . DC  B 2 7  ? -0.960  -3.013  5.763   1.00 99.41  ? 18  DC  B "O3'" 1 
ATOM   357 C  "C2'" . DC  B 2 7  ? -1.197  -5.398  6.094   1.00 99.37  ? 18  DC  B "C2'" 1 
ATOM   358 C  "C1'" . DC  B 2 7  ? -1.357  -5.697  4.617   1.00 94.83  ? 18  DC  B "C1'" 1 
ATOM   359 N  N1    . DC  B 2 7  ? -1.726  -7.089  4.367   1.00 92.84  ? 18  DC  B N1    1 
ATOM   360 C  C2    . DC  B 2 7  ? -2.980  -7.376  3.836   1.00 94.44  ? 18  DC  B C2    1 
ATOM   361 O  O2    . DC  B 2 7  ? -3.741  -6.443  3.561   1.00 95.11  ? 18  DC  B O2    1 
ATOM   362 N  N3    . DC  B 2 7  ? -3.322  -8.671  3.623   1.00 99.04  ? 18  DC  B N3    1 
ATOM   363 C  C4    . DC  B 2 7  ? -2.466  -9.646  3.940   1.00 98.29  ? 18  DC  B C4    1 
ATOM   364 N  N4    . DC  B 2 7  ? -2.845  -10.910 3.719   1.00 96.19  ? 18  DC  B N4    1 
ATOM   365 C  C5    . DC  B 2 7  ? -1.185  -9.366  4.501   1.00 92.44  ? 18  DC  B C5    1 
ATOM   366 C  C6    . DC  B 2 7  ? -0.860  -8.086  4.693   1.00 89.89  ? 18  DC  B C6    1 
ATOM   367 P  P     . DT  B 2 8  ? -1.985  -2.429  6.859   1.00 127.23 ? 19  DT  B P     1 
ATOM   368 O  OP1   . DT  B 2 8  ? -2.179  -0.981  6.626   1.00 124.78 ? 19  DT  B OP1   1 
ATOM   369 O  OP2   . DT  B 2 8  ? -1.488  -2.900  8.170   1.00 112.83 ? 19  DT  B OP2   1 
ATOM   370 O  "O5'" . DT  B 2 8  ? -3.359  -3.189  6.552   1.00 103.33 ? 19  DT  B "O5'" 1 
ATOM   371 C  "C5'" . DT  B 2 8  ? -3.811  -3.295  5.217   1.00 101.92 ? 19  DT  B "C5'" 1 
ATOM   372 C  "C4'" . DT  B 2 8  ? -5.242  -2.829  5.082   1.00 109.59 ? 19  DT  B "C4'" 1 
ATOM   373 O  "O4'" . DT  B 2 8  ? -6.078  -3.951  4.745   1.00 106.38 ? 19  DT  B "O4'" 1 
ATOM   374 C  "C3'" . DT  B 2 8  ? -5.867  -2.261  6.334   1.00 109.27 ? 19  DT  B "C3'" 1 
ATOM   375 O  "O3'" . DT  B 2 8  ? -6.968  -1.431  5.957   1.00 113.85 ? 19  DT  B "O3'" 1 
ATOM   376 C  "C2'" . DT  B 2 8  ? -6.322  -3.528  7.068   1.00 113.47 ? 19  DT  B "C2'" 1 
ATOM   377 C  "C1'" . DT  B 2 8  ? -6.614  -4.506  5.920   1.00 102.45 ? 19  DT  B "C1'" 1 
ATOM   378 N  N1    . DT  B 2 8  ? -6.023  -5.878  6.096   1.00 102.94 ? 19  DT  B N1    1 
ATOM   379 C  C2    . DT  B 2 8  ? -6.545  -6.919  5.365   1.00 105.98 ? 19  DT  B C2    1 
ATOM   380 O  O2    . DT  B 2 8  ? -7.467  -6.782  4.578   1.00 109.15 ? 19  DT  B O2    1 
ATOM   381 N  N3    . DT  B 2 8  ? -5.951  -8.138  5.588   1.00 104.69 ? 19  DT  B N3    1 
ATOM   382 C  C4    . DT  B 2 8  ? -4.904  -8.416  6.451   1.00 103.99 ? 19  DT  B C4    1 
ATOM   383 O  O4    . DT  B 2 8  ? -4.436  -9.547  6.583   1.00 101.10 ? 19  DT  B O4    1 
ATOM   384 C  C5    . DT  B 2 8  ? -4.398  -7.283  7.187   1.00 103.30 ? 19  DT  B C5    1 
ATOM   385 C  C7    . DT  B 2 8  ? -3.268  -7.468  8.154   1.00 99.43  ? 19  DT  B C7    1 
ATOM   386 C  C6    . DT  B 2 8  ? -4.973  -6.077  6.976   1.00 104.91 ? 19  DT  B C6    1 
ATOM   387 P  P     . DC  B 2 9  ? -7.928  -0.771  7.060   1.00 127.34 ? 20  DC  B P     1 
ATOM   388 O  OP1   . DC  B 2 9  ? -8.602  0.404   6.464   1.00 120.30 ? 20  DC  B OP1   1 
ATOM   389 O  OP2   . DC  B 2 9  ? -7.116  -0.591  8.288   1.00 116.49 ? 20  DC  B OP2   1 
ATOM   390 O  "O5'" . DC  B 2 9  ? -9.056  -1.884  7.266   1.00 120.38 ? 20  DC  B "O5'" 1 
ATOM   391 C  "C5'" . DC  B 2 9  ? -9.712  -2.432  6.129   1.00 112.31 ? 20  DC  B "C5'" 1 
ATOM   392 C  "C4'" . DC  B 2 9  ? -10.603 -3.594  6.527   1.00 118.73 ? 20  DC  B "C4'" 1 
ATOM   393 O  "O4'" . DC  B 2 9  ? -9.792  -4.763  6.816   1.00 119.87 ? 20  DC  B "O4'" 1 
ATOM   394 C  "C3'" . DC  B 2 9  ? -11.463 -3.357  7.774   1.00 122.38 ? 20  DC  B "C3'" 1 
ATOM   395 O  "O3'" . DC  B 2 9  ? -12.789 -3.794  7.527   1.00 130.32 ? 20  DC  B "O3'" 1 
ATOM   396 C  "C2'" . DC  B 2 9  ? -10.780 -4.216  8.840   1.00 122.14 ? 20  DC  B "C2'" 1 
ATOM   397 C  "C1'" . DC  B 2 9  ? -10.274 -5.366  7.993   1.00 121.29 ? 20  DC  B "C1'" 1 
ATOM   398 N  N1    . DC  B 2 9  ? -9.170  -6.157  8.625   1.00 119.43 ? 20  DC  B N1    1 
ATOM   399 C  C2    . DC  B 2 9  ? -8.999  -7.503  8.265   1.00 117.59 ? 20  DC  B C2    1 
ATOM   400 O  O2    . DC  B 2 9  ? -9.761  -8.006  7.423   1.00 112.50 ? 20  DC  B O2    1 
ATOM   401 N  N3    . DC  B 2 9  ? -7.996  -8.216  8.845   1.00 115.75 ? 20  DC  B N3    1 
ATOM   402 C  C4    . DC  B 2 9  ? -7.194  -7.635  9.743   1.00 113.54 ? 20  DC  B C4    1 
ATOM   403 N  N4    . DC  B 2 9  ? -6.220  -8.377  10.283  1.00 110.09 ? 20  DC  B N4    1 
ATOM   404 C  C5    . DC  B 2 9  ? -7.356  -6.266  10.125  1.00 105.74 ? 20  DC  B C5    1 
ATOM   405 C  C6    . DC  B 2 9  ? -8.347  -5.572  9.549   1.00 106.44 ? 20  DC  B C6    1 
ATOM   406 P  P     . DA  B 2 10 ? -14.015 -3.151  8.340   1.00 138.33 ? 21  DA  B P     1 
ATOM   407 O  OP1   . DA  B 2 10 ? -14.512 -1.978  7.580   1.00 133.52 ? 21  DA  B OP1   1 
ATOM   408 O  OP2   . DA  B 2 10 ? -13.547 -2.986  9.737   1.00 127.64 ? 21  DA  B OP2   1 
ATOM   409 O  "O5'" . DA  B 2 10 ? -15.140 -4.297  8.322   1.00 132.84 ? 21  DA  B "O5'" 1 
ATOM   410 C  "C5'" . DA  B 2 10 ? -15.573 -4.872  7.086   1.00 129.70 ? 21  DA  B "C5'" 1 
ATOM   411 C  "C4'" . DA  B 2 10 ? -15.530 -6.395  7.148   1.00 136.42 ? 21  DA  B "C4'" 1 
ATOM   412 O  "O4'" . DA  B 2 10 ? -14.286 -6.826  7.762   1.00 139.75 ? 21  DA  B "O4'" 1 
ATOM   413 C  "C3'" . DA  B 2 10 ? -16.639 -7.061  7.964   1.00 134.40 ? 21  DA  B "C3'" 1 
ATOM   414 O  "O3'" . DA  B 2 10 ? -16.992 -8.300  7.364   1.00 140.59 ? 21  DA  B "O3'" 1 
ATOM   415 C  "C2'" . DA  B 2 10 ? -15.970 -7.281  9.317   1.00 134.00 ? 21  DA  B "C2'" 1 
ATOM   416 C  "C1'" . DA  B 2 10 ? -14.566 -7.649  8.879   1.00 133.41 ? 21  DA  B "C1'" 1 
ATOM   417 N  N9    . DA  B 2 10 ? -13.538 -7.415  9.892   1.00 135.47 ? 21  DA  B N9    1 
ATOM   418 C  C8    . DA  B 2 10 ? -13.308 -6.261  10.598  1.00 131.48 ? 21  DA  B C8    1 
ATOM   419 N  N7    . DA  B 2 10 ? -12.297 -6.342  11.434  1.00 126.31 ? 21  DA  B N7    1 
ATOM   420 C  C5    . DA  B 2 10 ? -11.828 -7.636  11.256  1.00 134.43 ? 21  DA  B C5    1 
ATOM   421 C  C6    . DA  B 2 10 ? -10.766 -8.352  11.845  1.00 136.74 ? 21  DA  B C6    1 
ATOM   422 N  N6    . DA  B 2 10 ? -9.960  -7.832  12.780  1.00 135.27 ? 21  DA  B N6    1 
ATOM   423 N  N1    . DA  B 2 10 ? -10.570 -9.631  11.441  1.00 135.20 ? 21  DA  B N1    1 
ATOM   424 C  C2    . DA  B 2 10 ? -11.383 -10.150 10.510  1.00 131.78 ? 21  DA  B C2    1 
ATOM   425 N  N3    . DA  B 2 10 ? -12.410 -9.576  9.885   1.00 131.88 ? 21  DA  B N3    1 
ATOM   426 C  C4    . DA  B 2 10 ? -12.580 -8.308  10.307  1.00 135.28 ? 21  DA  B C4    1 
ATOM   427 P  P     . DC  C 3 1  ? -9.546  1.277   -10.852 1.00 69.78  ? 1   DC  C P     1 
ATOM   428 O  OP1   . DC  C 3 1  ? -9.311  1.078   -9.401  1.00 56.13  ? 1   DC  C OP1   1 
ATOM   429 O  OP2   . DC  C 3 1  ? -10.725 2.045   -11.285 1.00 70.55  ? 1   DC  C OP2   1 
ATOM   430 O  "O5'" . DC  C 3 1  ? -8.280  1.928   -11.567 1.00 54.09  ? 1   DC  C "O5'" 1 
ATOM   431 C  "C5'" . DC  C 3 1  ? -7.040  1.901   -10.910 1.00 59.70  ? 1   DC  C "C5'" 1 
ATOM   432 C  "C4'" . DC  C 3 1  ? -5.929  1.650   -11.891 1.00 59.81  ? 1   DC  C "C4'" 1 
ATOM   433 O  "O4'" . DC  C 3 1  ? -5.535  2.893   -12.508 1.00 65.34  ? 1   DC  C "O4'" 1 
ATOM   434 C  "C3'" . DC  C 3 1  ? -4.679  1.114   -11.262 1.00 63.29  ? 1   DC  C "C3'" 1 
ATOM   435 O  "O3'" . DC  C 3 1  ? -3.989  0.312   -12.170 1.00 58.95  ? 1   DC  C "O3'" 1 
ATOM   436 C  "C2'" . DC  C 3 1  ? -3.908  2.372   -10.910 1.00 53.18  ? 1   DC  C "C2'" 1 
ATOM   437 C  "C1'" . DC  C 3 1  ? -4.243  3.272   -12.069 1.00 61.78  ? 1   DC  C "C1'" 1 
ATOM   438 N  N1    . DC  C 3 1  ? -4.313  4.728   -11.723 1.00 76.36  ? 1   DC  C N1    1 
ATOM   439 C  C2    . DC  C 3 1  ? -3.426  5.638   -12.317 1.00 76.57  ? 1   DC  C C2    1 
ATOM   440 O  O2    . DC  C 3 1  ? -2.554  5.220   -13.101 1.00 81.44  ? 1   DC  C O2    1 
ATOM   441 N  N3    . DC  C 3 1  ? -3.540  6.950   -12.009 1.00 70.34  ? 1   DC  C N3    1 
ATOM   442 C  C4    . DC  C 3 1  ? -4.487  7.356   -11.168 1.00 78.30  ? 1   DC  C C4    1 
ATOM   443 N  N4    . DC  C 3 1  ? -4.564  8.665   -10.897 1.00 91.25  ? 1   DC  C N4    1 
ATOM   444 C  C5    . DC  C 3 1  ? -5.397  6.448   -10.569 1.00 70.13  ? 1   DC  C C5    1 
ATOM   445 C  C6    . DC  C 3 1  ? -5.270  5.160   -10.868 1.00 66.97  ? 1   DC  C C6    1 
ATOM   446 P  P     . DT  C 3 2  ? -3.472  -1.107  -11.652 1.00 60.11  ? 2   DT  C P     1 
ATOM   447 O  OP1   . DT  C 3 2  ? -3.565  -2.095  -12.750 1.00 68.24  ? 2   DT  C OP1   1 
ATOM   448 O  OP2   . DT  C 3 2  ? -4.201  -1.304  -10.369 1.00 42.84  ? 2   DT  C OP2   1 
ATOM   449 O  "O5'" . DT  C 3 2  ? -1.927  -0.855  -11.297 1.00 50.97  ? 2   DT  C "O5'" 1 
ATOM   450 C  "C5'" . DT  C 3 2  ? -1.017  -0.388  -12.306 1.00 65.03  ? 2   DT  C "C5'" 1 
ATOM   451 C  "C4'" . DT  C 3 2  ? 0.063   0.498   -11.692 1.00 63.85  ? 2   DT  C "C4'" 1 
ATOM   452 O  "O4'" . DT  C 3 2  ? -0.453  1.825   -11.513 1.00 61.76  ? 2   DT  C "O4'" 1 
ATOM   453 C  "C3'" . DT  C 3 2  ? 0.459   0.093   -10.301 1.00 63.91  ? 2   DT  C "C3'" 1 
ATOM   454 O  "O3'" . DT  C 3 2  ? 1.523   -0.891  -10.322 1.00 59.09  ? 2   DT  C "O3'" 1 
ATOM   455 C  "C2'" . DT  C 3 2  ? 0.855   1.420   -9.623  1.00 55.83  ? 2   DT  C "C2'" 1 
ATOM   456 C  "C1'" . DT  C 3 2  ? 0.326   2.484   -10.563 1.00 44.99  ? 2   DT  C "C1'" 1 
ATOM   457 N  N1    . DT  C 3 2  ? -0.517  3.553   -9.921  1.00 49.86  ? 2   DT  C N1    1 
ATOM   458 C  C2    . DT  C 3 2  ? -0.296  4.885   -10.269 1.00 65.05  ? 2   DT  C C2    1 
ATOM   459 O  O2    . DT  C 3 2  ? 0.565   5.242   -11.057 1.00 60.90  ? 2   DT  C O2    1 
ATOM   460 N  N3    . DT  C 3 2  ? -1.122  5.793   -9.661  1.00 57.62  ? 2   DT  C N3    1 
ATOM   461 C  C4    . DT  C 3 2  ? -2.135  5.531   -8.777  1.00 60.26  ? 2   DT  C C4    1 
ATOM   462 O  O4    . DT  C 3 2  ? -2.831  6.418   -8.304  1.00 53.09  ? 2   DT  C O4    1 
ATOM   463 C  C5    . DT  C 3 2  ? -2.330  4.135   -8.453  1.00 63.23  ? 2   DT  C C5    1 
ATOM   464 C  C7    . DT  C 3 2  ? -3.414  3.751   -7.491  1.00 51.87  ? 2   DT  C C7    1 
ATOM   465 C  C6    . DT  C 3 2  ? -1.512  3.214   -9.033  1.00 46.22  ? 2   DT  C C6    1 
ATOM   466 P  P     . DT  C 3 3  ? 2.835   -0.699  -11.224 1.00 73.24  ? 3   DT  C P     1 
ATOM   467 O  OP1   . DT  C 3 3  ? 3.231   0.735   -11.161 1.00 63.15  ? 3   DT  C OP1   1 
ATOM   468 O  OP2   . DT  C 3 3  ? 2.605   -1.399  -12.513 1.00 55.69  ? 3   DT  C OP2   1 
ATOM   469 O  "O5'" . DT  C 3 3  ? 3.926   -1.571  -10.448 1.00 70.01  ? 3   DT  C "O5'" 1 
ATOM   470 C  "C5'" . DT  C 3 3  ? 3.856   -1.690  -9.022  1.00 61.94  ? 3   DT  C "C5'" 1 
ATOM   471 C  "C4'" . DT  C 3 3  ? 4.073   -3.132  -8.549  1.00 67.88  ? 3   DT  C "C4'" 1 
ATOM   472 O  "O4'" . DT  C 3 3  ? 2.804   -3.764  -8.369  1.00 67.84  ? 3   DT  C "O4'" 1 
ATOM   473 C  "C3'" . DT  C 3 3  ? 4.784   -4.079  -9.506  1.00 65.87  ? 3   DT  C "C3'" 1 
ATOM   474 O  "O3'" . DT  C 3 3  ? 6.188   -3.916  -9.443  1.00 61.29  ? 3   DT  C "O3'" 1 
ATOM   475 C  "C2'" . DT  C 3 3  ? 4.363   -5.445  -8.975  1.00 46.95  ? 3   DT  C "C2'" 1 
ATOM   476 C  "C1'" . DT  C 3 3  ? 3.001   -5.159  -8.343  1.00 48.92  ? 3   DT  C "C1'" 1 
ATOM   477 N  N1    . DT  C 3 3  ? 1.858   -5.781  -9.024  1.00 60.81  ? 3   DT  C N1    1 
ATOM   478 C  C2    . DT  C 3 3  ? 1.810   -7.151  -9.143  1.00 69.74  ? 3   DT  C C2    1 
ATOM   479 O  O2    . DT  C 3 3  ? 2.686   -7.888  -8.735  1.00 75.88  ? 3   DT  C O2    1 
ATOM   480 N  N3    . DT  C 3 3  ? 0.699   -7.635  -9.771  1.00 56.25  ? 3   DT  C N3    1 
ATOM   481 C  C4    . DT  C 3 3  ? -0.352  -6.907  -10.267 1.00 62.16  ? 3   DT  C C4    1 
ATOM   482 O  O4    . DT  C 3 3  ? -1.307  -7.445  -10.811 1.00 62.33  ? 3   DT  C O4    1 
ATOM   483 C  C5    . DT  C 3 3  ? -0.248  -5.464  -10.104 1.00 65.38  ? 3   DT  C C5    1 
ATOM   484 C  C7    . DT  C 3 3  ? -1.335  -4.557  -10.616 1.00 59.88  ? 3   DT  C C7    1 
ATOM   485 C  C6    . DT  C 3 3  ? 0.841   -4.980  -9.495  1.00 54.54  ? 3   DT  C C6    1 
ATOM   486 P  P     . DG  C 3 4  ? 7.042   -4.007  -10.800 1.00 69.91  ? 4   DG  C P     1 
ATOM   487 O  OP1   . DG  C 3 4  ? 8.349   -3.350  -10.583 1.00 77.01  ? 4   DG  C OP1   1 
ATOM   488 O  OP2   . DG  C 3 4  ? 6.156   -3.581  -11.911 1.00 76.31  ? 4   DG  C OP2   1 
ATOM   489 O  "O5'" . DG  C 3 4  ? 7.269   -5.567  -10.999 1.00 69.10  ? 4   DG  C "O5'" 1 
ATOM   490 C  "C5'" . DG  C 3 4  ? 7.722   -6.336  -9.933  1.00 62.77  ? 4   DG  C "C5'" 1 
ATOM   491 C  "C4'" . DG  C 3 4  ? 7.272   -7.742  -10.129 1.00 58.98  ? 4   DG  C "C4'" 1 
ATOM   492 O  "O4'" . DG  C 3 4  ? 5.827   -7.763  -10.274 1.00 61.56  ? 4   DG  C "O4'" 1 
ATOM   493 C  "C3'" . DG  C 3 4  ? 7.815   -8.386  -11.395 1.00 72.59  ? 4   DG  C "C3'" 1 
ATOM   494 O  "O3'" . DG  C 3 4  ? 8.155   -9.727  -11.115 1.00 88.68  ? 4   DG  C "O3'" 1 
ATOM   495 C  "C2'" . DG  C 3 4  ? 6.624   -8.309  -12.340 1.00 76.15  ? 4   DG  C "C2'" 1 
ATOM   496 C  "C1'" . DG  C 3 4  ? 5.512   -8.579  -11.365 1.00 64.87  ? 4   DG  C "C1'" 1 
ATOM   497 N  N9    . DG  C 3 4  ? 4.191   -8.238  -11.873 1.00 65.18  ? 4   DG  C N9    1 
ATOM   498 C  C8    . DG  C 3 4  ? 3.702   -6.988  -12.149 1.00 76.47  ? 4   DG  C C8    1 
ATOM   499 N  N7    . DG  C 3 4  ? 2.478   -6.997  -12.604 1.00 71.40  ? 4   DG  C N7    1 
ATOM   500 C  C5    . DG  C 3 4  ? 2.145   -8.336  -12.636 1.00 70.41  ? 4   DG  C C5    1 
ATOM   501 C  C6    . DG  C 3 4  ? 0.951   -8.961  -13.045 1.00 78.23  ? 4   DG  C C6    1 
ATOM   502 O  O6    . DG  C 3 4  ? -0.082  -8.425  -13.471 1.00 78.90  ? 4   DG  C O6    1 
ATOM   503 N  N1    . DG  C 3 4  ? 1.025   -10.348 -12.922 1.00 79.78  ? 4   DG  C N1    1 
ATOM   504 C  C2    . DG  C 3 4  ? 2.125   -11.039 -12.467 1.00 79.69  ? 4   DG  C C2    1 
ATOM   505 N  N2    . DG  C 3 4  ? 2.010   -12.372 -12.416 1.00 78.98  ? 4   DG  C N2    1 
ATOM   506 N  N3    . DG  C 3 4  ? 3.255   -10.463 -12.079 1.00 74.98  ? 4   DG  C N3    1 
ATOM   507 C  C4    . DG  C 3 4  ? 3.191   -9.117  -12.191 1.00 68.35  ? 4   DG  C C4    1 
ATOM   508 P  P     . DT  C 3 5  ? 8.719   -10.686 -12.272 1.00 100.86 ? 5   DT  C P     1 
ATOM   509 O  OP1   . DT  C 3 5  ? 9.926   -11.333 -11.707 1.00 89.59  ? 5   DT  C OP1   1 
ATOM   510 O  OP2   . DT  C 3 5  ? 8.799   -9.955  -13.567 1.00 71.05  ? 5   DT  C OP2   1 
ATOM   511 O  "O5'" . DT  C 3 5  ? 7.580   -11.792 -12.416 1.00 76.71  ? 5   DT  C "O5'" 1 
ATOM   512 C  "C5'" . DT  C 3 5  ? 7.957   -13.138 -12.588 1.00 73.64  ? 5   DT  C "C5'" 1 
ATOM   513 C  "C4'" . DT  C 3 5  ? 7.048   -13.804 -13.578 1.00 58.41  ? 5   DT  C "C4'" 1 
ATOM   514 O  "O4'" . DT  C 3 5  ? 5.756   -13.195 -13.519 1.00 70.83  ? 5   DT  C "O4'" 1 
ATOM   515 C  "C3'" . DT  C 3 5  ? 7.441   -13.623 -15.014 1.00 68.82  ? 5   DT  C "C3'" 1 
ATOM   516 O  "O3'" . DT  C 3 5  ? 8.472   -14.529 -15.367 1.00 70.91  ? 5   DT  C "O3'" 1 
ATOM   517 C  "C2'" . DT  C 3 5  ? 6.139   -13.957 -15.715 1.00 69.30  ? 5   DT  C "C2'" 1 
ATOM   518 C  "C1'" . DT  C 3 5  ? 5.080   -13.495 -14.721 1.00 73.09  ? 5   DT  C "C1'" 1 
ATOM   519 N  N1    . DT  C 3 5  ? 4.354   -12.296 -15.165 1.00 74.69  ? 5   DT  C N1    1 
ATOM   520 C  C2    . DT  C 3 5  ? 3.028   -12.404 -15.510 1.00 78.17  ? 5   DT  C C2    1 
ATOM   521 O  O2    . DT  C 3 5  ? 2.406   -13.452 -15.469 1.00 83.37  ? 5   DT  C O2    1 
ATOM   522 N  N3    . DT  C 3 5  ? 2.444   -11.236 -15.901 1.00 77.36  ? 5   DT  C N3    1 
ATOM   523 C  C4    . DT  C 3 5  ? 3.046   -10.003 -15.989 1.00 78.35  ? 5   DT  C C4    1 
ATOM   524 O  O4    . DT  C 3 5  ? 2.438   -9.010  -16.359 1.00 87.80  ? 5   DT  C O4    1 
ATOM   525 C  C5    . DT  C 3 5  ? 4.439   -9.962  -15.621 1.00 70.61  ? 5   DT  C C5    1 
ATOM   526 C  C7    . DT  C 3 5  ? 5.192   -8.676  -15.677 1.00 77.10  ? 5   DT  C C7    1 
ATOM   527 C  C6    . DT  C 3 5  ? 5.018   -11.095 -15.230 1.00 72.86  ? 5   DT  C C6    1 
ATOM   528 O  "O5'" . DT  D 4 1  ? -4.319  -8.488  22.928  1.00 142.17 ? 1   DT  D "O5'" 1 
ATOM   529 C  "C5'" . DT  D 4 1  ? -3.643  -9.146  21.867  1.00 132.56 ? 1   DT  D "C5'" 1 
ATOM   530 C  "C4'" . DT  D 4 1  ? -4.157  -10.562 21.695  1.00 133.51 ? 1   DT  D "C4'" 1 
ATOM   531 O  "O4'" . DT  D 4 1  ? -5.604  -10.547 21.589  1.00 138.75 ? 1   DT  D "O4'" 1 
ATOM   532 C  "C3'" . DT  D 4 1  ? -3.672  -11.271 20.439  1.00 136.06 ? 1   DT  D "C3'" 1 
ATOM   533 O  "O3'" . DT  D 4 1  ? -3.580  -12.648 20.680  1.00 133.23 ? 1   DT  D "O3'" 1 
ATOM   534 C  "C2'" . DT  D 4 1  ? -4.786  -10.976 19.454  1.00 139.78 ? 1   DT  D "C2'" 1 
ATOM   535 C  "C1'" . DT  D 4 1  ? -5.987  -11.129 20.360  1.00 137.69 ? 1   DT  D "C1'" 1 
ATOM   536 N  N1    . DT  D 4 1  ? -7.198  -10.433 19.870  1.00 146.61 ? 1   DT  D N1    1 
ATOM   537 C  C2    . DT  D 4 1  ? -8.249  -11.176 19.394  1.00 147.97 ? 1   DT  D C2    1 
ATOM   538 O  O2    . DT  D 4 1  ? -8.227  -12.394 19.334  1.00 146.36 ? 1   DT  D O2    1 
ATOM   539 N  N3    . DT  D 4 1  ? -9.328  -10.440 18.971  1.00 148.04 ? 1   DT  D N3    1 
ATOM   540 C  C4    . DT  D 4 1  ? -9.457  -9.061  18.987  1.00 147.16 ? 1   DT  D C4    1 
ATOM   541 O  O4    . DT  D 4 1  ? -10.471 -8.488  18.587  1.00 146.23 ? 1   DT  D O4    1 
ATOM   542 C  C5    . DT  D 4 1  ? -8.317  -8.343  19.506  1.00 146.69 ? 1   DT  D C5    1 
ATOM   543 C  C7    . DT  D 4 1  ? -8.334  -6.846  19.567  1.00 149.25 ? 1   DT  D C7    1 
ATOM   544 C  C6    . DT  D 4 1  ? -7.256  -9.055  19.920  1.00 147.14 ? 1   DT  D C6    1 
ATOM   545 P  P     . DC  D 4 2  ? -2.540  -13.533 19.838  1.00 158.13 ? 2   DC  D P     1 
ATOM   546 O  OP1   . DC  D 4 2  ? -2.387  -14.837 20.510  1.00 169.82 ? 2   DC  D OP1   1 
ATOM   547 O  OP2   . DC  D 4 2  ? -1.344  -12.692 19.609  1.00 158.00 ? 2   DC  D OP2   1 
ATOM   548 O  "O5'" . DC  D 4 2  ? -3.290  -13.805 18.454  1.00 143.77 ? 2   DC  D "O5'" 1 
ATOM   549 C  "C5'" . DC  D 4 2  ? -2.850  -14.855 17.614  1.00 135.22 ? 2   DC  D "C5'" 1 
ATOM   550 C  "C4'" . DC  D 4 2  ? -3.978  -15.822 17.369  1.00 131.47 ? 2   DC  D "C4'" 1 
ATOM   551 O  "O4'" . DC  D 4 2  ? -5.235  -15.138 17.629  1.00 129.97 ? 2   DC  D "O4'" 1 
ATOM   552 C  "C3'" . DC  D 4 2  ? -4.075  -16.320 15.938  1.00 138.31 ? 2   DC  D "C3'" 1 
ATOM   553 O  "O3'" . DC  D 4 2  ? -4.657  -17.612 15.911  1.00 146.05 ? 2   DC  D "O3'" 1 
ATOM   554 C  "C2'" . DC  D 4 2  ? -4.999  -15.287 15.319  1.00 141.69 ? 2   DC  D "C2'" 1 
ATOM   555 C  "C1'" . DC  D 4 2  ? -5.996  -15.100 16.446  1.00 132.64 ? 2   DC  D "C1'" 1 
ATOM   556 N  N1    . DC  D 4 2  ? -6.718  -13.809 16.371  1.00 139.23 ? 2   DC  D N1    1 
ATOM   557 C  C2    . DC  D 4 2  ? -8.046  -13.785 15.924  1.00 144.89 ? 2   DC  D C2    1 
ATOM   558 O  O2    . DC  D 4 2  ? -8.598  -14.853 15.620  1.00 142.60 ? 2   DC  D O2    1 
ATOM   559 N  N3    . DC  D 4 2  ? -8.693  -12.591 15.844  1.00 143.02 ? 2   DC  D N3    1 
ATOM   560 C  C4    . DC  D 4 2  ? -8.058  -11.464 16.179  1.00 140.17 ? 2   DC  D C4    1 
ATOM   561 N  N4    . DC  D 4 2  ? -8.734  -10.313 16.083  1.00 132.65 ? 2   DC  D N4    1 
ATOM   562 C  C5    . DC  D 4 2  ? -6.701  -11.471 16.624  1.00 139.70 ? 2   DC  D C5    1 
ATOM   563 C  C6    . DC  D 4 2  ? -6.076  -12.653 16.704  1.00 138.04 ? 2   DC  D C6    1 
ATOM   564 P  P     . DT  D 4 3  ? -4.705  -18.455 14.541  1.00 175.10 ? 3   DT  D P     1 
ATOM   565 O  OP1   . DT  D 4 3  ? -3.986  -19.725 14.780  1.00 182.61 ? 3   DT  D OP1   1 
ATOM   566 O  OP2   . DT  D 4 3  ? -4.273  -17.591 13.421  1.00 165.65 ? 3   DT  D OP2   1 
ATOM   567 O  "O5'" . DT  D 4 3  ? -6.258  -18.790 14.349  1.00 160.10 ? 3   DT  D "O5'" 1 
ATOM   568 C  "C5'" . DT  D 4 3  ? -7.226  -17.749 14.409  1.00 146.17 ? 3   DT  D "C5'" 1 
ATOM   569 C  "C4'" . DT  D 4 3  ? -7.962  -17.614 13.091  1.00 148.44 ? 3   DT  D "C4'" 1 
ATOM   570 O  "O4'" . DT  D 4 3  ? -8.512  -16.271 12.977  1.00 145.93 ? 3   DT  D "O4'" 1 
ATOM   571 C  "C3'" . DT  D 4 3  ? -7.104  -17.801 11.840  1.00 145.30 ? 3   DT  D "C3'" 1 
ATOM   572 O  "O3'" . DT  D 4 3  ? -7.917  -18.312 10.801  1.00 144.29 ? 3   DT  D "O3'" 1 
ATOM   573 C  "C2'" . DT  D 4 3  ? -6.696  -16.368 11.537  1.00 141.28 ? 3   DT  D "C2'" 1 
ATOM   574 C  "C1'" . DT  D 4 3  ? -8.021  -15.678 11.795  1.00 138.57 ? 3   DT  D "C1'" 1 
ATOM   575 N  N1    . DT  D 4 3  ? -7.929  -14.202 11.988  1.00 135.92 ? 3   DT  D N1    1 
ATOM   576 C  C2    . DT  D 4 3  ? -9.030  -13.426 11.703  1.00 138.70 ? 3   DT  D C2    1 
ATOM   577 O  O2    . DT  D 4 3  ? -10.091 -13.889 11.310  1.00 139.51 ? 3   DT  D O2    1 
ATOM   578 N  N3    . DT  D 4 3  ? -8.856  -12.083 11.908  1.00 137.46 ? 3   DT  D N3    1 
ATOM   579 C  C4    . DT  D 4 3  ? -7.711  -11.446 12.350  1.00 137.49 ? 3   DT  D C4    1 
ATOM   580 O  O4    . DT  D 4 3  ? -7.654  -10.229 12.500  1.00 134.62 ? 3   DT  D O4    1 
ATOM   581 C  C5    . DT  D 4 3  ? -6.588  -12.315 12.625  1.00 137.04 ? 3   DT  D C5    1 
ATOM   582 C  C7    . DT  D 4 3  ? -5.291  -11.737 13.114  1.00 128.94 ? 3   DT  D C7    1 
ATOM   583 C  C6    . DT  D 4 3  ? -6.748  -13.637 12.432  1.00 135.00 ? 3   DT  D C6    1 
ATOM   584 P  P     . DG  D 4 4  ? -7.525  -19.658 10.013  1.00 152.67 ? 4   DG  D P     1 
ATOM   585 O  OP1   . DG  D 4 4  ? -8.022  -20.811 10.794  1.00 154.84 ? 4   DG  D OP1   1 
ATOM   586 O  OP2   . DG  D 4 4  ? -6.086  -19.598 9.674   1.00 155.01 ? 4   DG  D OP2   1 
ATOM   587 O  "O5'" . DG  D 4 4  ? -8.395  -19.538 8.672   1.00 146.16 ? 4   DG  D "O5'" 1 
ATOM   588 C  "C5'" . DG  D 4 4  ? -9.775  -19.164 8.763   1.00 140.83 ? 4   DG  D "C5'" 1 
ATOM   589 C  "C4'" . DG  D 4 4  ? -10.129 -18.064 7.770   1.00 137.93 ? 4   DG  D "C4'" 1 
ATOM   590 O  "O4'" . DG  D 4 4  ? -9.636  -16.776 8.234   1.00 133.83 ? 4   DG  D "O4'" 1 
ATOM   591 C  "C3'" . DG  D 4 4  ? -9.573  -18.250 6.361   1.00 133.58 ? 4   DG  D "C3'" 1 
ATOM   592 O  "O3'" . DG  D 4 4  ? -10.581 -17.982 5.425   1.00 130.07 ? 4   DG  D "O3'" 1 
ATOM   593 C  "C2'" . DG  D 4 4  ? -8.462  -17.208 6.277   1.00 134.27 ? 4   DG  D "C2'" 1 
ATOM   594 C  "C1'" . DG  D 4 4  ? -9.014  -16.106 7.160   1.00 128.24 ? 4   DG  D "C1'" 1 
ATOM   595 N  N9    . DG  D 4 4  ? -7.976  -15.236 7.701   1.00 128.37 ? 4   DG  D N9    1 
ATOM   596 C  C8    . DG  D 4 4  ? -6.734  -15.620 8.141   1.00 132.34 ? 4   DG  D C8    1 
ATOM   597 N  N7    . DG  D 4 4  ? -6.005  -14.633 8.582   1.00 130.06 ? 4   DG  D N7    1 
ATOM   598 C  C5    . DG  D 4 4  ? -6.814  -13.518 8.424   1.00 126.72 ? 4   DG  D C5    1 
ATOM   599 C  C6    . DG  D 4 4  ? -6.559  -12.161 8.732   1.00 124.19 ? 4   DG  D C6    1 
ATOM   600 O  O6    . DG  D 4 4  ? -5.532  -11.667 9.219   1.00 124.88 ? 4   DG  D O6    1 
ATOM   601 N  N1    . DG  D 4 4  ? -7.647  -11.347 8.418   1.00 122.80 ? 4   DG  D N1    1 
ATOM   602 C  C2    . DG  D 4 4  ? -8.833  -11.792 7.872   1.00 124.79 ? 4   DG  D C2    1 
ATOM   603 N  N2    . DG  D 4 4  ? -9.765  -10.855 7.635   1.00 121.04 ? 4   DG  D N2    1 
ATOM   604 N  N3    . DG  D 4 4  ? -9.087  -13.066 7.577   1.00 124.93 ? 4   DG  D N3    1 
ATOM   605 C  C4    . DG  D 4 4  ? -8.035  -13.869 7.879   1.00 127.09 ? 4   DG  D C4    1 
ATOM   606 P  P     . DA  D 4 5  ? -10.581 -18.736 4.012   1.00 144.71 ? 5   DA  D P     1 
ATOM   607 O  OP1   . DA  D 4 5  ? -11.344 -19.993 4.184   1.00 138.33 ? 5   DA  D OP1   1 
ATOM   608 O  OP2   . DA  D 4 5  ? -9.182  -18.789 3.526   1.00 139.84 ? 5   DA  D OP2   1 
ATOM   609 O  "O5'" . DA  D 4 5  ? -11.404 -17.745 3.064   1.00 142.63 ? 5   DA  D "O5'" 1 
ATOM   610 C  "C5'" . DA  D 4 5  ? -12.722 -17.353 3.428   1.00 138.47 ? 5   DA  D "C5'" 1 
ATOM   611 C  "C4'" . DA  D 4 5  ? -12.994 -15.914 3.021   1.00 137.21 ? 5   DA  D "C4'" 1 
ATOM   612 O  "O4'" . DA  D 4 5  ? -12.089 -15.023 3.722   1.00 132.41 ? 5   DA  D "O4'" 1 
ATOM   613 C  "C3'" . DA  D 4 5  ? -12.815 -15.610 1.539   1.00 133.54 ? 5   DA  D "C3'" 1 
ATOM   614 O  "O3'" . DA  D 4 5  ? -13.789 -14.665 1.129   1.00 130.87 ? 5   DA  D "O3'" 1 
ATOM   615 C  "C2'" . DA  D 4 5  ? -11.407 -15.024 1.476   1.00 123.80 ? 5   DA  D "C2'" 1 
ATOM   616 C  "C1'" . DA  D 4 5  ? -11.334 -14.270 2.794   1.00 124.21 ? 5   DA  D "C1'" 1 
ATOM   617 N  N9    . DA  D 4 5  ? -9.985  -14.156 3.316   1.00 122.21 ? 5   DA  D N9    1 
ATOM   618 C  C8    . DA  D 4 5  ? -9.079  -15.164 3.467   1.00 126.89 ? 5   DA  D C8    1 
ATOM   619 N  N7    . DA  D 4 5  ? -7.934  -14.777 3.977   1.00 125.78 ? 5   DA  D N7    1 
ATOM   620 C  C5    . DA  D 4 5  ? -8.107  -13.421 4.184   1.00 121.38 ? 5   DA  D C5    1 
ATOM   621 C  C6    . DA  D 4 5  ? -7.256  -12.426 4.706   1.00 120.98 ? 5   DA  D C6    1 
ATOM   622 N  N6    . DA  D 4 5  ? -6.009  -12.674 5.131   1.00 116.23 ? 5   DA  D N6    1 
ATOM   623 N  N1    . DA  D 4 5  ? -7.740  -11.163 4.777   1.00 118.84 ? 5   DA  D N1    1 
ATOM   624 C  C2    . DA  D 4 5  ? -8.990  -10.924 4.351   1.00 115.04 ? 5   DA  D C2    1 
ATOM   625 N  N3    . DA  D 4 5  ? -9.879  -11.778 3.841   1.00 117.61 ? 5   DA  D N3    1 
ATOM   626 C  C4    . DA  D 4 5  ? -9.370  -13.021 3.785   1.00 120.84 ? 5   DA  D C4    1 
ATOM   627 P  P     . DG  D 4 6  ? -13.814 -14.150 -0.389  1.00 133.32 ? 6   DG  D P     1 
ATOM   628 O  OP1   . DG  D 4 6  ? -15.194 -13.724 -0.721  1.00 131.31 ? 6   DG  D OP1   1 
ATOM   629 O  OP2   . DG  D 4 6  ? -13.119 -15.171 -1.206  1.00 133.65 ? 6   DG  D OP2   1 
ATOM   630 O  "O5'" . DG  D 4 6  ? -12.892 -12.856 -0.353  1.00 129.98 ? 6   DG  D "O5'" 1 
ATOM   631 C  "C5'" . DG  D 4 6  ? -13.276 -11.744 0.428   1.00 124.06 ? 6   DG  D "C5'" 1 
ATOM   632 C  "C4'" . DG  D 4 6  ? -12.403 -10.557 0.095   1.00 121.23 ? 6   DG  D "C4'" 1 
ATOM   633 O  "O4'" . DG  D 4 6  ? -11.141 -10.691 0.775   1.00 116.32 ? 6   DG  D "O4'" 1 
ATOM   634 C  "C3'" . DG  D 4 6  ? -12.087 -10.405 -1.393  1.00 117.65 ? 6   DG  D "C3'" 1 
ATOM   635 O  "O3'" . DG  D 4 6  ? -12.594 -9.164  -1.854  1.00 113.33 ? 6   DG  D "O3'" 1 
ATOM   636 C  "C2'" . DG  D 4 6  ? -10.552 -10.491 -1.487  1.00 98.94  ? 6   DG  D "C2'" 1 
ATOM   637 C  "C1'" . DG  D 4 6  ? -10.101 -10.258 -0.054  1.00 100.01 ? 6   DG  D "C1'" 1 
ATOM   638 N  N9    . DG  D 4 6  ? -8.925  -11.020 0.314   1.00 102.04 ? 6   DG  D N9    1 
ATOM   639 C  C8    . DG  D 4 6  ? -8.726  -12.374 0.161   1.00 109.17 ? 6   DG  D C8    1 
ATOM   640 N  N7    . DG  D 4 6  ? -7.567  -12.782 0.605   1.00 108.55 ? 6   DG  D N7    1 
ATOM   641 C  C5    . DG  D 4 6  ? -6.970  -11.625 1.095   1.00 108.57 ? 6   DG  D C5    1 
ATOM   642 C  C6    . DG  D 4 6  ? -5.703  -11.434 1.700   1.00 105.69 ? 6   DG  D C6    1 
ATOM   643 O  O6    . DG  D 4 6  ? -4.828  -12.281 1.933   1.00 106.41 ? 6   DG  D O6    1 
ATOM   644 N  N1    . DG  D 4 6  ? -5.495  -10.095 2.047   1.00 103.78 ? 6   DG  D N1    1 
ATOM   645 C  C2    . DG  D 4 6  ? -6.399  -9.074  1.834   1.00 102.02 ? 6   DG  D C2    1 
ATOM   646 N  N2    . DG  D 4 6  ? -6.022  -7.851  2.233   1.00 101.84 ? 6   DG  D N2    1 
ATOM   647 N  N3    . DG  D 4 6  ? -7.589  -9.241  1.270   1.00 99.96  ? 6   DG  D N3    1 
ATOM   648 C  C4    . DG  D 4 6  ? -7.804  -10.535 0.926   1.00 106.16 ? 6   DG  D C4    1 
ATOM   649 P  P     . DT  D 4 7  ? -12.253 -8.643  -3.329  1.00 112.55 ? 7   DT  D P     1 
ATOM   650 O  OP1   . DT  D 4 7  ? -13.305 -7.666  -3.717  1.00 99.57  ? 7   DT  D OP1   1 
ATOM   651 O  OP2   . DT  D 4 7  ? -11.962 -9.833  -4.166  1.00 108.53 ? 7   DT  D OP2   1 
ATOM   652 O  "O5'" . DT  D 4 7  ? -10.910 -7.822  -3.099  1.00 107.86 ? 7   DT  D "O5'" 1 
ATOM   653 C  "C5'" . DT  D 4 7  ? -10.902 -6.831  -2.102  1.00 104.35 ? 7   DT  D "C5'" 1 
ATOM   654 C  "C4'" . DT  D 4 7  ? -9.627  -6.027  -2.151  1.00 98.82  ? 7   DT  D "C4'" 1 
ATOM   655 O  "O4'" . DT  D 4 7  ? -8.539  -6.796  -1.587  1.00 96.76  ? 7   DT  D "O4'" 1 
ATOM   656 C  "C3'" . DT  D 4 7  ? -9.173  -5.592  -3.540  1.00 88.71  ? 7   DT  D "C3'" 1 
ATOM   657 O  "O3'" . DT  D 4 7  ? -8.713  -4.257  -3.436  1.00 89.10  ? 7   DT  D "O3'" 1 
ATOM   658 C  "C2'" . DT  D 4 7  ? -8.036  -6.575  -3.849  1.00 75.43  ? 7   DT  D "C2'" 1 
ATOM   659 C  "C1'" . DT  D 4 7  ? -7.442  -6.756  -2.460  1.00 82.87  ? 7   DT  D "C1'" 1 
ATOM   660 N  N1    . DT  D 4 7  ? -6.654  -8.009  -2.254  1.00 85.99  ? 7   DT  D N1    1 
ATOM   661 C  C2    . DT  D 4 7  ? -5.459  -7.936  -1.570  1.00 84.86  ? 7   DT  D C2    1 
ATOM   662 O  O2    . DT  D 4 7  ? -4.995  -6.893  -1.150  1.00 88.17  ? 7   DT  D O2    1 
ATOM   663 N  N3    . DT  D 4 7  ? -4.813  -9.131  -1.407  1.00 86.71  ? 7   DT  D N3    1 
ATOM   664 C  C4    . DT  D 4 7  ? -5.237  -10.374 -1.835  1.00 92.60  ? 7   DT  D C4    1 
ATOM   665 O  O4    . DT  D 4 7  ? -4.585  -11.402 -1.633  1.00 92.75  ? 7   DT  D O4    1 
ATOM   666 C  C5    . DT  D 4 7  ? -6.505  -10.384 -2.533  1.00 87.11  ? 7   DT  D C5    1 
ATOM   667 C  C7    . DT  D 4 7  ? -7.064  -11.673 -3.043  1.00 102.28 ? 7   DT  D C7    1 
ATOM   668 C  C6    . DT  D 4 7  ? -7.151  -9.216  -2.700  1.00 82.26  ? 7   DT  D C6    1 
ATOM   669 P  P     . DG  D 4 8  ? -8.584  -3.303  -4.718  1.00 101.72 ? 8   DG  D P     1 
ATOM   670 O  OP1   . DG  D 4 8  ? -9.578  -2.205  -4.590  1.00 82.69  ? 8   DG  D OP1   1 
ATOM   671 O  OP2   . DG  D 4 8  ? -8.529  -4.167  -5.925  1.00 102.16 ? 8   DG  D OP2   1 
ATOM   672 O  "O5'" . DG  D 4 8  ? -7.154  -2.641  -4.497  1.00 72.76  ? 8   DG  D "O5'" 1 
ATOM   673 C  "C5'" . DG  D 4 8  ? -6.849  -2.118  -3.229  1.00 71.32  ? 8   DG  D "C5'" 1 
ATOM   674 C  "C4'" . DG  D 4 8  ? -5.373  -1.823  -3.097  1.00 70.50  ? 8   DG  D "C4'" 1 
ATOM   675 O  "O4'" . DG  D 4 8  ? -4.608  -3.050  -2.975  1.00 79.60  ? 8   DG  D "O4'" 1 
ATOM   676 C  "C3'" . DG  D 4 8  ? -4.774  -1.090  -4.254  1.00 62.86  ? 8   DG  D "C3'" 1 
ATOM   677 O  "O3'" . DG  D 4 8  ? -3.786  -0.263  -3.775  1.00 56.13  ? 8   DG  D "O3'" 1 
ATOM   678 C  "C2'" . DG  D 4 8  ? -4.198  -2.215  -5.126  1.00 60.35  ? 8   DG  D "C2'" 1 
ATOM   679 C  "C1'" . DG  D 4 8  ? -3.782  -3.246  -4.102  1.00 55.85  ? 8   DG  D "C1'" 1 
ATOM   680 N  N9    . DG  D 4 8  ? -3.996  -4.612  -4.533  1.00 62.27  ? 8   DG  D N9    1 
ATOM   681 C  C8    . DG  D 4 8  ? -5.055  -5.097  -5.258  1.00 66.18  ? 8   DG  D C8    1 
ATOM   682 N  N7    . DG  D 4 8  ? -4.988  -6.378  -5.473  1.00 66.32  ? 8   DG  D N7    1 
ATOM   683 C  C5    . DG  D 4 8  ? -3.821  -6.768  -4.827  1.00 64.35  ? 8   DG  D C5    1 
ATOM   684 C  C6    . DG  D 4 8  ? -3.227  -8.043  -4.702  1.00 71.95  ? 8   DG  D C6    1 
ATOM   685 O  O6    . DG  D 4 8  ? -3.627  -9.124  -5.158  1.00 79.07  ? 8   DG  D O6    1 
ATOM   686 N  N1    . DG  D 4 8  ? -2.052  -7.993  -3.959  1.00 66.67  ? 8   DG  D N1    1 
ATOM   687 C  C2    . DG  D 4 8  ? -1.520  -6.855  -3.409  1.00 66.05  ? 8   DG  D C2    1 
ATOM   688 N  N2    . DG  D 4 8  ? -0.378  -6.997  -2.725  1.00 70.81  ? 8   DG  D N2    1 
ATOM   689 N  N3    . DG  D 4 8  ? -2.067  -5.660  -3.517  1.00 70.68  ? 8   DG  D N3    1 
ATOM   690 C  C4    . DG  D 4 8  ? -3.212  -5.692  -4.235  1.00 65.98  ? 8   DG  D C4    1 
ATOM   691 P  P     . DG  D 4 9  ? -3.062  0.727   -4.787  1.00 66.06  ? 9   DG  D P     1 
ATOM   692 O  OP1   . DG  D 4 9  ? -2.820  2.022   -4.079  1.00 63.86  ? 9   DG  D OP1   1 
ATOM   693 O  OP2   . DG  D 4 9  ? -3.878  0.711   -6.019  1.00 62.59  ? 9   DG  D OP2   1 
ATOM   694 O  "O5'" . DG  D 4 9  ? -1.700  -0.027  -5.122  1.00 46.79  ? 9   DG  D "O5'" 1 
ATOM   695 C  "C5'" . DG  D 4 9  ? -0.715  -0.077  -4.132  1.00 59.43  ? 9   DG  D "C5'" 1 
ATOM   696 C  "C4'" . DG  D 4 9  ? 0.470   -0.880  -4.596  1.00 68.72  ? 9   DG  D "C4'" 1 
ATOM   697 O  "O4'" . DG  D 4 9  ? 0.080   -2.267  -4.802  1.00 73.76  ? 9   DG  D "O4'" 1 
ATOM   698 C  "C3'" . DG  D 4 9  ? 1.052   -0.428  -5.916  1.00 58.50  ? 9   DG  D "C3'" 1 
ATOM   699 O  "O3'" . DG  D 4 9  ? 2.435   -0.620  -5.879  1.00 66.14  ? 9   DG  D "O3'" 1 
ATOM   700 C  "C2'" . DG  D 4 9  ? 0.396   -1.384  -6.891  1.00 57.96  ? 9   DG  D "C2'" 1 
ATOM   701 C  "C1'" . DG  D 4 9  ? 0.483   -2.651  -6.084  1.00 59.63  ? 9   DG  D "C1'" 1 
ATOM   702 N  N9    . DG  D 4 9  ? -0.386  -3.706  -6.556  1.00 56.52  ? 9   DG  D N9    1 
ATOM   703 C  C8    . DG  D 4 9  ? -1.599  -3.565  -7.176  1.00 53.52  ? 9   DG  D C8    1 
ATOM   704 N  N7    . DG  D 4 9  ? -2.150  -4.702  -7.493  1.00 61.08  ? 9   DG  D N7    1 
ATOM   705 C  C5    . DG  D 4 9  ? -1.240  -5.661  -7.045  1.00 67.25  ? 9   DG  D C5    1 
ATOM   706 C  C6    . DG  D 4 9  ? -1.290  -7.081  -7.106  1.00 57.27  ? 9   DG  D C6    1 
ATOM   707 O  O6    . DG  D 4 9  ? -2.172  -7.791  -7.581  1.00 56.99  ? 9   DG  D O6    1 
ATOM   708 N  N1    . DG  D 4 9  ? -0.165  -7.664  -6.542  1.00 57.35  ? 9   DG  D N1    1 
ATOM   709 C  C2    . DG  D 4 9  ? 0.888   -6.962  -5.979  1.00 72.75  ? 9   DG  D C2    1 
ATOM   710 N  N2    . DG  D 4 9  ? 1.905   -7.694  -5.475  1.00 75.30  ? 9   DG  D N2    1 
ATOM   711 N  N3    . DG  D 4 9  ? 0.945   -5.633  -5.915  1.00 65.09  ? 9   DG  D N3    1 
ATOM   712 C  C4    . DG  D 4 9  ? -0.149  -5.054  -6.468  1.00 63.56  ? 9   DG  D C4    1 
ATOM   713 P  P     . DA  D 4 10 ? 3.368   0.601   -5.436  1.00 79.77  ? 10  DA  D P     1 
ATOM   714 O  OP1   . DA  D 4 10 ? 4.499   0.056   -4.647  1.00 73.34  ? 10  DA  D OP1   1 
ATOM   715 O  OP2   . DA  D 4 10 ? 2.416   1.630   -4.939  1.00 59.60  ? 10  DA  D OP2   1 
ATOM   716 O  "O5'" . DA  D 4 10 ? 3.976   1.167   -6.799  1.00 73.25  ? 10  DA  D "O5'" 1 
ATOM   717 C  "C5'" . DA  D 4 10 ? 3.260   2.126   -7.520  1.00 64.46  ? 10  DA  D "C5'" 1 
ATOM   718 C  "C4'" . DA  D 4 10 ? 4.179   3.071   -8.269  1.00 69.53  ? 10  DA  D "C4'" 1 
ATOM   719 O  "O4'" . DA  D 4 10 ? 3.383   3.897   -9.137  1.00 73.49  ? 10  DA  D "O4'" 1 
ATOM   720 C  "C3'" . DA  D 4 10 ? 4.974   4.018   -7.379  1.00 73.62  ? 10  DA  D "C3'" 1 
ATOM   721 O  "O3'" . DA  D 4 10 ? 6.336   3.713   -7.479  1.00 77.27  ? 10  DA  D "O3'" 1 
ATOM   722 C  "C2'" . DA  D 4 10 ? 4.701   5.412   -7.933  1.00 73.08  ? 10  DA  D "C2'" 1 
ATOM   723 C  "C1'" . DA  D 4 10 ? 3.435   5.242   -8.726  1.00 60.10  ? 10  DA  D "C1'" 1 
ATOM   724 N  N9    . DA  D 4 10 ? 2.248   5.556   -7.964  1.00 54.70  ? 10  DA  D N9    1 
ATOM   725 C  C8    . DA  D 4 10 ? 1.399   4.682   -7.362  1.00 58.54  ? 10  DA  D C8    1 
ATOM   726 N  N7    . DA  D 4 10 ? 0.394   5.254   -6.749  1.00 66.65  ? 10  DA  D N7    1 
ATOM   727 C  C5    . DA  D 4 10 ? 0.605   6.603   -6.952  1.00 69.26  ? 10  DA  D C5    1 
ATOM   728 C  C6    . DA  D 4 10 ? -0.108  7.745   -6.543  1.00 66.85  ? 10  DA  D C6    1 
ATOM   729 N  N6    . DA  D 4 10 ? -1.224  7.689   -5.804  1.00 58.07  ? 10  DA  D N6    1 
ATOM   730 N  N1    . DA  D 4 10 ? 0.370   8.951   -6.925  1.00 75.12  ? 10  DA  D N1    1 
ATOM   731 C  C2    . DA  D 4 10 ? 1.489   8.998   -7.666  1.00 77.66  ? 10  DA  D C2    1 
ATOM   732 N  N3    . DA  D 4 10 ? 2.249   7.991   -8.107  1.00 76.55  ? 10  DA  D N3    1 
ATOM   733 C  C4    . DA  D 4 10 ? 1.746   6.808   -7.706  1.00 74.24  ? 10  DA  D C4    1 
ATOM   734 P  P     . DG  D 4 11 ? 7.319   4.103   -6.280  1.00 86.95  ? 11  DG  D P     1 
ATOM   735 O  OP1   . DG  D 4 11 ? 8.648   3.570   -6.675  1.00 76.26  ? 11  DG  D OP1   1 
ATOM   736 O  OP2   . DG  D 4 11 ? 6.662   3.685   -5.012  1.00 77.60  ? 11  DG  D OP2   1 
ATOM   737 O  "O5'" . DG  D 4 11 ? 7.321   5.705   -6.288  1.00 69.21  ? 11  DG  D "O5'" 1 
ATOM   738 C  "C5'" . DG  D 4 11 ? 8.019   6.411   -7.302  1.00 72.94  ? 11  DG  D "C5'" 1 
ATOM   739 C  "C4'" . DG  D 4 11 ? 7.644   7.875   -7.265  1.00 79.65  ? 11  DG  D "C4'" 1 
ATOM   740 O  "O4'" . DG  D 4 11 ? 6.214   7.979   -7.268  1.00 75.05  ? 11  DG  D "O4'" 1 
ATOM   741 C  "C3'" . DG  D 4 11 ? 8.068   8.602   -6.007  1.00 101.88 ? 11  DG  D "C3'" 1 
ATOM   742 O  "O3'" . DG  D 4 11 ? 9.380   9.106   -6.155  1.00 105.66 ? 11  DG  D "O3'" 1 
ATOM   743 C  "C2'" . DG  D 4 11 ? 7.049   9.733   -5.904  1.00 99.52  ? 11  DG  D "C2'" 1 
ATOM   744 C  "C1'" . DG  D 4 11 ? 5.809   9.122   -6.545  1.00 84.95  ? 11  DG  D "C1'" 1 
ATOM   745 N  N9    . DG  D 4 11 ? 4.791   8.705   -5.598  1.00 79.37  ? 11  DG  D N9    1 
ATOM   746 C  C8    . DG  D 4 11 ? 4.554   7.430   -5.153  1.00 77.39  ? 11  DG  D C8    1 
ATOM   747 N  N7    . DG  D 4 11 ? 3.553   7.350   -4.316  1.00 81.37  ? 11  DG  D N7    1 
ATOM   748 C  C5    . DG  D 4 11 ? 3.095   8.656   -4.209  1.00 84.08  ? 11  DG  D C5    1 
ATOM   749 C  C6    . DG  D 4 11 ? 2.028   9.192   -3.441  1.00 93.42  ? 11  DG  D C6    1 
ATOM   750 O  O6    . DG  D 4 11 ? 1.243   8.596   -2.673  1.00 88.05  ? 11  DG  D O6    1 
ATOM   751 N  N1    . DG  D 4 11 ? 1.913   10.571  -3.626  1.00 95.38  ? 11  DG  D N1    1 
ATOM   752 C  C2    . DG  D 4 11 ? 2.725   11.327  -4.446  1.00 94.30  ? 11  DG  D C2    1 
ATOM   753 N  N2    . DG  D 4 11 ? 2.462   12.641  -4.491  1.00 102.82 ? 11  DG  D N2    1 
ATOM   754 N  N3    . DG  D 4 11 ? 3.727   10.836  -5.164  1.00 79.07  ? 11  DG  D N3    1 
ATOM   755 C  C4    . DG  D 4 11 ? 3.850   9.500   -4.996  1.00 83.14  ? 11  DG  D C4    1 
ATOM   756 P  P     . DT  D 4 12 ? 10.187  9.589   -4.859  1.00 106.11 ? 12  DT  D P     1 
ATOM   757 O  OP1   . DT  D 4 12 ? 11.597  9.705   -5.298  1.00 111.84 ? 12  DT  D OP1   1 
ATOM   758 O  OP2   . DT  D 4 12 ? 9.783   8.772   -3.687  1.00 96.75  ? 12  DT  D OP2   1 
ATOM   759 O  "O5'" . DT  D 4 12 ? 9.603   11.031  -4.563  1.00 97.75  ? 12  DT  D "O5'" 1 
ATOM   760 C  "C5'" . DT  D 4 12 ? 9.838   12.064  -5.472  1.00 106.10 ? 12  DT  D "C5'" 1 
ATOM   761 C  "C4'" . DT  D 4 12 ? 9.079   13.284  -5.042  1.00 110.91 ? 12  DT  D "C4'" 1 
ATOM   762 O  "O4'" . DT  D 4 12 ? 7.742   12.883  -4.643  1.00 103.63 ? 12  DT  D "O4'" 1 
ATOM   763 C  "C3'" . DT  D 4 12 ? 9.677   14.008  -3.837  1.00 120.88 ? 12  DT  D "C3'" 1 
ATOM   764 O  "O3'" . DT  D 4 12 ? 9.577   15.402  -4.033  1.00 134.98 ? 12  DT  D "O3'" 1 
ATOM   765 C  "C2'" . DT  D 4 12 ? 8.792   13.545  -2.682  1.00 113.23 ? 12  DT  D "C2'" 1 
ATOM   766 C  "C1'" . DT  D 4 12 ? 7.454   13.434  -3.384  1.00 104.00 ? 12  DT  D "C1'" 1 
ATOM   767 N  N1    . DT  D 4 12 ? 6.513   12.553  -2.704  1.00 99.08  ? 12  DT  D N1    1 
ATOM   768 C  C2    . DT  D 4 12 ? 5.408   13.097  -2.098  1.00 106.70 ? 12  DT  D C2    1 
ATOM   769 O  O2    . DT  D 4 12 ? 5.167   14.291  -2.099  1.00 106.65 ? 12  DT  D O2    1 
ATOM   770 N  N3    . DT  D 4 12 ? 4.587   12.191  -1.488  1.00 106.10 ? 12  DT  D N3    1 
ATOM   771 C  C4    . DT  D 4 12 ? 4.763   10.824  -1.420  1.00 96.67  ? 12  DT  D C4    1 
ATOM   772 O  O4    . DT  D 4 12 ? 3.968   10.091  -0.839  1.00 101.74 ? 12  DT  D O4    1 
ATOM   773 C  C5    . DT  D 4 12 ? 5.947   10.321  -2.080  1.00 91.15  ? 12  DT  D C5    1 
ATOM   774 C  C7    . DT  D 4 12 ? 6.246   8.856   -2.076  1.00 98.02  ? 12  DT  D C7    1 
ATOM   775 C  C6    . DT  D 4 12 ? 6.754   11.199  -2.683  1.00 91.12  ? 12  DT  D C6    1 
ATOM   776 P  P     . DC  D 4 13 ? 10.173  16.409  -2.942  1.00 126.67 ? 13  DC  D P     1 
ATOM   777 O  OP1   . DC  D 4 13 ? 10.477  17.684  -3.625  1.00 126.32 ? 13  DC  D OP1   1 
ATOM   778 O  OP2   . DC  D 4 13 ? 11.238  15.664  -2.232  1.00 126.89 ? 13  DC  D OP2   1 
ATOM   779 O  "O5'" . DC  D 4 13 ? 8.955   16.673  -1.949  1.00 103.72 ? 13  DC  D "O5'" 1 
ATOM   780 C  "C5'" . DC  D 4 13 ? 8.901   17.891  -1.260  1.00 120.28 ? 13  DC  D "C5'" 1 
ATOM   781 C  "C4'" . DC  D 4 13 ? 7.597   18.023  -0.524  1.00 127.72 ? 13  DC  D "C4'" 1 
ATOM   782 O  "O4'" . DC  D 4 13 ? 6.952   16.731  -0.459  1.00 116.70 ? 13  DC  D "O4'" 1 
ATOM   783 C  "C3'" . DC  D 4 13 ? 7.737   18.507  0.920   1.00 145.61 ? 13  DC  D "C3'" 1 
ATOM   784 O  "O3'" . DC  D 4 13 ? 6.876   19.602  1.145   1.00 155.68 ? 13  DC  D "O3'" 1 
ATOM   785 C  "C2'" . DC  D 4 13 ? 7.336   17.287  1.758   1.00 146.31 ? 13  DC  D "C2'" 1 
ATOM   786 C  "C1'" . DC  D 4 13 ? 6.385   16.580  0.816   1.00 129.94 ? 13  DC  D "C1'" 1 
ATOM   787 N  N1    . DC  D 4 13 ? 6.232   15.138  1.082   1.00 122.36 ? 13  DC  D N1    1 
ATOM   788 C  C2    . DC  D 4 13 ? 5.118   14.679  1.801   1.00 124.38 ? 13  DC  D C2    1 
ATOM   789 O  O2    . DC  D 4 13 ? 4.289   15.498  2.220   1.00 120.65 ? 13  DC  D O2    1 
ATOM   790 N  N3    . DC  D 4 13 ? 4.986   13.348  2.022   1.00 125.10 ? 13  DC  D N3    1 
ATOM   791 C  C4    . DC  D 4 13 ? 5.906   12.499  1.554   1.00 122.14 ? 13  DC  D C4    1 
ATOM   792 N  N4    . DC  D 4 13 ? 5.735   11.194  1.797   1.00 117.21 ? 13  DC  D N4    1 
ATOM   793 C  C5    . DC  D 4 13 ? 7.044   12.951  0.815   1.00 114.66 ? 13  DC  D C5    1 
ATOM   794 C  C6    . DC  D 4 13 ? 7.162   14.265  0.602   1.00 113.54 ? 13  DC  D C6    1 
ATOM   795 P  P     . DT  D 4 14 ? 7.209   20.646  2.317   1.00 168.64 ? 14  DT  D P     1 
ATOM   796 O  OP1   . DT  D 4 14 ? 6.495   21.906  2.003   1.00 164.80 ? 14  DT  D OP1   1 
ATOM   797 O  OP2   . DT  D 4 14 ? 8.683   20.662  2.467   1.00 162.81 ? 14  DT  D OP2   1 
ATOM   798 O  "O5'" . DT  D 4 14 ? 6.549   19.980  3.621   1.00 158.92 ? 14  DT  D "O5'" 1 
ATOM   799 C  "C5'" . DT  D 4 14 ? 5.135   19.788  3.678   1.00 157.07 ? 14  DT  D "C5'" 1 
ATOM   800 C  "C4'" . DT  D 4 14 ? 4.697   19.235  5.026   1.00 163.45 ? 14  DT  D "C4'" 1 
ATOM   801 O  "O4'" . DT  D 4 14 ? 4.681   17.782  4.980   1.00 156.68 ? 14  DT  D "O4'" 1 
ATOM   802 C  "C3'" . DT  D 4 14 ? 5.587   19.609  6.217   1.00 173.18 ? 14  DT  D "C3'" 1 
ATOM   803 O  "O3'" . DT  D 4 14 ? 4.771   19.870  7.365   1.00 176.85 ? 14  DT  D "O3'" 1 
ATOM   804 C  "C2'" . DT  D 4 14 ? 6.423   18.347  6.410   1.00 167.50 ? 14  DT  D "C2'" 1 
ATOM   805 C  "C1'" . DT  D 4 14 ? 5.385   17.286  6.094   1.00 162.66 ? 14  DT  D "C1'" 1 
ATOM   806 N  N1    . DT  D 4 14 ? 5.952   15.956  5.745   1.00 156.72 ? 14  DT  D N1    1 
ATOM   807 C  C2    . DT  D 4 14 ? 5.244   14.824  6.076   1.00 159.01 ? 14  DT  D C2    1 
ATOM   808 O  O2    . DT  D 4 14 ? 4.168   14.854  6.649   1.00 174.33 ? 14  DT  D O2    1 
ATOM   809 N  N3    . DT  D 4 14 ? 5.842   13.646  5.711   1.00 154.43 ? 14  DT  D N3    1 
ATOM   810 C  C4    . DT  D 4 14 ? 7.053   13.490  5.061   1.00 149.20 ? 14  DT  D C4    1 
ATOM   811 O  O4    . DT  D 4 14 ? 7.507   12.385  4.775   1.00 144.69 ? 14  DT  D O4    1 
ATOM   812 C  C5    . DT  D 4 14 ? 7.745   14.719  4.742   1.00 151.58 ? 14  DT  D C5    1 
ATOM   813 C  C7    . DT  D 4 14 ? 9.068   14.676  4.035   1.00 165.52 ? 14  DT  D C7    1 
ATOM   814 C  C6    . DT  D 4 14 ? 7.168   15.881  5.096   1.00 153.90 ? 14  DT  D C6    1 
ATOM   815 P  P     . DG  D 4 15 ? 4.590   21.371  7.916   1.00 185.14 ? 15  DG  D P     1 
ATOM   816 O  OP1   . DG  D 4 15 ? 3.390   21.959  7.278   1.00 182.02 ? 15  DG  D OP1   1 
ATOM   817 O  OP2   . DG  D 4 15 ? 5.903   22.042  7.785   1.00 180.53 ? 15  DG  D OP2   1 
ATOM   818 O  "O5'" . DG  D 4 15 ? 4.249   21.177  9.470   1.00 186.94 ? 15  DG  D "O5'" 1 
ATOM   819 C  "C5'" . DG  D 4 15 ? 2.960   20.716  9.876   1.00 185.66 ? 15  DG  D "C5'" 1 
ATOM   820 C  "C4'" . DG  D 4 15 ? 3.094   19.519  10.798  1.00 186.09 ? 15  DG  D "C4'" 1 
ATOM   821 O  "O4'" . DG  D 4 15 ? 3.686   18.435  10.063  1.00 179.07 ? 15  DG  D "O4'" 1 
ATOM   822 C  "C3'" . DG  D 4 15 ? 4.013   19.744  11.999  1.00 186.51 ? 15  DG  D "C3'" 1 
ATOM   823 O  "O3'" . DG  D 4 15 ? 3.267   19.999  13.223  1.00 197.83 ? 15  DG  D "O3'" 1 
ATOM   824 C  "C2'" . DG  D 4 15 ? 4.873   18.472  12.092  1.00 175.87 ? 15  DG  D "C2'" 1 
ATOM   825 C  "C1'" . DG  D 4 15 ? 4.351   17.589  10.959  1.00 173.24 ? 15  DG  D "C1'" 1 
ATOM   826 N  N9    . DG  D 4 15 ? 5.411   16.891  10.239  1.00 170.89 ? 15  DG  D N9    1 
ATOM   827 C  C8    . DG  D 4 15 ? 6.520   17.450  9.647   1.00 169.72 ? 15  DG  D C8    1 
ATOM   828 N  N7    . DG  D 4 15 ? 7.303   16.575  9.076   1.00 163.90 ? 15  DG  D N7    1 
ATOM   829 C  C5    . DG  D 4 15 ? 6.675   15.356  9.306   1.00 167.14 ? 15  DG  D C5    1 
ATOM   830 C  C6    . DG  D 4 15 ? 7.054   14.043  8.923   1.00 161.60 ? 15  DG  D C6    1 
ATOM   831 O  O6    . DG  D 4 15 ? 8.058   13.688  8.284   1.00 158.19 ? 15  DG  D O6    1 
ATOM   832 N  N1    . DG  D 4 15 ? 6.129   13.090  9.360   1.00 161.12 ? 15  DG  D N1    1 
ATOM   833 C  C2    . DG  D 4 15 ? 4.982   13.370  10.076  1.00 163.16 ? 15  DG  D C2    1 
ATOM   834 N  N2    . DG  D 4 15 ? 4.213   12.318  10.410  1.00 152.16 ? 15  DG  D N2    1 
ATOM   835 N  N3    . DG  D 4 15 ? 4.617   14.595  10.439  1.00 169.08 ? 15  DG  D N3    1 
ATOM   836 C  C4    . DG  D 4 15 ? 5.505   15.535  10.018  1.00 170.65 ? 15  DG  D C4    1 
ATOM   837 P  P     . DC  D 4 16 ? 1.909   19.215  13.609  1.00 211.28 ? 16  DC  D P     1 
ATOM   838 O  OP1   . DC  D 4 16 ? 0.800   19.704  12.761  1.00 214.77 ? 16  DC  D OP1   1 
ATOM   839 O  OP2   . DC  D 4 16 ? 1.767   19.335  15.075  1.00 218.13 ? 16  DC  D OP2   1 
ATOM   840 O  "O5'" . DC  D 4 16 ? 2.208   17.672  13.312  1.00 186.72 ? 16  DC  D "O5'" 1 
ATOM   841 C  "C5'" . DC  D 4 16 ? 1.153   16.721  13.408  1.00 184.80 ? 16  DC  D "C5'" 1 
ATOM   842 C  "C4'" . DC  D 4 16 ? 1.442   15.688  14.481  1.00 175.49 ? 16  DC  D "C4'" 1 
ATOM   843 O  "O4'" . DC  D 4 16 ? 2.424   14.741  13.989  1.00 171.18 ? 16  DC  D "O4'" 1 
ATOM   844 C  "C3'" . DC  D 4 16 ? 1.999   16.249  15.786  1.00 170.78 ? 16  DC  D "C3'" 1 
ATOM   845 O  "O3'" . DC  D 4 16 ? 1.413   15.580  16.892  1.00 166.30 ? 16  DC  D "O3'" 1 
ATOM   846 C  "C2'" . DC  D 4 16 ? 3.493   15.961  15.682  1.00 164.06 ? 16  DC  D "C2'" 1 
ATOM   847 C  "C1'" . DC  D 4 16 ? 3.515   14.670  14.877  1.00 162.60 ? 16  DC  D "C1'" 1 
ATOM   848 N  N1    . DC  D 4 16 ? 4.752   14.506  14.076  1.00 162.04 ? 16  DC  D N1    1 
ATOM   849 C  C2    . DC  D 4 16 ? 5.179   13.226  13.698  1.00 156.17 ? 16  DC  D C2    1 
ATOM   850 O  O2    . DC  D 4 16 ? 4.510   12.240  14.039  1.00 146.58 ? 16  DC  D O2    1 
ATOM   851 N  N3    . DC  D 4 16 ? 6.320   13.105  12.966  1.00 158.33 ? 16  DC  D N3    1 
ATOM   852 C  C4    . DC  D 4 16 ? 7.013   14.198  12.618  1.00 159.74 ? 16  DC  D C4    1 
ATOM   853 N  N4    . DC  D 4 16 ? 8.131   14.033  11.896  1.00 152.22 ? 16  DC  D N4    1 
ATOM   854 C  C5    . DC  D 4 16 ? 6.588   15.505  12.995  1.00 161.87 ? 16  DC  D C5    1 
ATOM   855 C  C6    . DC  D 4 16 ? 5.464   15.610  13.713  1.00 162.93 ? 16  DC  D C6    1 
HETATM 856 AS AS    . CAC E 5 .  ? 1.646   -4.654  -15.749 1.00 210.13 ? 101 CAC C AS    1 
HETATM 857 AS AS    . CAC F 5 .  ? 1.567   4.788   -1.673  1.00 106.99 ? 101 CAC D AS    1 
HETATM 858 AS AS    . CAC G 5 .  ? -5.652  -6.162  -10.181 1.00 183.80 ? 102 CAC D AS    1 
# 
loop_
_pdbx_poly_seq_scheme.asym_id 
_pdbx_poly_seq_scheme.entity_id 
_pdbx_poly_seq_scheme.seq_id 
_pdbx_poly_seq_scheme.mon_id 
_pdbx_poly_seq_scheme.ndb_seq_num 
_pdbx_poly_seq_scheme.pdb_seq_num 
_pdbx_poly_seq_scheme.auth_seq_num 
_pdbx_poly_seq_scheme.pdb_mon_id 
_pdbx_poly_seq_scheme.auth_mon_id 
_pdbx_poly_seq_scheme.pdb_strand_id 
_pdbx_poly_seq_scheme.pdb_ins_code 
_pdbx_poly_seq_scheme.hetero 
A 1 1  DG 1  1  1  DG DG A . n 
A 1 2  DA 2  2  2  DA DA A . n 
A 1 3  DG 3  3  3  DG DG A . n 
A 1 4  DC 4  4  4  DC DC A . n 
A 1 5  DA 5  5  5  DA DA A . n 
A 1 6  DG 6  6  6  DG DG A . n 
A 1 7  DA 7  7  7  DA DA A . n 
A 1 8  DC 8  8  8  DC DC A . n 
A 1 9  DT 9  9  9  DT DT A . n 
A 1 10 DA 10 10 10 DA DA A . n 
A 1 11 DG 11 11 11 DG DG A . n 
B 2 1  DA 1  12 12 DA DA B . n 
B 2 2  DC 2  13 13 DC DC B . n 
B 2 3  DA 3  14 14 DA DA B . n 
B 2 4  DC 4  15 15 DC DC B . n 
B 2 5  DC 5  16 16 DC DC B . n 
B 2 6  DA 6  17 17 DA DA B . n 
B 2 7  DC 7  18 18 DC DC B . n 
B 2 8  DT 8  19 19 DT DT B . n 
B 2 9  DC 9  20 20 DC DC B . n 
B 2 10 DA 10 21 21 DA DA B . n 
C 3 1  DC 1  1  1  DC DC C . n 
C 3 2  DT 2  2  2  DT DT C . n 
C 3 3  DT 3  3  3  DT DT C . n 
C 3 4  DG 4  4  4  DG DG C . n 
C 3 5  DT 5  5  5  DT DT C . n 
D 4 1  DT 1  1  1  DT DT D . n 
D 4 2  DC 2  2  2  DC DC D . n 
D 4 3  DT 3  3  3  DT DT D . n 
D 4 4  DG 4  4  4  DG DG D . n 
D 4 5  DA 5  5  5  DA DA D . n 
D 4 6  DG 6  6  6  DG DG D . n 
D 4 7  DT 7  7  7  DT DT D . n 
D 4 8  DG 8  8  8  DG DG D . n 
D 4 9  DG 9  9  9  DG DG D . n 
D 4 10 DA 10 10 10 DA DA D . n 
D 4 11 DG 11 11 11 DG DG D . n 
D 4 12 DT 12 12 12 DT DT D . n 
D 4 13 DC 13 13 13 DC DC D . n 
D 4 14 DT 14 14 14 DT DT D . n 
D 4 15 DG 15 15 15 DG DG D . n 
D 4 16 DC 16 16 16 DC DC D . n 
# 
loop_
_pdbx_nonpoly_scheme.asym_id 
_pdbx_nonpoly_scheme.entity_id 
_pdbx_nonpoly_scheme.mon_id 
_pdbx_nonpoly_scheme.ndb_seq_num 
_pdbx_nonpoly_scheme.pdb_seq_num 
_pdbx_nonpoly_scheme.auth_seq_num 
_pdbx_nonpoly_scheme.pdb_mon_id 
_pdbx_nonpoly_scheme.auth_mon_id 
_pdbx_nonpoly_scheme.pdb_strand_id 
_pdbx_nonpoly_scheme.pdb_ins_code 
E 5 CAC 1 101 2 CAC AS C . 
F 5 CAC 1 101 1 CAC AS D . 
G 5 CAC 1 102 3 CAC AS D . 
# 
_pdbx_struct_assembly.id                   1 
_pdbx_struct_assembly.details              author_and_software_defined_assembly 
_pdbx_struct_assembly.method_details       PISA 
_pdbx_struct_assembly.oligomeric_details   tetrameric 
_pdbx_struct_assembly.oligomeric_count     4 
# 
_pdbx_struct_assembly_gen.assembly_id       1 
_pdbx_struct_assembly_gen.oper_expression   1 
_pdbx_struct_assembly_gen.asym_id_list      A,B,C,D,E,F,G 
# 
loop_
_pdbx_struct_assembly_prop.biol_id 
_pdbx_struct_assembly_prop.type 
_pdbx_struct_assembly_prop.value 
_pdbx_struct_assembly_prop.details 
1 'ABSA (A^2)' 2730 ? 
1 MORE         -20  ? 
1 'SSA (A^2)'  7930 ? 
# 
_pdbx_struct_oper_list.id                   1 
_pdbx_struct_oper_list.type                 'identity operation' 
_pdbx_struct_oper_list.name                 1_555 
_pdbx_struct_oper_list.symmetry_operation   x,y,z 
_pdbx_struct_oper_list.matrix[1][1]         1.0000000000 
_pdbx_struct_oper_list.matrix[1][2]         0.0000000000 
_pdbx_struct_oper_list.matrix[1][3]         0.0000000000 
_pdbx_struct_oper_list.vector[1]            0.0000000000 
_pdbx_struct_oper_list.matrix[2][1]         0.0000000000 
_pdbx_struct_oper_list.matrix[2][2]         1.0000000000 
_pdbx_struct_oper_list.matrix[2][3]         0.0000000000 
_pdbx_struct_oper_list.vector[2]            0.0000000000 
_pdbx_struct_oper_list.matrix[3][1]         0.0000000000 
_pdbx_struct_oper_list.matrix[3][2]         0.0000000000 
_pdbx_struct_oper_list.matrix[3][3]         1.0000000000 
_pdbx_struct_oper_list.vector[3]            0.0000000000 
# 
loop_
_pdbx_audit_revision_history.ordinal 
_pdbx_audit_revision_history.data_content_type 
_pdbx_audit_revision_history.major_revision 
_pdbx_audit_revision_history.minor_revision 
_pdbx_audit_revision_history.revision_date 
1 'Structure model' 1 0 2021-07-14 
2 'Structure model' 1 1 2022-07-06 
3 'Structure model' 1 2 2023-10-18 
# 
_pdbx_audit_revision_details.ordinal             1 
_pdbx_audit_revision_details.revision_ordinal    1 
_pdbx_audit_revision_details.data_content_type   'Structure model' 
_pdbx_audit_revision_details.provider            repository 
_pdbx_audit_revision_details.type                'Initial release' 
_pdbx_audit_revision_details.description         ? 
_pdbx_audit_revision_details.details             ? 
# 
loop_
_pdbx_audit_revision_group.ordinal 
_pdbx_audit_revision_group.revision_ordinal 
_pdbx_audit_revision_group.data_content_type 
_pdbx_audit_revision_group.group 
1 2 'Structure model' 'Database references'    
2 3 'Structure model' 'Data collection'        
3 3 'Structure model' 'Refinement description' 
# 
loop_
_pdbx_audit_revision_category.ordinal 
_pdbx_audit_revision_category.revision_ordinal 
_pdbx_audit_revision_category.data_content_type 
_pdbx_audit_revision_category.category 
1 2 'Structure model' citation                      
2 2 'Structure model' citation_author               
3 2 'Structure model' database_2                    
4 3 'Structure model' chem_comp_atom                
5 3 'Structure model' chem_comp_bond                
6 3 'Structure model' pdbx_initial_refinement_model 
# 
loop_
_pdbx_audit_revision_item.ordinal 
_pdbx_audit_revision_item.revision_ordinal 
_pdbx_audit_revision_item.data_content_type 
_pdbx_audit_revision_item.item 
1  2 'Structure model' '_citation.country'                   
2  2 'Structure model' '_citation.journal_abbrev'            
3  2 'Structure model' '_citation.journal_id_CSD'            
4  2 'Structure model' '_citation.journal_id_ISSN'           
5  2 'Structure model' '_citation.journal_volume'            
6  2 'Structure model' '_citation.page_first'                
7  2 'Structure model' '_citation.page_last'                 
8  2 'Structure model' '_citation.pdbx_database_id_DOI'      
9  2 'Structure model' '_citation.pdbx_database_id_PubMed'   
10 2 'Structure model' '_citation.title'                     
11 2 'Structure model' '_citation.year'                      
12 2 'Structure model' '_database_2.pdbx_DOI'                
13 2 'Structure model' '_database_2.pdbx_database_accession' 
# 
loop_
_software.citation_id 
_software.classification 
_software.compiler_name 
_software.compiler_version 
_software.contact_author 
_software.contact_author_email 
_software.date 
_software.description 
_software.dependencies 
_software.hardware 
_software.language 
_software.location 
_software.mods 
_software.name 
_software.os 
_software.os_version 
_software.type 
_software.version 
_software.pdbx_ordinal 
? 'data reduction'  ? ? ? ? ? ? ? ? ? ? ? HKL-2000    ? ? ? .           1 
? 'data scaling'    ? ? ? ? ? ? ? ? ? ? ? HKL-2000    ? ? ? .           2 
? refinement        ? ? ? ? ? ? ? ? ? ? ? PHENIX      ? ? ? 1.11.1_2575 3 
? 'data extraction' ? ? ? ? ? ? ? ? ? ? ? PDB_EXTRACT ? ? ? 3.25        4 
? phasing           ? ? ? ? ? ? ? ? ? ? ? PHASER      ? ? ? .           5 
# 
_pdbx_entry_details.entry_id                 6XGJ 
_pdbx_entry_details.has_ligand_of_interest   N 
_pdbx_entry_details.compound_details         ? 
_pdbx_entry_details.source_details           ? 
_pdbx_entry_details.nonpolymer_details       ? 
_pdbx_entry_details.sequence_details         ? 
# 
_pdbx_validate_rmsd_bond.id                        1 
_pdbx_validate_rmsd_bond.PDB_model_num             1 
_pdbx_validate_rmsd_bond.auth_atom_id_1            "O3'" 
_pdbx_validate_rmsd_bond.auth_asym_id_1            D 
_pdbx_validate_rmsd_bond.auth_comp_id_1            DG 
_pdbx_validate_rmsd_bond.auth_seq_id_1             8 
_pdbx_validate_rmsd_bond.PDB_ins_code_1            ? 
_pdbx_validate_rmsd_bond.label_alt_id_1            ? 
_pdbx_validate_rmsd_bond.auth_atom_id_2            "C3'" 
_pdbx_validate_rmsd_bond.auth_asym_id_2            D 
_pdbx_validate_rmsd_bond.auth_comp_id_2            DG 
_pdbx_validate_rmsd_bond.auth_seq_id_2             8 
_pdbx_validate_rmsd_bond.PDB_ins_code_2            ? 
_pdbx_validate_rmsd_bond.label_alt_id_2            ? 
_pdbx_validate_rmsd_bond.bond_value                1.375 
_pdbx_validate_rmsd_bond.bond_target_value         1.419 
_pdbx_validate_rmsd_bond.bond_deviation            -0.044 
_pdbx_validate_rmsd_bond.bond_standard_deviation   0.006 
_pdbx_validate_rmsd_bond.linker_flag               N 
# 
_pdbx_validate_rmsd_angle.id                         1 
_pdbx_validate_rmsd_angle.PDB_model_num              1 
_pdbx_validate_rmsd_angle.auth_atom_id_1             "O4'" 
_pdbx_validate_rmsd_angle.auth_asym_id_1             A 
_pdbx_validate_rmsd_angle.auth_comp_id_1             DT 
_pdbx_validate_rmsd_angle.auth_seq_id_1              9 
_pdbx_validate_rmsd_angle.PDB_ins_code_1             ? 
_pdbx_validate_rmsd_angle.label_alt_id_1             ? 
_pdbx_validate_rmsd_angle.auth_atom_id_2             "C1'" 
_pdbx_validate_rmsd_angle.auth_asym_id_2             A 
_pdbx_validate_rmsd_angle.auth_comp_id_2             DT 
_pdbx_validate_rmsd_angle.auth_seq_id_2              9 
_pdbx_validate_rmsd_angle.PDB_ins_code_2             ? 
_pdbx_validate_rmsd_angle.label_alt_id_2             ? 
_pdbx_validate_rmsd_angle.auth_atom_id_3             N1 
_pdbx_validate_rmsd_angle.auth_asym_id_3             A 
_pdbx_validate_rmsd_angle.auth_comp_id_3             DT 
_pdbx_validate_rmsd_angle.auth_seq_id_3              9 
_pdbx_validate_rmsd_angle.PDB_ins_code_3             ? 
_pdbx_validate_rmsd_angle.label_alt_id_3             ? 
_pdbx_validate_rmsd_angle.angle_value                111.44 
_pdbx_validate_rmsd_angle.angle_target_value         108.30 
_pdbx_validate_rmsd_angle.angle_deviation            3.14 
_pdbx_validate_rmsd_angle.angle_standard_deviation   0.30 
_pdbx_validate_rmsd_angle.linker_flag                N 
# 
loop_
_pdbx_unobs_or_zero_occ_atoms.id 
_pdbx_unobs_or_zero_occ_atoms.PDB_model_num 
_pdbx_unobs_or_zero_occ_atoms.polymer_flag 
_pdbx_unobs_or_zero_occ_atoms.occupancy_flag 
_pdbx_unobs_or_zero_occ_atoms.auth_asym_id 
_pdbx_unobs_or_zero_occ_atoms.auth_comp_id 
_pdbx_unobs_or_zero_occ_atoms.auth_seq_id 
_pdbx_unobs_or_zero_occ_atoms.PDB_ins_code 
_pdbx_unobs_or_zero_occ_atoms.auth_atom_id 
_pdbx_unobs_or_zero_occ_atoms.label_alt_id 
_pdbx_unobs_or_zero_occ_atoms.label_asym_id 
_pdbx_unobs_or_zero_occ_atoms.label_comp_id 
_pdbx_unobs_or_zero_occ_atoms.label_seq_id 
_pdbx_unobs_or_zero_occ_atoms.label_atom_id 
1  1 N 1 C CAC 101 ? O1 ? E CAC 1 O1 
2  1 N 1 C CAC 101 ? O2 ? E CAC 1 O2 
3  1 N 1 C CAC 101 ? C1 ? E CAC 1 C1 
4  1 N 1 C CAC 101 ? C2 ? E CAC 1 C2 
5  1 N 1 D CAC 101 ? O1 ? F CAC 1 O1 
6  1 N 1 D CAC 101 ? O2 ? F CAC 1 O2 
7  1 N 1 D CAC 101 ? C1 ? F CAC 1 C1 
8  1 N 1 D CAC 101 ? C2 ? F CAC 1 C2 
9  1 N 1 D CAC 102 ? O1 ? G CAC 1 O1 
10 1 N 1 D CAC 102 ? O2 ? G CAC 1 O2 
11 1 N 1 D CAC 102 ? C1 ? G CAC 1 C1 
12 1 N 1 D CAC 102 ? C2 ? G CAC 1 C2 
# 
loop_
_chem_comp_atom.comp_id 
_chem_comp_atom.atom_id 
_chem_comp_atom.type_symbol 
_chem_comp_atom.pdbx_aromatic_flag 
_chem_comp_atom.pdbx_stereo_config 
_chem_comp_atom.pdbx_ordinal 
CAC AS     AS N N 1   
CAC O1     O  N N 2   
CAC O2     O  N N 3   
CAC C1     C  N N 4   
CAC C2     C  N N 5   
CAC H11    H  N N 6   
CAC H12    H  N N 7   
CAC H13    H  N N 8   
CAC H21    H  N N 9   
CAC H22    H  N N 10  
CAC H23    H  N N 11  
DA  OP3    O  N N 12  
DA  P      P  N N 13  
DA  OP1    O  N N 14  
DA  OP2    O  N N 15  
DA  "O5'"  O  N N 16  
DA  "C5'"  C  N N 17  
DA  "C4'"  C  N R 18  
DA  "O4'"  O  N N 19  
DA  "C3'"  C  N S 20  
DA  "O3'"  O  N N 21  
DA  "C2'"  C  N N 22  
DA  "C1'"  C  N R 23  
DA  N9     N  Y N 24  
DA  C8     C  Y N 25  
DA  N7     N  Y N 26  
DA  C5     C  Y N 27  
DA  C6     C  Y N 28  
DA  N6     N  N N 29  
DA  N1     N  Y N 30  
DA  C2     C  Y N 31  
DA  N3     N  Y N 32  
DA  C4     C  Y N 33  
DA  HOP3   H  N N 34  
DA  HOP2   H  N N 35  
DA  "H5'"  H  N N 36  
DA  "H5''" H  N N 37  
DA  "H4'"  H  N N 38  
DA  "H3'"  H  N N 39  
DA  "HO3'" H  N N 40  
DA  "H2'"  H  N N 41  
DA  "H2''" H  N N 42  
DA  "H1'"  H  N N 43  
DA  H8     H  N N 44  
DA  H61    H  N N 45  
DA  H62    H  N N 46  
DA  H2     H  N N 47  
DC  OP3    O  N N 48  
DC  P      P  N N 49  
DC  OP1    O  N N 50  
DC  OP2    O  N N 51  
DC  "O5'"  O  N N 52  
DC  "C5'"  C  N N 53  
DC  "C4'"  C  N R 54  
DC  "O4'"  O  N N 55  
DC  "C3'"  C  N S 56  
DC  "O3'"  O  N N 57  
DC  "C2'"  C  N N 58  
DC  "C1'"  C  N R 59  
DC  N1     N  N N 60  
DC  C2     C  N N 61  
DC  O2     O  N N 62  
DC  N3     N  N N 63  
DC  C4     C  N N 64  
DC  N4     N  N N 65  
DC  C5     C  N N 66  
DC  C6     C  N N 67  
DC  HOP3   H  N N 68  
DC  HOP2   H  N N 69  
DC  "H5'"  H  N N 70  
DC  "H5''" H  N N 71  
DC  "H4'"  H  N N 72  
DC  "H3'"  H  N N 73  
DC  "HO3'" H  N N 74  
DC  "H2'"  H  N N 75  
DC  "H2''" H  N N 76  
DC  "H1'"  H  N N 77  
DC  H41    H  N N 78  
DC  H42    H  N N 79  
DC  H5     H  N N 80  
DC  H6     H  N N 81  
DG  OP3    O  N N 82  
DG  P      P  N N 83  
DG  OP1    O  N N 84  
DG  OP2    O  N N 85  
DG  "O5'"  O  N N 86  
DG  "C5'"  C  N N 87  
DG  "C4'"  C  N R 88  
DG  "O4'"  O  N N 89  
DG  "C3'"  C  N S 90  
DG  "O3'"  O  N N 91  
DG  "C2'"  C  N N 92  
DG  "C1'"  C  N R 93  
DG  N9     N  Y N 94  
DG  C8     C  Y N 95  
DG  N7     N  Y N 96  
DG  C5     C  Y N 97  
DG  C6     C  N N 98  
DG  O6     O  N N 99  
DG  N1     N  N N 100 
DG  C2     C  N N 101 
DG  N2     N  N N 102 
DG  N3     N  N N 103 
DG  C4     C  Y N 104 
DG  HOP3   H  N N 105 
DG  HOP2   H  N N 106 
DG  "H5'"  H  N N 107 
DG  "H5''" H  N N 108 
DG  "H4'"  H  N N 109 
DG  "H3'"  H  N N 110 
DG  "HO3'" H  N N 111 
DG  "H2'"  H  N N 112 
DG  "H2''" H  N N 113 
DG  "H1'"  H  N N 114 
DG  H8     H  N N 115 
DG  H1     H  N N 116 
DG  H21    H  N N 117 
DG  H22    H  N N 118 
DT  OP3    O  N N 119 
DT  P      P  N N 120 
DT  OP1    O  N N 121 
DT  OP2    O  N N 122 
DT  "O5'"  O  N N 123 
DT  "C5'"  C  N N 124 
DT  "C4'"  C  N R 125 
DT  "O4'"  O  N N 126 
DT  "C3'"  C  N S 127 
DT  "O3'"  O  N N 128 
DT  "C2'"  C  N N 129 
DT  "C1'"  C  N R 130 
DT  N1     N  N N 131 
DT  C2     C  N N 132 
DT  O2     O  N N 133 
DT  N3     N  N N 134 
DT  C4     C  N N 135 
DT  O4     O  N N 136 
DT  C5     C  N N 137 
DT  C7     C  N N 138 
DT  C6     C  N N 139 
DT  HOP3   H  N N 140 
DT  HOP2   H  N N 141 
DT  "H5'"  H  N N 142 
DT  "H5''" H  N N 143 
DT  "H4'"  H  N N 144 
DT  "H3'"  H  N N 145 
DT  "HO3'" H  N N 146 
DT  "H2'"  H  N N 147 
DT  "H2''" H  N N 148 
DT  "H1'"  H  N N 149 
DT  H3     H  N N 150 
DT  H71    H  N N 151 
DT  H72    H  N N 152 
DT  H73    H  N N 153 
DT  H6     H  N N 154 
# 
loop_
_chem_comp_bond.comp_id 
_chem_comp_bond.atom_id_1 
_chem_comp_bond.atom_id_2 
_chem_comp_bond.value_order 
_chem_comp_bond.pdbx_aromatic_flag 
_chem_comp_bond.pdbx_stereo_config 
_chem_comp_bond.pdbx_ordinal 
CAC AS    O1     doub N N 1   
CAC AS    O2     sing N N 2   
CAC AS    C1     sing N N 3   
CAC AS    C2     sing N N 4   
CAC C1    H11    sing N N 5   
CAC C1    H12    sing N N 6   
CAC C1    H13    sing N N 7   
CAC C2    H21    sing N N 8   
CAC C2    H22    sing N N 9   
CAC C2    H23    sing N N 10  
DA  OP3   P      sing N N 11  
DA  OP3   HOP3   sing N N 12  
DA  P     OP1    doub N N 13  
DA  P     OP2    sing N N 14  
DA  P     "O5'"  sing N N 15  
DA  OP2   HOP2   sing N N 16  
DA  "O5'" "C5'"  sing N N 17  
DA  "C5'" "C4'"  sing N N 18  
DA  "C5'" "H5'"  sing N N 19  
DA  "C5'" "H5''" sing N N 20  
DA  "C4'" "O4'"  sing N N 21  
DA  "C4'" "C3'"  sing N N 22  
DA  "C4'" "H4'"  sing N N 23  
DA  "O4'" "C1'"  sing N N 24  
DA  "C3'" "O3'"  sing N N 25  
DA  "C3'" "C2'"  sing N N 26  
DA  "C3'" "H3'"  sing N N 27  
DA  "O3'" "HO3'" sing N N 28  
DA  "C2'" "C1'"  sing N N 29  
DA  "C2'" "H2'"  sing N N 30  
DA  "C2'" "H2''" sing N N 31  
DA  "C1'" N9     sing N N 32  
DA  "C1'" "H1'"  sing N N 33  
DA  N9    C8     sing Y N 34  
DA  N9    C4     sing Y N 35  
DA  C8    N7     doub Y N 36  
DA  C8    H8     sing N N 37  
DA  N7    C5     sing Y N 38  
DA  C5    C6     sing Y N 39  
DA  C5    C4     doub Y N 40  
DA  C6    N6     sing N N 41  
DA  C6    N1     doub Y N 42  
DA  N6    H61    sing N N 43  
DA  N6    H62    sing N N 44  
DA  N1    C2     sing Y N 45  
DA  C2    N3     doub Y N 46  
DA  C2    H2     sing N N 47  
DA  N3    C4     sing Y N 48  
DC  OP3   P      sing N N 49  
DC  OP3   HOP3   sing N N 50  
DC  P     OP1    doub N N 51  
DC  P     OP2    sing N N 52  
DC  P     "O5'"  sing N N 53  
DC  OP2   HOP2   sing N N 54  
DC  "O5'" "C5'"  sing N N 55  
DC  "C5'" "C4'"  sing N N 56  
DC  "C5'" "H5'"  sing N N 57  
DC  "C5'" "H5''" sing N N 58  
DC  "C4'" "O4'"  sing N N 59  
DC  "C4'" "C3'"  sing N N 60  
DC  "C4'" "H4'"  sing N N 61  
DC  "O4'" "C1'"  sing N N 62  
DC  "C3'" "O3'"  sing N N 63  
DC  "C3'" "C2'"  sing N N 64  
DC  "C3'" "H3'"  sing N N 65  
DC  "O3'" "HO3'" sing N N 66  
DC  "C2'" "C1'"  sing N N 67  
DC  "C2'" "H2'"  sing N N 68  
DC  "C2'" "H2''" sing N N 69  
DC  "C1'" N1     sing N N 70  
DC  "C1'" "H1'"  sing N N 71  
DC  N1    C2     sing N N 72  
DC  N1    C6     sing N N 73  
DC  C2    O2     doub N N 74  
DC  C2    N3     sing N N 75  
DC  N3    C4     doub N N 76  
DC  C4    N4     sing N N 77  
DC  C4    C5     sing N N 78  
DC  N4    H41    sing N N 79  
DC  N4    H42    sing N N 80  
DC  C5    C6     doub N N 81  
DC  C5    H5     sing N N 82  
DC  C6    H6     sing N N 83  
DG  OP3   P      sing N N 84  
DG  OP3   HOP3   sing N N 85  
DG  P     OP1    doub N N 86  
DG  P     OP2    sing N N 87  
DG  P     "O5'"  sing N N 88  
DG  OP2   HOP2   sing N N 89  
DG  "O5'" "C5'"  sing N N 90  
DG  "C5'" "C4'"  sing N N 91  
DG  "C5'" "H5'"  sing N N 92  
DG  "C5'" "H5''" sing N N 93  
DG  "C4'" "O4'"  sing N N 94  
DG  "C4'" "C3'"  sing N N 95  
DG  "C4'" "H4'"  sing N N 96  
DG  "O4'" "C1'"  sing N N 97  
DG  "C3'" "O3'"  sing N N 98  
DG  "C3'" "C2'"  sing N N 99  
DG  "C3'" "H3'"  sing N N 100 
DG  "O3'" "HO3'" sing N N 101 
DG  "C2'" "C1'"  sing N N 102 
DG  "C2'" "H2'"  sing N N 103 
DG  "C2'" "H2''" sing N N 104 
DG  "C1'" N9     sing N N 105 
DG  "C1'" "H1'"  sing N N 106 
DG  N9    C8     sing Y N 107 
DG  N9    C4     sing Y N 108 
DG  C8    N7     doub Y N 109 
DG  C8    H8     sing N N 110 
DG  N7    C5     sing Y N 111 
DG  C5    C6     sing N N 112 
DG  C5    C4     doub Y N 113 
DG  C6    O6     doub N N 114 
DG  C6    N1     sing N N 115 
DG  N1    C2     sing N N 116 
DG  N1    H1     sing N N 117 
DG  C2    N2     sing N N 118 
DG  C2    N3     doub N N 119 
DG  N2    H21    sing N N 120 
DG  N2    H22    sing N N 121 
DG  N3    C4     sing N N 122 
DT  OP3   P      sing N N 123 
DT  OP3   HOP3   sing N N 124 
DT  P     OP1    doub N N 125 
DT  P     OP2    sing N N 126 
DT  P     "O5'"  sing N N 127 
DT  OP2   HOP2   sing N N 128 
DT  "O5'" "C5'"  sing N N 129 
DT  "C5'" "C4'"  sing N N 130 
DT  "C5'" "H5'"  sing N N 131 
DT  "C5'" "H5''" sing N N 132 
DT  "C4'" "O4'"  sing N N 133 
DT  "C4'" "C3'"  sing N N 134 
DT  "C4'" "H4'"  sing N N 135 
DT  "O4'" "C1'"  sing N N 136 
DT  "C3'" "O3'"  sing N N 137 
DT  "C3'" "C2'"  sing N N 138 
DT  "C3'" "H3'"  sing N N 139 
DT  "O3'" "HO3'" sing N N 140 
DT  "C2'" "C1'"  sing N N 141 
DT  "C2'" "H2'"  sing N N 142 
DT  "C2'" "H2''" sing N N 143 
DT  "C1'" N1     sing N N 144 
DT  "C1'" "H1'"  sing N N 145 
DT  N1    C2     sing N N 146 
DT  N1    C6     sing N N 147 
DT  C2    O2     doub N N 148 
DT  C2    N3     sing N N 149 
DT  N3    C4     sing N N 150 
DT  N3    H3     sing N N 151 
DT  C4    O4     doub N N 152 
DT  C4    C5     sing N N 153 
DT  C5    C7     sing N N 154 
DT  C5    C6     doub N N 155 
DT  C7    H71    sing N N 156 
DT  C7    H72    sing N N 157 
DT  C7    H73    sing N N 158 
DT  C6    H6     sing N N 159 
# 
loop_
_ndb_struct_conf_na.entry_id 
_ndb_struct_conf_na.feature 
6XGJ 'double helix'        
6XGJ 'a-form double helix' 
6XGJ 'b-form double helix' 
# 
loop_
_ndb_struct_na_base_pair.model_number 
_ndb_struct_na_base_pair.i_label_asym_id 
_ndb_struct_na_base_pair.i_label_comp_id 
_ndb_struct_na_base_pair.i_label_seq_id 
_ndb_struct_na_base_pair.i_symmetry 
_ndb_struct_na_base_pair.j_label_asym_id 
_ndb_struct_na_base_pair.j_label_comp_id 
_ndb_struct_na_base_pair.j_label_seq_id 
_ndb_struct_na_base_pair.j_symmetry 
_ndb_struct_na_base_pair.shear 
_ndb_struct_na_base_pair.stretch 
_ndb_struct_na_base_pair.stagger 
_ndb_struct_na_base_pair.buckle 
_ndb_struct_na_base_pair.propeller 
_ndb_struct_na_base_pair.opening 
_ndb_struct_na_base_pair.pair_number 
_ndb_struct_na_base_pair.pair_name 
_ndb_struct_na_base_pair.i_auth_asym_id 
_ndb_struct_na_base_pair.i_auth_seq_id 
_ndb_struct_na_base_pair.i_PDB_ins_code 
_ndb_struct_na_base_pair.j_auth_asym_id 
_ndb_struct_na_base_pair.j_auth_seq_id 
_ndb_struct_na_base_pair.j_PDB_ins_code 
_ndb_struct_na_base_pair.hbond_type_28 
_ndb_struct_na_base_pair.hbond_type_12 
1 A DG 3  1_555 D DC 16 1_555 1.377  0.127  0.126  -6.351 -9.377  -10.389 1  A_DG3:DC16_D A 3  ? D 16 ? 19 1 
1 A DC 4  1_555 D DG 15 1_555 0.365  -0.072 0.177  -2.511 -6.738  -0.603  2  A_DC4:DG15_D A 4  ? D 15 ? 19 1 
1 A DA 5  1_555 D DT 14 1_555 -0.311 0.361  0.699  -4.130 -7.331  0.162   3  A_DA5:DT14_D A 5  ? D 14 ? 20 1 
1 A DG 6  1_555 D DC 13 1_555 0.183  0.015  0.425  3.378  -7.140  0.221   4  A_DG6:DC13_D A 6  ? D 13 ? 19 1 
1 A DA 7  1_555 D DT 12 1_555 0.239  0.262  0.289  1.391  -3.486  -13.045 5  A_DA7:DT12_D A 7  ? D 12 ? 20 1 
1 A DC 8  1_555 D DG 11 1_555 -0.670 0.037  0.173  6.969  -11.146 3.389   6  A_DC8:DG11_D A 8  ? D 11 ? 19 1 
1 A DT 9  1_555 D DA 10 1_555 -1.759 0.081  -0.140 0.390  -9.697  -2.084  7  A_DT9:DA10_D A 9  ? D 10 ? 20 1 
1 A DA 10 1_555 C DT 2  1_555 0.042  0.333  -0.136 -8.632 -4.756  8.320   8  A_DA10:DT2_C A 10 ? C 2  ? 20 1 
1 A DG 11 1_555 C DC 1  1_555 -0.136 -0.462 0.121  5.733  -2.509  2.497   9  A_DG11:DC1_C A 11 ? C 1  ? 19 1 
1 B DA 1  1_555 C DT 5  1_555 0.448  -0.084 0.119  -7.442 -19.801 8.925   10 B_DA12:DT5_C B 12 ? C 5  ? 20 1 
1 B DC 2  1_555 C DG 4  1_555 0.297  -0.244 0.347  -8.346 -12.816 -9.561  11 B_DC13:DG4_C B 13 ? C 4  ? 19 1 
1 B DA 3  1_555 C DT 3  1_555 0.544  0.270  0.436  3.348  -6.640  -6.324  12 B_DA14:DT3_C B 14 ? C 3  ? 20 1 
1 B DC 4  1_555 D DG 9  1_555 0.641  0.145  0.059  1.609  -10.397 -0.879  13 B_DC15:DG9_D B 15 ? D 9  ? 19 1 
1 B DC 5  1_555 D DG 8  1_555 0.887  -0.035 1.231  0.135  -16.612 7.435   14 B_DC16:DG8_D B 16 ? D 8  ? 19 1 
1 B DA 6  1_555 D DT 7  1_555 0.297  0.184  0.794  -5.681 -9.863  -3.188  15 B_DA17:DT7_D B 17 ? D 7  ? 20 1 
1 B DC 7  1_555 D DG 6  1_555 -0.776 -0.025 0.534  -3.976 -6.391  -2.548  16 B_DC18:DG6_D B 18 ? D 6  ? 19 1 
1 B DT 8  1_555 D DA 5  1_555 -0.196 0.623  -0.820 10.902 -17.348 3.291   17 B_DT19:DA5_D B 19 ? D 5  ? 20 1 
1 B DC 9  1_555 D DG 4  1_555 -0.124 0.282  -0.035 7.431  -18.271 7.321   18 B_DC20:DG4_D B 20 ? D 4  ? 19 1 
1 B DA 10 1_555 D DT 3  1_555 0.982  0.039  -0.017 -7.257 -24.411 2.035   19 B_DA21:DT3_D B 21 ? D 3  ? 20 1 
# 
loop_
_ndb_struct_na_base_pair_step.model_number 
_ndb_struct_na_base_pair_step.i_label_asym_id_1 
_ndb_struct_na_base_pair_step.i_label_comp_id_1 
_ndb_struct_na_base_pair_step.i_label_seq_id_1 
_ndb_struct_na_base_pair_step.i_symmetry_1 
_ndb_struct_na_base_pair_step.j_label_asym_id_1 
_ndb_struct_na_base_pair_step.j_label_comp_id_1 
_ndb_struct_na_base_pair_step.j_label_seq_id_1 
_ndb_struct_na_base_pair_step.j_symmetry_1 
_ndb_struct_na_base_pair_step.i_label_asym_id_2 
_ndb_struct_na_base_pair_step.i_label_comp_id_2 
_ndb_struct_na_base_pair_step.i_label_seq_id_2 
_ndb_struct_na_base_pair_step.i_symmetry_2 
_ndb_struct_na_base_pair_step.j_label_asym_id_2 
_ndb_struct_na_base_pair_step.j_label_comp_id_2 
_ndb_struct_na_base_pair_step.j_label_seq_id_2 
_ndb_struct_na_base_pair_step.j_symmetry_2 
_ndb_struct_na_base_pair_step.shift 
_ndb_struct_na_base_pair_step.slide 
_ndb_struct_na_base_pair_step.rise 
_ndb_struct_na_base_pair_step.tilt 
_ndb_struct_na_base_pair_step.roll 
_ndb_struct_na_base_pair_step.twist 
_ndb_struct_na_base_pair_step.x_displacement 
_ndb_struct_na_base_pair_step.y_displacement 
_ndb_struct_na_base_pair_step.helical_rise 
_ndb_struct_na_base_pair_step.inclination 
_ndb_struct_na_base_pair_step.tip 
_ndb_struct_na_base_pair_step.helical_twist 
_ndb_struct_na_base_pair_step.step_number 
_ndb_struct_na_base_pair_step.step_name 
_ndb_struct_na_base_pair_step.i_auth_asym_id_1 
_ndb_struct_na_base_pair_step.i_auth_seq_id_1 
_ndb_struct_na_base_pair_step.i_PDB_ins_code_1 
_ndb_struct_na_base_pair_step.j_auth_asym_id_1 
_ndb_struct_na_base_pair_step.j_auth_seq_id_1 
_ndb_struct_na_base_pair_step.j_PDB_ins_code_1 
_ndb_struct_na_base_pair_step.i_auth_asym_id_2 
_ndb_struct_na_base_pair_step.i_auth_seq_id_2 
_ndb_struct_na_base_pair_step.i_PDB_ins_code_2 
_ndb_struct_na_base_pair_step.j_auth_asym_id_2 
_ndb_struct_na_base_pair_step.j_auth_seq_id_2 
_ndb_struct_na_base_pair_step.j_PDB_ins_code_2 
1 A DG 3  1_555 D DC 16 1_555 A DC 4  1_555 D DG 15 1_555 0.931  -0.542 3.060 5.010  2.346  29.374 -1.516 -0.814 3.120 4.574   
-9.771  29.879 1  AA_DG3DC4:DG15DC16_DD A 3  ? D 16 ? A 4  ? D 15 ? 
1 A DC 4  1_555 D DG 15 1_555 A DA 5  1_555 D DT 14 1_555 0.024  1.528  3.539 -1.960 2.077  34.661 2.209  -0.367 3.615 3.479   
3.283   34.775 2  AA_DC4DA5:DT14DG15_DD A 4  ? D 15 ? A 5  ? D 14 ? 
1 A DA 5  1_555 D DT 14 1_555 A DG 6  1_555 D DC 13 1_555 -0.095 -0.660 3.204 -1.585 2.728  35.737 -1.451 -0.066 3.148 4.434   
2.576   35.871 3  AA_DA5DG6:DC13DT14_DD A 5  ? D 14 ? A 6  ? D 13 ? 
1 A DG 6  1_555 D DC 13 1_555 A DA 7  1_555 D DT 12 1_555 -0.645 -0.893 3.269 0.500  3.439  36.558 -1.880 1.092  3.166 5.466   
-0.796  36.717 4  AA_DG6DA7:DT12DC13_DD A 6  ? D 13 ? A 7  ? D 12 ? 
1 A DA 7  1_555 D DT 12 1_555 A DC 8  1_555 D DG 11 1_555 1.099  -1.203 3.167 -1.524 3.080  28.330 -3.100 -2.556 2.960 6.263   
3.100   28.533 5  AA_DA7DC8:DG11DT12_DD A 7  ? D 12 ? A 8  ? D 11 ? 
1 A DC 8  1_555 D DG 11 1_555 A DT 9  1_555 D DA 10 1_555 -0.299 -1.323 3.608 -1.944 -7.048 27.774 -0.833 0.096  3.832 -14.370 
3.963   28.702 6  AA_DC8DT9:DA10DG11_DD A 8  ? D 11 ? A 9  ? D 10 ? 
1 A DT 9  1_555 D DA 10 1_555 A DA 10 1_555 C DT 2  1_555 -0.276 -1.174 3.412 -0.192 8.339  38.010 -2.784 0.391  3.097 12.618  
0.290   38.882 7  AA_DT9DA10:DT2DA10_CD A 9  ? D 10 ? A 10 ? C 2  ? 
1 A DA 10 1_555 C DT 2  1_555 A DG 11 1_555 C DC 1  1_555 -0.386 0.556  3.043 -3.121 5.546  28.738 -0.037 0.122  3.116 11.005  
6.192   29.420 8  AA_DA10DG11:DC1DT2_CC A 10 ? C 2  ? A 11 ? C 1  ? 
1 B DA 1  1_555 C DT 5  1_555 B DC 2  1_555 C DG 4  1_555 0.229  -1.213 3.281 -3.070 -4.335 34.367 -1.354 -0.863 3.372 -7.282  
5.157   34.763 9  BB_DA12DC13:DG4DT5_CC B 12 ? C 5  ? B 13 ? C 4  ? 
1 B DC 2  1_555 C DG 4  1_555 B DA 3  1_555 C DT 3  1_555 -0.497 -0.620 2.809 -1.345 3.854  39.673 -1.288 0.596  2.754 5.661   
1.975   39.874 10 BB_DC13DA14:DT3DG4_CC B 13 ? C 4  ? B 14 ? C 3  ? 
1 B DA 3  1_555 C DT 3  1_555 B DC 4  1_555 D DG 9  1_555 -0.641 -1.538 3.254 3.523  -1.627 25.394 -3.003 2.431  3.227 -3.674  
-7.955  25.684 11 BB_DA14DC15:DG9DT3_DC B 14 ? C 3  ? B 15 ? D 9  ? 
1 B DC 4  1_555 D DG 9  1_555 B DC 5  1_555 D DG 8  1_555 0.541  0.394  3.570 -2.148 4.836  31.657 -0.239 -1.402 3.546 8.789   
3.904   32.085 12 BB_DC15DC16:DG8DG9_DD B 15 ? D 9  ? B 16 ? D 8  ? 
1 B DC 5  1_555 D DG 8  1_555 B DA 6  1_555 D DT 7  1_555 -0.400 1.524  3.549 0.033  -0.545 41.976 2.189  0.562  3.530 -0.760  
-0.046  41.979 13 BB_DC16DA17:DT7DG8_DD B 16 ? D 8  ? B 17 ? D 7  ? 
1 B DA 6  1_555 D DT 7  1_555 B DC 7  1_555 D DG 6  1_555 0.010  -0.933 3.179 -1.460 3.236  26.382 -2.838 -0.388 3.040 7.051   
3.180   26.615 14 BB_DA17DC18:DG6DT7_DD B 17 ? D 7  ? B 18 ? D 6  ? 
1 B DC 7  1_555 D DG 6  1_555 B DT 8  1_555 D DA 5  1_555 -0.255 -0.446 2.885 8.830  -1.185 37.804 -0.544 1.329  2.771 -1.799  
-13.401 38.802 15 BB_DC18DT19:DA5DG6_DD B 18 ? D 6  ? B 19 ? D 5  ? 
1 B DT 8  1_555 D DA 5  1_555 B DC 9  1_555 D DG 4  1_555 1.405  1.209  3.441 1.236  0.622  34.451 1.937  -2.167 3.508 1.049   
-2.086  34.478 16 BB_DT19DC20:DG4DA5_DD B 19 ? D 5  ? B 20 ? D 4  ? 
1 B DC 9  1_555 D DG 4  1_555 B DA 10 1_555 D DT 3  1_555 -0.371 1.890  3.960 1.073  1.501  44.763 2.314  0.605  4.009 1.970   
-1.408  44.799 17 BB_DC20DA21:DT3DG4_DD B 20 ? D 4  ? B 21 ? D 3  ? 
# 
loop_
_pdbx_audit_support.funding_organization 
_pdbx_audit_support.country 
_pdbx_audit_support.grant_number 
_pdbx_audit_support.ordinal 
'National Science Foundation (NSF, United States)'                                         'United States' 1360635     1 
'National Institutes of Health/National Institute of General Medical Sciences (NIH/NIGMS)' 'United States' R01GM104960 2 
'National Science Foundation (NSF, United States)'                                         'United States' NSF2004250  3 
# 
_pdbx_entity_nonpoly.entity_id   5 
_pdbx_entity_nonpoly.name        'CACODYLATE ION' 
_pdbx_entity_nonpoly.comp_id     CAC 
# 
_pdbx_initial_refinement_model.id               1 
_pdbx_initial_refinement_model.entity_id_list   ? 
_pdbx_initial_refinement_model.type             'experimental model' 
_pdbx_initial_refinement_model.source_name      PDB 
_pdbx_initial_refinement_model.accession_code   6X8C 
_pdbx_initial_refinement_model.details          ? 
# 
_pdbx_struct_assembly_auth_evidence.id                     1 
_pdbx_struct_assembly_auth_evidence.assembly_id            1 
_pdbx_struct_assembly_auth_evidence.experimental_support   none 
_pdbx_struct_assembly_auth_evidence.details                ? 
# 
